data_4WA6
#
_entry.id   4WA6
#
_cell.length_a   81.076
_cell.length_b   68.004
_cell.length_c   137.858
_cell.angle_alpha   90.00
_cell.angle_beta   106.75
_cell.angle_gamma   90.00
#
_symmetry.space_group_name_H-M   'P 1 21 1'
#
loop_
_entity.id
_entity.type
_entity.pdbx_description
1 polymer 'Ubiquitin carboxyl-terminal hydrolase 8'
2 polymer 'Transcription and mRNA export factor SUS1'
3 polymer 'SAGA-associated factor 11'
4 polymer 'SAGA-associated factor 73'
5 non-polymer 'ZINC ION'
6 water water
#
loop_
_entity_poly.entity_id
_entity_poly.type
_entity_poly.pdbx_seq_one_letter_code
_entity_poly.pdbx_strand_id
1 'polypeptide(L)'
;GAAAAMSICPHIQQVFQNEKSKDGVLKTCNAARYILNHSVPKEKFLNTMKCGTCHEINSGATFMCLQCGFCGCWNHSHFL
SHSKQIGHIFGINSNNGLLFCFKCEDYIGNIDLINDAILAKYWDDVCTKTMVPSMERRDGLSGLINMGSTCFMSSILQCL
IHNPYFIRHSMSQIHSNNCKVRSPDKCFSCALDKIVHELYGALNTKQASSSSTSTNRQTGFIYLLTCAWKINQNLAGYSQ
QDAHEFWQFIINQIHQSYVLDLPNAKEVSRANNKQCECIVHTVFEGSLESSIVCPGCQNNSKTTIDPFLDLSLDIKDKKK
LYECLDSFHKKEQLKDFNYHCGECNSTQDAIKQLGIHKLPSVLVLQLKRFEHLLNGSNRKLDDFIEFPTYLNMKNYCSTK
EKDKHSENGKVPDIIYELIGIVSHKGTVNEGHYIAFCKISGGQWFKFNDSMVSSISQEEVLKEQAYLLFYTIRQVN
;
A,D
2 'polypeptide(L)'
;MTMDTAQLKSQIQQYLVESGNYELISNELKARLLQEGWVDKVKDLTKSEMNINESTNFTQILSTVEPKALEMVSDSTRET
VLKQIREFLEEIVDTQ
;
B,F
3 'polypeptide(L)'
;MTEETITIDSISNGILNNLLTTLIQDIVARETTQQQLLKTRYPDLRSYYFDPNGSLDINGLQKQQESSQYIHCENCGRDV
SANRLAAHLQRCLSRGARR
;
C,G
4 'polypeptide(L)'
;MRSGDAEIKGIKPKVIEEYSLSQGSGPSNDSWKSLMSSAKDTPLQYDHMNRESLKKYFDPNAQLIEDPLDKPIQYRVCEK
CGKPLALTAIVDHLEN
;
E,H
#
loop_
_chem_comp.id
_chem_comp.type
_chem_comp.name
_chem_comp.formula
ZN non-polymer 'ZINC ION' 'Zn 2'
#
# COMPACT_ATOMS: atom_id res chain seq x y z
N MET A 6 20.66 14.04 -2.38
CA MET A 6 20.38 12.73 -1.69
C MET A 6 20.63 12.79 -0.17
N SER A 7 19.67 12.28 0.58
CA SER A 7 19.70 12.35 2.02
C SER A 7 20.29 11.05 2.51
N ILE A 8 20.96 11.11 3.66
CA ILE A 8 21.29 9.96 4.45
C ILE A 8 20.21 9.85 5.50
N CYS A 9 19.90 8.66 5.96
CA CYS A 9 18.83 8.51 6.95
C CYS A 9 19.28 9.24 8.21
N PRO A 10 18.40 10.07 8.78
CA PRO A 10 18.76 10.80 10.00
C PRO A 10 18.57 10.02 11.32
N HIS A 11 17.84 8.92 11.25
CA HIS A 11 17.57 8.12 12.42
C HIS A 11 18.80 7.38 12.80
N ILE A 12 19.43 6.80 11.79
CA ILE A 12 20.67 6.10 11.99
C ILE A 12 21.83 7.03 12.28
N GLN A 13 21.86 8.22 11.67
CA GLN A 13 22.82 9.29 12.08
C GLN A 13 22.73 9.63 13.55
N GLN A 14 21.51 9.70 14.07
CA GLN A 14 21.27 9.97 15.50
C GLN A 14 21.91 8.92 16.39
N VAL A 15 21.67 7.67 16.03
CA VAL A 15 22.12 6.49 16.76
C VAL A 15 23.64 6.46 16.71
N PHE A 16 24.20 6.90 15.59
CA PHE A 16 25.63 6.93 15.41
C PHE A 16 26.35 8.05 16.15
N GLN A 17 25.61 9.01 16.73
CA GLN A 17 26.23 10.05 17.59
C GLN A 17 26.66 9.49 18.92
N ASN A 18 26.06 8.37 19.32
CA ASN A 18 26.48 7.61 20.49
C ASN A 18 27.53 6.59 20.06
N GLU A 19 28.55 6.39 20.87
CA GLU A 19 29.70 5.59 20.44
C GLU A 19 29.48 4.12 20.72
N LYS A 20 28.87 3.79 21.86
CA LYS A 20 28.39 2.42 22.14
C LYS A 20 27.36 1.93 21.10
N SER A 21 26.38 2.77 20.79
CA SER A 21 25.24 2.38 19.96
C SER A 21 25.70 2.07 18.55
N LYS A 22 26.64 2.86 18.05
CA LYS A 22 27.19 2.69 16.71
C LYS A 22 27.84 1.32 16.63
N ASP A 23 28.71 1.07 17.62
CA ASP A 23 29.39 -0.20 17.80
C ASP A 23 28.42 -1.37 17.89
N GLY A 24 27.35 -1.20 18.67
CA GLY A 24 26.29 -2.23 18.75
C GLY A 24 25.61 -2.52 17.41
N VAL A 25 25.27 -1.48 16.67
CA VAL A 25 24.62 -1.65 15.36
C VAL A 25 25.50 -2.43 14.38
N LEU A 26 26.80 -2.14 14.36
CA LEU A 26 27.69 -2.84 13.46
C LEU A 26 27.98 -4.30 13.84
N LYS A 27 28.08 -4.59 15.11
CA LYS A 27 28.24 -5.99 15.53
C LYS A 27 27.02 -6.76 15.10
N THR A 28 25.86 -6.18 15.35
CA THR A 28 24.60 -6.81 14.95
C THR A 28 24.48 -6.95 13.46
N CYS A 29 24.88 -5.94 12.69
CA CYS A 29 24.84 -6.06 11.23
C CYS A 29 25.79 -7.16 10.72
N ASN A 30 26.99 -7.27 11.27
CA ASN A 30 27.93 -8.32 10.83
C ASN A 30 27.47 -9.71 11.21
N ALA A 31 26.92 -9.84 12.41
CA ALA A 31 26.41 -11.13 12.86
C ALA A 31 25.20 -11.56 12.05
N ALA A 32 24.28 -10.65 11.80
CA ALA A 32 23.12 -11.00 10.99
C ALA A 32 23.61 -11.56 9.66
N ARG A 33 24.46 -10.79 8.98
CA ARG A 33 25.03 -11.16 7.68
C ARG A 33 25.82 -12.47 7.72
N TYR A 34 26.58 -12.68 8.78
CA TYR A 34 27.25 -13.94 8.95
C TYR A 34 26.24 -15.06 9.09
N ILE A 35 25.24 -14.87 9.96
CA ILE A 35 24.22 -15.90 10.08
C ILE A 35 23.54 -16.23 8.75
N LEU A 36 23.29 -15.22 7.92
CA LEU A 36 22.60 -15.46 6.66
CA LEU A 36 22.62 -15.42 6.63
C LEU A 36 23.50 -16.24 5.71
N ASN A 37 24.81 -16.01 5.79
CA ASN A 37 25.69 -16.83 4.96
C ASN A 37 25.99 -18.25 5.45
N HIS A 38 25.54 -18.60 6.65
CA HIS A 38 25.94 -19.82 7.29
C HIS A 38 24.76 -20.49 7.99
N SER A 39 23.67 -20.64 7.29
CA SER A 39 22.52 -21.33 7.81
C SER A 39 22.04 -22.20 6.68
N VAL A 40 22.00 -23.48 6.89
CA VAL A 40 21.40 -24.38 5.92
C VAL A 40 19.98 -23.91 5.59
N PRO A 41 19.55 -24.09 4.33
CA PRO A 41 18.29 -23.53 3.81
C PRO A 41 17.09 -23.65 4.78
N LYS A 42 16.93 -24.81 5.40
CA LYS A 42 15.79 -25.03 6.28
C LYS A 42 15.84 -24.11 7.47
N GLU A 43 16.98 -24.01 8.12
CA GLU A 43 17.09 -23.21 9.34
C GLU A 43 16.88 -21.73 9.02
N LYS A 44 17.33 -21.37 7.84
CA LYS A 44 17.14 -20.04 7.32
C LYS A 44 15.67 -19.74 7.06
N PHE A 45 14.98 -20.62 6.35
CA PHE A 45 13.56 -20.44 6.18
C PHE A 45 12.86 -20.29 7.53
N LEU A 46 13.18 -21.16 8.48
CA LEU A 46 12.42 -21.21 9.69
C LEU A 46 12.82 -20.22 10.73
N ASN A 47 14.07 -19.75 10.71
CA ASN A 47 14.53 -18.86 11.76
C ASN A 47 14.86 -17.44 11.31
N THR A 48 15.00 -17.22 10.00
CA THR A 48 15.20 -15.85 9.50
C THR A 48 14.19 -15.47 8.45
N MET A 49 13.33 -16.38 8.05
CA MET A 49 12.34 -16.04 7.03
C MET A 49 10.94 -16.28 7.49
N LYS A 50 10.77 -16.37 8.80
CA LYS A 50 9.48 -16.61 9.36
C LYS A 50 9.06 -15.44 10.22
N CYS A 51 7.87 -14.90 9.95
CA CYS A 51 7.38 -13.80 10.70
C CYS A 51 6.99 -14.17 12.12
N GLY A 52 7.51 -13.44 13.09
CA GLY A 52 7.11 -13.64 14.47
C GLY A 52 5.65 -13.30 14.77
N THR A 53 4.97 -12.55 13.93
CA THR A 53 3.62 -12.19 14.23
C THR A 53 2.70 -13.20 13.54
N CYS A 54 2.85 -13.45 12.25
CA CYS A 54 1.87 -14.32 11.55
C CYS A 54 2.42 -15.70 11.33
N HIS A 55 3.70 -15.90 11.55
CA HIS A 55 4.37 -17.20 11.38
C HIS A 55 4.41 -17.76 9.95
N GLU A 56 4.10 -16.96 8.95
CA GLU A 56 4.28 -17.40 7.57
C GLU A 56 5.74 -17.30 7.18
N ILE A 57 6.17 -18.23 6.33
CA ILE A 57 7.45 -18.18 5.68
C ILE A 57 7.41 -17.31 4.41
N ASN A 58 8.38 -16.42 4.23
CA ASN A 58 8.47 -15.55 3.06
C ASN A 58 7.20 -14.76 2.77
N SER A 59 6.66 -14.05 3.77
CA SER A 59 5.49 -13.10 3.57
C SER A 59 6.06 -11.76 3.09
N GLY A 60 6.56 -11.83 1.86
CA GLY A 60 7.47 -10.86 1.37
C GLY A 60 8.76 -11.02 2.14
N ALA A 61 9.61 -9.99 1.99
CA ALA A 61 10.83 -9.93 2.72
C ALA A 61 10.55 -10.03 4.24
N THR A 62 11.40 -10.78 4.96
CA THR A 62 11.37 -10.84 6.45
C THR A 62 12.56 -10.09 6.95
N PHE A 63 12.36 -9.29 7.98
CA PHE A 63 13.40 -8.39 8.47
C PHE A 63 13.77 -8.78 9.88
N MET A 64 15.06 -8.97 10.11
CA MET A 64 15.58 -9.41 11.42
C MET A 64 15.89 -8.16 12.23
N CYS A 65 15.25 -7.97 13.38
CA CYS A 65 15.36 -6.69 14.07
C CYS A 65 16.81 -6.47 14.54
N LEU A 66 17.23 -5.21 14.50
CA LEU A 66 18.56 -4.84 14.89
C LEU A 66 18.70 -4.81 16.43
N GLN A 67 17.65 -4.42 17.13
CA GLN A 67 17.71 -4.39 18.57
C GLN A 67 17.11 -5.57 19.34
N CYS A 68 16.52 -6.56 18.68
CA CYS A 68 16.01 -7.71 19.42
C CYS A 68 15.94 -8.93 18.48
N GLY A 69 15.55 -10.09 18.99
CA GLY A 69 15.57 -11.26 18.16
C GLY A 69 14.40 -11.43 17.18
N PHE A 70 13.40 -10.55 17.23
CA PHE A 70 12.22 -10.66 16.39
C PHE A 70 12.54 -10.50 14.90
N CYS A 71 11.79 -11.27 14.10
CA CYS A 71 11.79 -11.19 12.66
C CYS A 71 10.40 -10.88 12.24
N GLY A 72 10.21 -9.90 11.37
CA GLY A 72 8.87 -9.47 10.97
C GLY A 72 8.74 -9.34 9.45
N CYS A 73 7.58 -9.69 8.91
CA CYS A 73 7.41 -9.70 7.46
C CYS A 73 7.07 -8.32 6.86
N TRP A 74 7.16 -8.23 5.56
CA TRP A 74 6.75 -7.07 4.82
C TRP A 74 5.26 -7.09 4.49
N ASN A 75 4.81 -8.15 3.84
CA ASN A 75 3.48 -8.16 3.27
C ASN A 75 2.32 -7.79 4.22
N HIS A 76 2.41 -8.10 5.50
CA HIS A 76 1.35 -7.75 6.43
C HIS A 76 1.81 -6.65 7.38
N SER A 77 2.87 -5.93 7.02
CA SER A 77 3.35 -4.76 7.78
C SER A 77 3.71 -5.11 9.27
N HIS A 78 4.14 -6.34 9.47
CA HIS A 78 4.40 -6.80 10.81
C HIS A 78 5.72 -6.26 11.35
N PHE A 79 6.81 -6.18 10.56
CA PHE A 79 7.96 -5.45 11.09
C PHE A 79 7.59 -3.99 11.36
N LEU A 80 6.83 -3.39 10.45
CA LEU A 80 6.32 -2.06 10.63
C LEU A 80 5.61 -1.87 11.98
N SER A 81 4.69 -2.76 12.30
CA SER A 81 4.02 -2.71 13.61
C SER A 81 5.01 -2.82 14.73
N HIS A 82 5.97 -3.71 14.62
CA HIS A 82 7.01 -3.82 15.65
C HIS A 82 7.73 -2.50 15.92
N SER A 83 8.06 -1.80 14.84
CA SER A 83 8.77 -0.50 14.94
C SER A 83 7.95 0.57 15.66
N LYS A 84 6.67 0.60 15.34
CA LYS A 84 5.72 1.48 16.01
C LYS A 84 5.37 1.05 17.42
N GLN A 85 5.12 -0.23 17.63
CA GLN A 85 4.71 -0.67 18.97
C GLN A 85 5.87 -0.69 19.94
N ILE A 86 7.05 -1.08 19.48
CA ILE A 86 8.17 -1.30 20.40
C ILE A 86 9.30 -0.25 20.25
N GLY A 87 9.27 0.52 19.17
CA GLY A 87 10.27 1.58 18.96
C GLY A 87 11.52 1.09 18.25
N HIS A 88 11.47 -0.04 17.56
CA HIS A 88 12.64 -0.59 16.88
C HIS A 88 12.48 -0.43 15.39
N ILE A 89 13.20 0.54 14.82
CA ILE A 89 12.90 1.00 13.48
C ILE A 89 13.88 0.50 12.43
N PHE A 90 14.77 -0.41 12.81
CA PHE A 90 15.73 -1.01 11.88
C PHE A 90 15.74 -2.53 11.90
N GLY A 91 15.70 -3.11 10.69
CA GLY A 91 15.78 -4.52 10.51
C GLY A 91 16.54 -4.81 9.26
N ILE A 92 17.12 -6.01 9.21
CA ILE A 92 17.95 -6.49 8.12
C ILE A 92 17.14 -7.45 7.28
N ASN A 93 17.11 -7.21 5.98
CA ASN A 93 16.43 -8.05 5.09
C ASN A 93 17.21 -9.36 4.98
N SER A 94 16.55 -10.48 5.30
CA SER A 94 17.22 -11.79 5.40
C SER A 94 17.53 -12.49 4.05
N ASN A 95 17.01 -11.96 2.95
CA ASN A 95 17.43 -12.39 1.61
C ASN A 95 18.70 -11.72 1.17
N ASN A 96 19.01 -10.56 1.71
CA ASN A 96 20.13 -9.84 1.14
C ASN A 96 20.98 -9.04 2.09
N GLY A 97 20.76 -9.07 3.40
CA GLY A 97 21.66 -8.42 4.34
C GLY A 97 21.53 -6.91 4.37
N LEU A 98 20.59 -6.37 3.59
CA LEU A 98 20.40 -4.92 3.57
C LEU A 98 19.60 -4.40 4.77
N LEU A 99 20.06 -3.31 5.31
CA LEU A 99 19.45 -2.60 6.43
C LEU A 99 18.29 -1.61 6.07
N PHE A 100 17.11 -1.82 6.68
CA PHE A 100 15.94 -0.99 6.42
C PHE A 100 15.49 -0.12 7.59
N CYS A 101 15.21 1.15 7.30
CA CYS A 101 14.70 2.07 8.28
C CYS A 101 13.22 2.21 8.07
N PHE A 102 12.46 1.87 9.08
CA PHE A 102 11.01 1.87 8.92
C PHE A 102 10.38 3.24 9.19
N LYS A 103 11.19 4.23 9.53
CA LYS A 103 10.73 5.62 9.59
C LYS A 103 10.91 6.24 8.23
N CYS A 104 12.12 6.19 7.66
CA CYS A 104 12.32 6.58 6.25
C CYS A 104 11.54 5.70 5.23
N GLU A 105 11.11 4.49 5.60
CA GLU A 105 10.49 3.58 4.63
C GLU A 105 11.43 3.34 3.42
N ASP A 106 12.69 3.08 3.75
CA ASP A 106 13.71 2.90 2.77
C ASP A 106 14.89 2.15 3.35
N TYR A 107 15.69 1.60 2.46
CA TYR A 107 16.93 0.97 2.81
C TYR A 107 17.94 2.06 3.03
N ILE A 108 18.78 1.86 4.02
CA ILE A 108 19.99 2.62 4.20
C ILE A 108 21.10 2.00 3.35
N GLY A 109 21.35 2.59 2.19
CA GLY A 109 22.24 1.98 1.21
C GLY A 109 23.52 2.73 0.98
N ASN A 110 23.60 3.93 1.52
CA ASN A 110 24.55 4.90 1.02
C ASN A 110 25.48 5.33 2.13
N ILE A 111 25.68 4.44 3.10
CA ILE A 111 26.58 4.71 4.20
C ILE A 111 27.67 3.64 4.17
N ASP A 112 28.84 4.04 3.67
CA ASP A 112 29.98 3.12 3.46
C ASP A 112 30.30 2.26 4.68
N LEU A 113 30.24 2.81 5.87
CA LEU A 113 30.54 2.03 7.06
C LEU A 113 29.54 0.89 7.24
N ILE A 114 28.26 1.11 6.96
CA ILE A 114 27.33 0.03 7.14
C ILE A 114 27.59 -1.00 6.02
N ASN A 115 27.79 -0.52 4.81
CA ASN A 115 28.15 -1.37 3.67
C ASN A 115 29.44 -2.10 3.94
N ASP A 116 30.41 -1.44 4.56
CA ASP A 116 31.70 -2.09 4.74
C ASP A 116 31.86 -2.45 6.20
N ALA A 117 30.79 -2.95 6.81
CA ALA A 117 30.73 -3.09 8.25
C ALA A 117 31.64 -4.16 8.85
N ILE A 118 32.19 -5.00 8.00
CA ILE A 118 33.17 -5.95 8.47
C ILE A 118 34.48 -5.30 8.84
N LEU A 119 34.72 -4.06 8.41
CA LEU A 119 35.90 -3.30 8.81
C LEU A 119 35.64 -2.31 9.93
N ALA A 120 34.53 -2.44 10.67
CA ALA A 120 34.20 -1.42 11.68
C ALA A 120 35.38 -1.05 12.59
N LYS A 121 36.01 -2.08 13.10
CA LYS A 121 37.12 -1.90 14.04
C LYS A 121 38.36 -1.23 13.47
N TYR A 122 38.37 -0.87 12.20
CA TYR A 122 39.55 -0.23 11.61
C TYR A 122 39.16 1.02 10.85
N TRP A 123 37.99 1.52 11.17
CA TRP A 123 37.32 2.42 10.26
C TRP A 123 38.05 3.76 10.05
N ASP A 124 38.61 4.36 11.11
CA ASP A 124 39.29 5.64 10.93
C ASP A 124 40.48 5.58 9.97
N ASP A 125 41.18 4.46 10.00
CA ASP A 125 42.29 4.23 9.11
C ASP A 125 41.85 4.03 7.70
N VAL A 126 40.80 3.21 7.52
CA VAL A 126 40.26 2.89 6.20
C VAL A 126 39.70 4.15 5.54
N CYS A 127 39.10 5.02 6.36
CA CYS A 127 38.61 6.31 5.91
C CYS A 127 39.63 7.28 5.38
N THR A 128 40.73 7.38 6.10
CA THR A 128 41.68 8.41 5.85
C THR A 128 42.72 7.93 4.83
N LYS A 129 42.90 6.62 4.71
CA LYS A 129 43.93 6.09 3.82
C LYS A 129 43.45 5.46 2.53
N THR A 130 42.15 5.16 2.43
CA THR A 130 41.58 4.70 1.17
C THR A 130 40.40 5.57 0.81
N MET A 131 40.08 5.60 -0.48
CA MET A 131 38.99 6.34 -1.01
C MET A 131 38.07 5.44 -1.86
N VAL A 132 36.84 5.90 -2.06
CA VAL A 132 35.91 5.21 -2.92
C VAL A 132 36.36 5.32 -4.37
N PRO A 133 35.93 4.41 -5.21
CA PRO A 133 36.35 4.53 -6.59
C PRO A 133 35.99 5.87 -7.21
N SER A 134 36.74 6.31 -8.18
CA SER A 134 36.36 7.48 -8.89
C SER A 134 35.25 7.05 -9.87
N MET A 135 34.32 7.95 -10.10
CA MET A 135 33.20 7.74 -11.02
C MET A 135 33.60 7.07 -12.34
N GLU A 136 34.78 7.41 -12.86
CA GLU A 136 35.23 6.97 -14.18
C GLU A 136 35.85 5.59 -14.16
N ARG A 137 36.37 5.17 -12.99
CA ARG A 137 37.06 3.86 -12.89
C ARG A 137 36.22 2.79 -12.23
N ARG A 138 35.01 3.13 -11.80
CA ARG A 138 34.34 2.26 -10.84
C ARG A 138 33.98 0.93 -11.48
N ASP A 139 33.84 0.86 -12.79
CA ASP A 139 33.51 -0.44 -13.43
C ASP A 139 34.69 -0.89 -14.28
N GLY A 140 35.84 -0.24 -14.11
CA GLY A 140 37.04 -0.61 -14.83
C GLY A 140 36.93 -0.49 -16.33
N LEU A 141 36.02 0.34 -16.82
CA LEU A 141 35.83 0.45 -18.27
C LEU A 141 36.85 1.34 -18.82
N SER A 142 37.41 0.95 -19.95
CA SER A 142 38.61 1.51 -20.49
C SER A 142 39.02 0.65 -21.69
N GLY A 143 39.46 1.29 -22.76
CA GLY A 143 39.91 0.60 -23.96
C GLY A 143 41.40 0.35 -23.98
N LEU A 144 41.81 -0.57 -24.85
CA LEU A 144 43.21 -0.90 -25.05
C LEU A 144 43.52 -0.68 -26.51
N ILE A 145 44.56 0.11 -26.79
CA ILE A 145 44.85 0.53 -28.15
C ILE A 145 45.53 -0.61 -28.86
N ASN A 146 45.19 -0.79 -30.13
CA ASN A 146 45.80 -1.83 -30.93
C ASN A 146 47.21 -1.36 -31.20
N MET A 147 48.17 -2.25 -30.95
CA MET A 147 49.54 -1.86 -30.97
C MET A 147 50.35 -2.59 -32.04
N GLY A 148 49.64 -3.07 -33.06
CA GLY A 148 50.22 -3.88 -34.12
C GLY A 148 49.59 -5.25 -34.10
N SER A 149 48.34 -5.32 -34.51
CA SER A 149 47.64 -6.57 -34.54
C SER A 149 47.58 -7.21 -33.14
N THR A 150 46.92 -6.52 -32.21
CA THR A 150 46.84 -7.05 -30.86
C THR A 150 45.44 -7.16 -30.27
N CYS A 151 44.42 -7.09 -31.12
CA CYS A 151 43.05 -7.25 -30.66
C CYS A 151 42.82 -8.74 -30.27
N PHE A 152 43.61 -9.66 -30.80
CA PHE A 152 43.49 -11.04 -30.35
C PHE A 152 43.86 -11.22 -28.88
N MET A 153 44.67 -10.31 -28.35
CA MET A 153 45.02 -10.31 -26.92
C MET A 153 44.11 -9.46 -26.06
N SER A 154 43.76 -8.28 -26.56
CA SER A 154 43.06 -7.29 -25.74
C SER A 154 41.62 -7.69 -25.57
N SER A 155 41.03 -8.28 -26.60
CA SER A 155 39.68 -8.82 -26.51
C SER A 155 39.56 -9.76 -25.30
N ILE A 156 40.49 -10.69 -25.18
CA ILE A 156 40.48 -11.66 -24.10
C ILE A 156 40.78 -10.97 -22.79
N LEU A 157 41.68 -10.02 -22.83
CA LEU A 157 41.99 -9.31 -21.63
C LEU A 157 40.78 -8.56 -21.06
N GLN A 158 39.99 -7.92 -21.93
CA GLN A 158 38.77 -7.26 -21.48
C GLN A 158 37.89 -8.25 -20.76
N CYS A 159 37.61 -9.39 -21.37
CA CYS A 159 36.80 -10.42 -20.70
C CYS A 159 37.41 -10.88 -19.41
N LEU A 160 38.71 -10.94 -19.34
CA LEU A 160 39.33 -11.37 -18.10
C LEU A 160 39.22 -10.31 -17.01
N ILE A 161 39.27 -9.03 -17.34
CA ILE A 161 39.32 -8.07 -16.24
C ILE A 161 37.91 -7.64 -15.87
N HIS A 162 36.92 -8.15 -16.61
CA HIS A 162 35.51 -8.05 -16.22
C HIS A 162 34.96 -9.38 -15.75
N ASN A 163 35.79 -10.41 -15.68
CA ASN A 163 35.42 -11.60 -14.95
C ASN A 163 35.40 -11.44 -13.40
N PRO A 164 34.26 -11.68 -12.76
CA PRO A 164 34.17 -11.54 -11.30
C PRO A 164 35.17 -12.34 -10.50
N TYR A 165 35.46 -13.56 -10.93
CA TYR A 165 36.43 -14.39 -10.24
C TYR A 165 37.85 -13.80 -10.29
N PHE A 166 38.21 -13.30 -11.45
CA PHE A 166 39.52 -12.77 -11.62
C PHE A 166 39.68 -11.41 -10.98
N ILE A 167 38.65 -10.57 -11.05
CA ILE A 167 38.79 -9.28 -10.44
C ILE A 167 38.95 -9.43 -8.90
N ARG A 168 38.13 -10.31 -8.29
CA ARG A 168 38.18 -10.57 -6.85
C ARG A 168 39.53 -11.12 -6.47
N HIS A 169 40.09 -11.92 -7.35
CA HIS A 169 41.38 -12.51 -7.07
C HIS A 169 42.49 -11.47 -7.10
N SER A 170 42.52 -10.68 -8.16
CA SER A 170 43.53 -9.68 -8.33
C SER A 170 43.43 -8.63 -7.22
N MET A 171 42.24 -8.08 -6.93
CA MET A 171 42.03 -7.05 -5.91
C MET A 171 42.18 -7.54 -4.47
N SER A 172 42.06 -8.86 -4.24
CA SER A 172 42.40 -9.46 -2.95
C SER A 172 43.92 -9.51 -2.70
N GLN A 173 44.72 -9.19 -3.71
CA GLN A 173 46.17 -9.11 -3.58
C GLN A 173 46.86 -10.44 -3.37
N ILE A 174 46.19 -11.54 -3.70
CA ILE A 174 46.75 -12.84 -3.43
C ILE A 174 47.97 -13.14 -4.29
N HIS A 175 47.97 -12.73 -5.54
CA HIS A 175 49.17 -12.87 -6.33
C HIS A 175 50.25 -11.87 -5.88
N SER A 176 49.84 -10.61 -5.74
CA SER A 176 50.77 -9.58 -5.27
C SER A 176 51.48 -9.97 -3.98
N ASN A 177 50.80 -10.64 -3.07
CA ASN A 177 51.42 -11.00 -1.81
C ASN A 177 52.37 -12.19 -1.92
N ASN A 178 52.30 -12.98 -2.98
CA ASN A 178 53.01 -14.26 -3.07
C ASN A 178 53.98 -14.38 -4.20
N CYS A 179 54.13 -13.32 -4.96
CA CYS A 179 54.91 -13.39 -6.18
C CYS A 179 56.38 -13.26 -5.91
N LYS A 180 57.17 -14.18 -6.47
CA LYS A 180 58.64 -14.15 -6.30
C LYS A 180 59.39 -13.33 -7.33
N VAL A 181 58.71 -12.89 -8.37
CA VAL A 181 59.30 -12.14 -9.42
C VAL A 181 59.07 -10.64 -9.13
N ARG A 182 57.87 -10.29 -8.71
CA ARG A 182 57.55 -8.89 -8.39
C ARG A 182 58.03 -7.91 -9.50
N SER A 183 57.91 -8.34 -10.75
CA SER A 183 58.15 -7.47 -11.90
C SER A 183 57.09 -7.72 -12.97
N PRO A 184 56.42 -6.65 -13.43
CA PRO A 184 55.43 -6.73 -14.50
C PRO A 184 56.05 -6.76 -15.90
N ASP A 185 57.38 -6.56 -15.99
CA ASP A 185 58.15 -6.86 -17.21
C ASP A 185 58.44 -8.33 -17.36
N LYS A 186 58.51 -9.04 -16.24
CA LYS A 186 58.87 -10.44 -16.30
C LYS A 186 57.64 -11.33 -16.00
N CYS A 187 56.76 -10.92 -15.09
CA CYS A 187 55.69 -11.80 -14.65
C CYS A 187 54.33 -11.40 -15.17
N PHE A 188 53.78 -12.20 -16.07
CA PHE A 188 52.43 -12.02 -16.57
C PHE A 188 51.34 -11.73 -15.51
N SER A 189 51.36 -12.46 -14.39
CA SER A 189 50.33 -12.20 -13.39
C SER A 189 50.54 -10.81 -12.81
N CYS A 190 51.78 -10.38 -12.69
CA CYS A 190 52.06 -9.03 -12.18
C CYS A 190 51.54 -8.05 -13.24
N ALA A 191 51.69 -8.37 -14.53
CA ALA A 191 51.23 -7.46 -15.58
C ALA A 191 49.70 -7.30 -15.56
N LEU A 192 49.02 -8.43 -15.33
CA LEU A 192 47.56 -8.43 -15.20
C LEU A 192 47.09 -7.55 -14.03
N ASP A 193 47.82 -7.59 -12.92
CA ASP A 193 47.54 -6.73 -11.77
C ASP A 193 47.71 -5.22 -12.07
N LYS A 194 48.67 -4.86 -12.92
CA LYS A 194 48.81 -3.46 -13.31
C LYS A 194 47.63 -3.04 -14.14
N ILE A 195 47.17 -3.96 -14.98
CA ILE A 195 46.02 -3.66 -15.82
C ILE A 195 44.82 -3.33 -14.92
N VAL A 196 44.60 -4.18 -13.93
CA VAL A 196 43.47 -4.06 -13.04
C VAL A 196 43.60 -2.76 -12.25
N HIS A 197 44.81 -2.55 -11.72
CA HIS A 197 45.22 -1.30 -11.05
C HIS A 197 44.89 -0.05 -11.90
N GLU A 198 45.37 -0.03 -13.14
CA GLU A 198 45.09 1.06 -14.10
C GLU A 198 43.59 1.33 -14.35
N LEU A 199 42.84 0.26 -14.55
CA LEU A 199 41.46 0.35 -14.94
C LEU A 199 40.53 0.65 -13.77
N TYR A 200 40.84 0.13 -12.59
CA TYR A 200 39.95 0.25 -11.46
C TYR A 200 40.39 1.23 -10.38
N GLY A 201 41.70 1.50 -10.26
CA GLY A 201 42.20 2.57 -9.34
C GLY A 201 42.97 3.64 -10.12
N ALA A 202 44.18 4.00 -9.67
CA ALA A 202 45.06 4.97 -10.38
C ALA A 202 46.55 4.59 -10.21
N LEU A 203 47.29 4.56 -11.31
CA LEU A 203 48.64 3.95 -11.38
C LEU A 203 49.79 4.95 -11.40
N ASN A 216 46.83 6.53 -22.98
CA ASN A 216 46.71 6.29 -21.53
C ASN A 216 45.92 5.06 -20.98
N ARG A 217 46.17 4.72 -19.71
CA ARG A 217 45.75 3.42 -19.10
C ARG A 217 46.13 2.16 -19.93
N GLN A 218 47.32 2.23 -20.52
CA GLN A 218 47.89 1.24 -21.40
C GLN A 218 49.16 0.60 -20.87
N THR A 219 49.60 0.96 -19.65
CA THR A 219 50.90 0.52 -19.09
C THR A 219 50.92 -0.97 -18.78
N GLY A 220 49.89 -1.49 -18.13
CA GLY A 220 49.80 -2.94 -17.82
C GLY A 220 49.83 -3.76 -19.08
N PHE A 221 49.10 -3.29 -20.09
CA PHE A 221 49.10 -3.90 -21.45
C PHE A 221 50.45 -3.91 -22.14
N ILE A 222 51.16 -2.80 -22.07
CA ILE A 222 52.53 -2.75 -22.57
C ILE A 222 53.42 -3.72 -21.83
N TYR A 223 53.30 -3.74 -20.51
CA TYR A 223 54.12 -4.65 -19.73
C TYR A 223 53.74 -6.05 -20.13
N LEU A 224 52.45 -6.28 -20.39
CA LEU A 224 52.04 -7.61 -20.81
C LEU A 224 52.78 -7.97 -22.07
N LEU A 225 52.75 -7.07 -23.04
CA LEU A 225 53.44 -7.35 -24.31
C LEU A 225 54.92 -7.56 -24.07
N THR A 226 55.46 -6.87 -23.09
CA THR A 226 56.87 -7.06 -22.75
C THR A 226 57.12 -8.47 -22.19
N CYS A 227 56.29 -8.92 -21.24
CA CYS A 227 56.32 -10.33 -20.80
C CYS A 227 56.26 -11.32 -21.95
N ALA A 228 55.52 -10.98 -23.00
CA ALA A 228 55.41 -11.80 -24.19
C ALA A 228 56.65 -11.78 -25.13
N TRP A 229 57.46 -10.73 -25.08
CA TRP A 229 58.69 -10.66 -25.89
C TRP A 229 59.66 -11.79 -25.53
N LYS A 230 59.61 -12.20 -24.26
CA LYS A 230 60.47 -13.26 -23.71
C LYS A 230 59.82 -14.65 -23.94
N ILE A 231 58.64 -14.64 -24.55
CA ILE A 231 57.99 -15.85 -25.06
C ILE A 231 57.52 -16.68 -23.88
N GLN A 241 47.26 -13.60 -33.53
CA GLN A 241 46.63 -14.53 -34.46
C GLN A 241 45.23 -14.99 -33.96
N ASP A 242 45.18 -16.08 -33.19
CA ASP A 242 43.91 -16.67 -32.71
C ASP A 242 43.67 -16.30 -31.25
N ALA A 243 42.54 -15.66 -30.98
CA ALA A 243 42.18 -15.30 -29.60
C ALA A 243 42.05 -16.54 -28.68
N HIS A 244 41.55 -17.62 -29.25
CA HIS A 244 41.41 -18.85 -28.53
C HIS A 244 42.80 -19.31 -28.09
N GLU A 245 43.79 -19.23 -28.97
CA GLU A 245 45.14 -19.60 -28.59
C GLU A 245 45.64 -18.73 -27.45
N PHE A 246 45.42 -17.43 -27.54
CA PHE A 246 45.88 -16.55 -26.47
C PHE A 246 45.20 -16.81 -25.10
N TRP A 247 43.89 -17.05 -25.11
CA TRP A 247 43.17 -17.47 -23.91
C TRP A 247 43.87 -18.63 -23.21
N GLN A 248 44.21 -19.66 -23.97
CA GLN A 248 44.97 -20.80 -23.42
C GLN A 248 46.37 -20.44 -22.98
N PHE A 249 47.05 -19.64 -23.80
CA PHE A 249 48.34 -19.14 -23.42
C PHE A 249 48.24 -18.40 -22.11
N ILE A 250 47.35 -17.42 -21.99
CA ILE A 250 47.38 -16.58 -20.79
C ILE A 250 46.94 -17.35 -19.54
N ILE A 251 45.92 -18.19 -19.65
CA ILE A 251 45.56 -18.98 -18.49
C ILE A 251 46.68 -19.91 -18.07
N ASN A 252 47.33 -20.56 -19.02
CA ASN A 252 48.48 -21.37 -18.68
C ASN A 252 49.54 -20.60 -17.92
N GLN A 253 49.84 -19.36 -18.35
CA GLN A 253 50.86 -18.56 -17.64
C GLN A 253 50.46 -18.09 -16.28
N ILE A 254 49.15 -17.95 -16.01
CA ILE A 254 48.71 -17.64 -14.67
C ILE A 254 48.99 -18.84 -13.78
N HIS A 255 48.60 -20.01 -14.26
CA HIS A 255 48.97 -21.26 -13.59
C HIS A 255 50.48 -21.34 -13.32
N GLN A 256 51.32 -21.22 -14.35
CA GLN A 256 52.79 -21.29 -14.15
C GLN A 256 53.20 -20.32 -13.05
N SER A 257 52.65 -19.12 -13.01
CA SER A 257 53.09 -18.14 -11.98
C SER A 257 52.78 -18.60 -10.61
N TYR A 258 51.64 -19.26 -10.49
CA TYR A 258 51.22 -19.83 -9.24
C TYR A 258 52.22 -20.89 -8.87
N VAL A 259 52.56 -21.75 -9.81
CA VAL A 259 53.46 -22.85 -9.54
C VAL A 259 54.85 -22.34 -9.17
N LEU A 260 55.29 -21.33 -9.90
CA LEU A 260 56.57 -20.68 -9.62
C LEU A 260 56.61 -20.08 -8.21
N ASP A 261 55.46 -19.67 -7.69
CA ASP A 261 55.37 -19.12 -6.32
C ASP A 261 55.32 -20.20 -5.21
N LEU A 262 55.15 -21.47 -5.55
CA LEU A 262 54.94 -22.48 -4.51
C LEU A 262 56.19 -22.67 -3.61
N PRO A 263 55.99 -23.16 -2.38
CA PRO A 263 57.11 -23.23 -1.44
C PRO A 263 58.20 -24.33 -1.69
N ASN A 264 57.79 -25.52 -2.16
CA ASN A 264 58.71 -26.68 -2.29
C ASN A 264 58.37 -27.57 -3.48
N ALA A 265 59.20 -28.60 -3.73
CA ALA A 265 58.98 -29.48 -4.90
C ALA A 265 57.76 -30.46 -4.78
N LYS A 266 57.38 -30.86 -3.56
CA LYS A 266 56.19 -31.70 -3.41
C LYS A 266 54.97 -30.96 -4.03
N GLU A 267 54.86 -29.69 -3.69
CA GLU A 267 53.77 -28.80 -4.11
C GLU A 267 53.78 -28.55 -5.61
N VAL A 268 54.94 -28.22 -6.15
CA VAL A 268 55.06 -27.98 -7.57
C VAL A 268 54.56 -29.22 -8.30
N SER A 269 55.03 -30.38 -7.86
CA SER A 269 54.60 -31.65 -8.42
C SER A 269 53.10 -31.90 -8.26
N ARG A 270 52.60 -31.67 -7.06
CA ARG A 270 51.18 -31.86 -6.79
C ARG A 270 50.29 -31.02 -7.75
N ALA A 271 50.58 -29.73 -7.85
CA ALA A 271 49.77 -28.84 -8.67
C ALA A 271 49.85 -29.24 -10.14
N ASN A 272 51.04 -29.60 -10.59
CA ASN A 272 51.25 -30.03 -11.96
C ASN A 272 50.65 -31.35 -12.31
N ASN A 273 50.61 -32.26 -11.36
CA ASN A 273 50.18 -33.62 -11.64
C ASN A 273 48.85 -34.08 -11.04
N LYS A 274 48.47 -33.58 -9.86
CA LYS A 274 47.24 -34.06 -9.17
C LYS A 274 46.05 -33.08 -9.18
N GLN A 275 46.20 -31.98 -8.44
CA GLN A 275 45.15 -31.00 -8.27
C GLN A 275 45.85 -29.70 -8.05
N CYS A 276 45.48 -28.70 -8.85
CA CYS A 276 46.00 -27.37 -8.66
C CYS A 276 44.92 -26.44 -8.10
N GLU A 277 45.25 -25.66 -7.07
CA GLU A 277 44.27 -24.75 -6.44
C GLU A 277 44.45 -23.32 -6.91
N CYS A 278 45.06 -23.15 -8.06
CA CYS A 278 45.17 -21.83 -8.59
C CYS A 278 43.80 -21.33 -9.11
N ILE A 279 43.73 -20.02 -9.25
CA ILE A 279 42.57 -19.34 -9.83
C ILE A 279 42.10 -19.97 -11.11
N VAL A 280 43.03 -20.31 -11.99
CA VAL A 280 42.64 -20.92 -13.26
C VAL A 280 42.03 -22.30 -13.00
N HIS A 281 42.67 -23.12 -12.20
CA HIS A 281 42.12 -24.47 -12.03
C HIS A 281 40.97 -24.62 -11.06
N THR A 282 40.59 -23.56 -10.34
CA THR A 282 39.41 -23.65 -9.48
C THR A 282 38.20 -22.86 -10.00
N VAL A 283 38.36 -22.31 -11.21
CA VAL A 283 37.34 -21.48 -11.86
C VAL A 283 37.00 -21.95 -13.26
N PHE A 284 38.04 -22.18 -14.08
CA PHE A 284 37.83 -22.43 -15.52
C PHE A 284 37.90 -23.84 -15.98
N GLU A 285 38.34 -24.77 -15.14
CA GLU A 285 38.59 -26.13 -15.62
C GLU A 285 37.45 -27.02 -15.31
N GLY A 286 37.01 -27.78 -16.30
CA GLY A 286 36.09 -28.91 -16.03
C GLY A 286 36.76 -30.18 -16.47
N SER A 287 36.01 -31.24 -16.68
CA SER A 287 36.59 -32.40 -17.35
C SER A 287 35.55 -33.10 -18.19
N LEU A 288 36.00 -33.65 -19.33
CA LEU A 288 35.16 -34.47 -20.22
C LEU A 288 35.36 -35.97 -20.12
N GLU A 289 34.28 -36.72 -20.16
CA GLU A 289 34.39 -38.14 -20.42
C GLU A 289 34.33 -38.34 -21.91
N SER A 290 35.42 -38.85 -22.46
CA SER A 290 35.46 -39.32 -23.82
C SER A 290 35.14 -40.82 -23.74
N SER A 291 33.87 -41.16 -23.91
CA SER A 291 33.50 -42.57 -23.99
C SER A 291 33.77 -43.09 -25.43
N ILE A 292 34.52 -44.16 -25.54
CA ILE A 292 34.63 -44.94 -26.79
C ILE A 292 34.31 -46.40 -26.50
N VAL A 293 33.24 -46.88 -27.12
CA VAL A 293 32.69 -48.23 -26.86
C VAL A 293 32.40 -48.98 -28.17
N CYS A 294 32.90 -50.20 -28.25
CA CYS A 294 32.61 -51.10 -29.37
C CYS A 294 31.20 -51.65 -29.21
N PRO A 295 30.38 -51.61 -30.28
CA PRO A 295 29.01 -52.10 -30.09
C PRO A 295 28.92 -53.63 -29.79
N GLY A 296 29.58 -54.48 -30.55
CA GLY A 296 29.52 -55.92 -30.24
C GLY A 296 29.80 -56.36 -28.80
N CYS A 297 30.85 -55.81 -28.19
CA CYS A 297 31.36 -56.32 -26.91
C CYS A 297 31.65 -55.28 -25.81
N GLN A 298 31.45 -53.99 -26.04
CA GLN A 298 31.47 -52.98 -24.97
C GLN A 298 32.83 -52.63 -24.36
N ASN A 299 33.89 -53.35 -24.65
CA ASN A 299 35.20 -52.86 -24.27
C ASN A 299 35.20 -51.32 -24.44
N ASN A 300 35.64 -50.58 -23.42
CA ASN A 300 35.71 -49.12 -23.55
C ASN A 300 37.07 -48.52 -23.15
N SER A 301 38.10 -49.34 -23.18
CA SER A 301 39.43 -48.99 -22.67
C SER A 301 40.14 -47.86 -23.43
N LYS A 302 39.56 -47.35 -24.51
CA LYS A 302 40.04 -46.08 -25.08
C LYS A 302 39.29 -44.87 -24.50
N THR A 303 38.35 -45.13 -23.60
CA THR A 303 37.64 -44.09 -22.86
C THR A 303 38.56 -43.38 -21.87
N THR A 304 38.47 -42.07 -21.85
CA THR A 304 39.30 -41.23 -21.01
C THR A 304 38.49 -40.09 -20.39
N ILE A 305 39.06 -39.48 -19.35
CA ILE A 305 38.50 -38.33 -18.71
C ILE A 305 39.54 -37.24 -18.81
N ASP A 306 39.20 -36.11 -19.42
CA ASP A 306 40.24 -35.16 -19.78
C ASP A 306 39.87 -33.78 -19.27
N PRO A 307 40.84 -33.07 -18.68
CA PRO A 307 40.63 -31.64 -18.35
C PRO A 307 40.29 -30.81 -19.58
N PHE A 308 39.41 -29.82 -19.45
CA PHE A 308 39.29 -28.80 -20.44
C PHE A 308 39.29 -27.42 -19.80
N LEU A 309 39.74 -26.44 -20.52
CA LEU A 309 39.63 -25.10 -20.02
C LEU A 309 38.64 -24.37 -20.84
N ASP A 310 38.13 -25.05 -21.88
CA ASP A 310 37.03 -24.54 -22.66
C ASP A 310 36.56 -25.68 -23.56
N LEU A 311 35.42 -25.52 -24.21
CA LEU A 311 34.96 -26.53 -25.12
C LEU A 311 34.80 -25.93 -26.49
N SER A 312 35.27 -26.68 -27.49
CA SER A 312 35.18 -26.28 -28.87
C SER A 312 34.01 -26.96 -29.53
N LEU A 313 33.15 -26.18 -30.15
CA LEU A 313 31.94 -26.64 -30.75
C LEU A 313 31.90 -26.39 -32.25
N ASP A 314 31.47 -27.39 -33.01
CA ASP A 314 31.23 -27.24 -34.42
C ASP A 314 30.00 -26.43 -34.67
N ILE A 315 30.01 -25.67 -35.75
CA ILE A 315 28.86 -24.88 -36.11
C ILE A 315 28.33 -24.96 -37.55
N LYS A 316 29.00 -25.74 -38.41
CA LYS A 316 28.54 -25.95 -39.80
C LYS A 316 27.07 -26.32 -39.85
N ASP A 317 26.32 -25.52 -40.57
CA ASP A 317 24.92 -25.84 -40.92
C ASP A 317 23.96 -25.82 -39.72
N LYS A 318 24.39 -25.30 -38.56
CA LYS A 318 23.52 -25.22 -37.37
C LYS A 318 23.22 -23.77 -37.16
N LYS A 319 22.33 -23.50 -36.24
CA LYS A 319 21.78 -22.16 -36.08
C LYS A 319 21.63 -21.73 -34.63
N LYS A 320 21.71 -22.67 -33.70
CA LYS A 320 21.50 -22.38 -32.29
C LYS A 320 22.61 -23.02 -31.47
N LEU A 321 23.02 -22.34 -30.39
CA LEU A 321 24.07 -22.91 -29.50
C LEU A 321 23.70 -24.29 -28.92
N TYR A 322 22.43 -24.47 -28.60
CA TYR A 322 21.98 -25.77 -28.07
C TYR A 322 22.15 -26.92 -29.10
N GLU A 323 21.91 -26.62 -30.38
CA GLU A 323 22.22 -27.57 -31.48
C GLU A 323 23.69 -27.96 -31.57
N CYS A 324 24.59 -27.00 -31.39
CA CYS A 324 26.03 -27.31 -31.34
C CYS A 324 26.40 -28.18 -30.14
N LEU A 325 25.71 -28.00 -29.02
CA LEU A 325 25.98 -28.78 -27.82
C LEU A 325 25.39 -30.19 -27.95
N ASP A 326 24.18 -30.30 -28.52
CA ASP A 326 23.65 -31.63 -28.86
C ASP A 326 24.65 -32.37 -29.75
N SER A 327 25.21 -31.63 -30.69
CA SER A 327 26.05 -32.25 -31.68
C SER A 327 27.38 -32.64 -31.02
N PHE A 328 27.92 -31.80 -30.17
CA PHE A 328 29.05 -32.21 -29.34
C PHE A 328 28.78 -33.49 -28.50
N HIS A 329 27.56 -33.67 -28.01
CA HIS A 329 27.26 -34.69 -27.02
C HIS A 329 26.68 -35.96 -27.67
N LYS A 330 26.49 -35.96 -28.99
CA LYS A 330 25.81 -37.08 -29.59
C LYS A 330 26.75 -38.21 -29.92
N LYS A 331 26.19 -39.40 -30.08
CA LYS A 331 26.96 -40.58 -30.38
C LYS A 331 27.37 -40.51 -31.81
N GLU A 332 28.64 -40.77 -32.09
CA GLU A 332 29.10 -40.88 -33.46
C GLU A 332 29.88 -42.17 -33.65
N GLN A 333 29.90 -42.62 -34.89
CA GLN A 333 30.61 -43.83 -35.24
C GLN A 333 32.02 -43.45 -35.72
N LEU A 334 33.02 -44.05 -35.09
CA LEU A 334 34.42 -43.84 -35.51
C LEU A 334 34.76 -44.73 -36.72
N LYS A 335 35.08 -44.07 -37.83
CA LYS A 335 35.56 -44.72 -39.03
C LYS A 335 37.05 -44.79 -38.89
N ASP A 336 37.58 -46.00 -38.91
CA ASP A 336 38.97 -46.25 -38.65
C ASP A 336 39.44 -47.43 -39.46
N PHE A 337 40.21 -47.11 -40.49
CA PHE A 337 40.50 -48.06 -41.51
C PHE A 337 41.04 -49.36 -40.96
N ASN A 338 40.39 -50.43 -41.40
CA ASN A 338 40.73 -51.80 -41.03
C ASN A 338 40.69 -52.07 -39.53
N TYR A 339 39.85 -51.30 -38.85
CA TYR A 339 39.64 -51.45 -37.42
C TYR A 339 38.98 -52.78 -37.16
N HIS A 340 39.43 -53.45 -36.10
CA HIS A 340 38.85 -54.69 -35.58
C HIS A 340 38.94 -54.46 -34.09
N CYS A 341 37.89 -54.73 -33.32
CA CYS A 341 37.99 -54.53 -31.88
C CYS A 341 38.86 -55.60 -31.19
N GLY A 342 39.94 -55.13 -30.55
CA GLY A 342 40.94 -55.97 -29.89
C GLY A 342 40.32 -57.15 -29.21
N GLU A 343 39.23 -56.90 -28.48
CA GLU A 343 38.56 -57.95 -27.68
C GLU A 343 37.76 -58.99 -28.49
N CYS A 344 36.85 -58.53 -29.35
CA CYS A 344 35.83 -59.38 -29.98
C CYS A 344 35.92 -59.53 -31.51
N ASN A 345 36.84 -58.79 -32.13
CA ASN A 345 37.13 -58.92 -33.56
C ASN A 345 36.11 -58.30 -34.56
N SER A 346 35.07 -57.64 -34.03
CA SER A 346 34.07 -56.95 -34.85
C SER A 346 34.71 -55.84 -35.66
N THR A 347 34.37 -55.76 -36.94
CA THR A 347 34.69 -54.58 -37.79
C THR A 347 33.66 -53.43 -37.75
N GLN A 348 32.67 -53.53 -36.87
CA GLN A 348 31.68 -52.47 -36.68
C GLN A 348 32.34 -51.23 -36.10
N ASP A 349 31.92 -50.06 -36.56
CA ASP A 349 32.47 -48.84 -36.03
C ASP A 349 32.24 -48.74 -34.53
N ALA A 350 33.29 -48.50 -33.77
CA ALA A 350 33.17 -48.11 -32.39
C ALA A 350 32.42 -46.78 -32.25
N ILE A 351 31.78 -46.59 -31.11
CA ILE A 351 30.89 -45.44 -30.93
C ILE A 351 31.40 -44.57 -29.82
N LYS A 352 31.56 -43.28 -30.14
CA LYS A 352 32.11 -42.33 -29.23
C LYS A 352 31.02 -41.35 -28.80
N GLN A 353 31.16 -40.89 -27.58
CA GLN A 353 30.28 -39.91 -27.03
C GLN A 353 31.05 -39.09 -25.98
N LEU A 354 31.02 -37.78 -26.18
CA LEU A 354 31.55 -36.86 -25.21
C LEU A 354 30.46 -36.50 -24.23
N GLY A 355 30.85 -36.35 -22.97
CA GLY A 355 29.92 -35.88 -21.95
C GLY A 355 30.68 -35.12 -20.91
N ILE A 356 30.06 -34.07 -20.34
CA ILE A 356 30.71 -33.35 -19.22
C ILE A 356 30.72 -34.19 -17.97
N HIS A 357 31.90 -34.43 -17.43
CA HIS A 357 32.03 -35.13 -16.16
C HIS A 357 32.07 -34.13 -15.00
N LYS A 358 32.80 -33.03 -15.20
CA LYS A 358 32.88 -31.94 -14.22
C LYS A 358 32.73 -30.57 -14.88
N LEU A 359 31.92 -29.72 -14.27
CA LEU A 359 31.60 -28.43 -14.82
C LEU A 359 32.44 -27.44 -14.09
N PRO A 360 32.87 -26.40 -14.81
CA PRO A 360 33.67 -25.38 -14.17
C PRO A 360 32.77 -24.22 -13.73
N SER A 361 33.28 -23.35 -12.88
CA SER A 361 32.52 -22.22 -12.40
C SER A 361 32.25 -21.21 -13.50
N VAL A 362 33.25 -21.05 -14.38
CA VAL A 362 33.09 -20.24 -15.58
C VAL A 362 33.34 -21.10 -16.74
N LEU A 363 32.30 -21.28 -17.52
CA LEU A 363 32.36 -22.16 -18.65
C LEU A 363 32.54 -21.29 -19.91
N VAL A 364 33.63 -21.55 -20.59
CA VAL A 364 34.05 -20.87 -21.81
C VAL A 364 33.84 -21.80 -22.95
N LEU A 365 33.12 -21.31 -23.95
CA LEU A 365 32.81 -22.02 -25.15
C LEU A 365 33.42 -21.34 -26.40
N GLN A 366 34.11 -22.14 -27.20
CA GLN A 366 34.61 -21.72 -28.49
C GLN A 366 33.79 -22.31 -29.65
N LEU A 367 33.26 -21.42 -30.47
CA LEU A 367 32.60 -21.80 -31.70
C LEU A 367 33.66 -21.89 -32.79
N LYS A 368 33.82 -23.06 -33.41
CA LYS A 368 34.96 -23.25 -34.31
C LYS A 368 34.63 -22.61 -35.64
N ARG A 369 35.15 -21.40 -35.83
CA ARG A 369 34.94 -20.61 -37.05
C ARG A 369 36.02 -20.67 -38.06
N PHE A 370 37.20 -21.14 -37.68
CA PHE A 370 38.30 -21.11 -38.61
C PHE A 370 38.58 -22.51 -39.07
N GLU A 371 38.09 -22.83 -40.25
CA GLU A 371 38.21 -24.18 -40.77
C GLU A 371 39.54 -24.27 -41.48
N HIS A 372 40.52 -24.96 -40.89
CA HIS A 372 41.83 -25.15 -41.55
C HIS A 372 41.71 -26.39 -42.43
N LEU A 373 41.80 -26.23 -43.75
CA LEU A 373 41.45 -27.30 -44.70
C LEU A 373 42.63 -28.11 -45.20
N LEU A 374 42.35 -29.24 -45.82
CA LEU A 374 43.37 -30.16 -46.37
C LEU A 374 44.31 -29.53 -47.38
N ASN A 375 43.82 -28.47 -48.05
CA ASN A 375 44.60 -27.79 -49.06
C ASN A 375 45.45 -26.65 -48.45
N GLY A 376 45.46 -26.54 -47.12
CA GLY A 376 46.23 -25.49 -46.42
C GLY A 376 45.50 -24.15 -46.27
N SER A 377 44.40 -24.02 -47.00
CA SER A 377 43.68 -22.78 -47.10
C SER A 377 42.58 -22.77 -46.06
N ASN A 378 42.74 -21.95 -45.03
CA ASN A 378 41.67 -21.71 -44.07
C ASN A 378 40.52 -20.98 -44.70
N ARG A 379 39.32 -21.26 -44.23
CA ARG A 379 38.20 -20.38 -44.45
C ARG A 379 37.57 -20.14 -43.10
N LYS A 380 36.75 -19.09 -43.08
CA LYS A 380 36.08 -18.64 -41.90
C LYS A 380 34.62 -18.97 -42.04
N LEU A 381 34.00 -19.60 -41.03
CA LEU A 381 32.55 -19.85 -41.06
C LEU A 381 31.79 -18.69 -40.44
N ASP A 382 30.87 -18.08 -41.19
CA ASP A 382 30.15 -16.89 -40.71
C ASP A 382 28.78 -17.16 -40.18
N ASP A 383 28.38 -18.41 -40.13
CA ASP A 383 27.04 -18.77 -39.64
C ASP A 383 26.74 -18.05 -38.33
N PHE A 384 25.56 -17.44 -38.24
CA PHE A 384 25.09 -16.83 -37.01
C PHE A 384 24.55 -17.95 -36.18
N ILE A 385 25.02 -18.04 -34.93
CA ILE A 385 24.60 -19.08 -34.01
C ILE A 385 23.95 -18.37 -32.84
N GLU A 386 22.69 -18.69 -32.62
CA GLU A 386 21.93 -18.12 -31.54
CA GLU A 386 21.92 -18.13 -31.52
C GLU A 386 22.40 -18.68 -30.19
N PHE A 387 22.74 -17.78 -29.26
CA PHE A 387 23.12 -18.19 -27.91
C PHE A 387 22.24 -17.48 -26.89
N PRO A 388 21.83 -18.17 -25.82
CA PRO A 388 20.97 -17.61 -24.75
C PRO A 388 21.70 -16.80 -23.69
N THR A 389 21.00 -15.88 -23.04
CA THR A 389 21.60 -15.17 -21.93
C THR A 389 21.74 -16.12 -20.77
N TYR A 390 20.90 -17.14 -20.69
CA TYR A 390 20.95 -18.11 -19.60
C TYR A 390 21.07 -19.43 -20.28
N LEU A 391 22.09 -20.20 -19.93
CA LEU A 391 22.38 -21.45 -20.58
C LEU A 391 22.25 -22.59 -19.59
N ASN A 392 21.50 -23.60 -19.93
CA ASN A 392 21.32 -24.71 -19.05
C ASN A 392 22.17 -25.94 -19.49
N MET A 393 23.11 -26.36 -18.66
CA MET A 393 23.95 -27.47 -19.06
C MET A 393 23.47 -28.87 -18.72
N LYS A 394 22.23 -29.04 -18.26
CA LYS A 394 21.89 -30.34 -17.69
C LYS A 394 21.90 -31.50 -18.70
N ASN A 395 21.63 -31.27 -19.99
CA ASN A 395 21.58 -32.35 -20.99
C ASN A 395 22.94 -32.74 -21.53
N TYR A 396 23.99 -32.15 -20.96
CA TYR A 396 25.32 -32.37 -21.50
C TYR A 396 26.19 -32.99 -20.44
N CYS A 397 25.65 -33.22 -19.24
CA CYS A 397 26.42 -33.86 -18.19
C CYS A 397 26.28 -35.35 -18.30
N SER A 398 27.31 -36.04 -17.86
CA SER A 398 27.46 -37.47 -18.07
C SER A 398 26.71 -38.31 -17.04
N THR A 399 26.49 -39.56 -17.40
CA THR A 399 26.34 -40.66 -16.44
C THR A 399 27.04 -41.87 -17.01
N LYS A 410 18.98 -38.75 -13.79
CA LYS A 410 18.30 -37.48 -14.01
C LYS A 410 19.08 -36.29 -13.35
N VAL A 411 19.63 -35.44 -14.19
CA VAL A 411 20.51 -34.37 -13.78
C VAL A 411 19.69 -33.09 -13.64
N PRO A 412 19.97 -32.33 -12.59
CA PRO A 412 19.19 -31.13 -12.33
C PRO A 412 19.62 -29.90 -13.13
N ASP A 413 18.76 -28.89 -13.15
CA ASP A 413 19.03 -27.72 -13.87
C ASP A 413 20.37 -27.16 -13.36
N ILE A 414 21.24 -26.83 -14.29
CA ILE A 414 22.47 -26.18 -13.96
C ILE A 414 22.62 -25.02 -14.91
N ILE A 415 22.39 -23.82 -14.39
CA ILE A 415 22.24 -22.63 -15.20
C ILE A 415 23.38 -21.66 -15.03
N TYR A 416 23.87 -21.18 -16.16
CA TYR A 416 24.97 -20.21 -16.21
C TYR A 416 24.42 -18.95 -16.85
N GLU A 417 25.07 -17.82 -16.60
CA GLU A 417 24.64 -16.53 -17.16
C GLU A 417 25.72 -16.05 -18.05
N LEU A 418 25.38 -15.57 -19.23
CA LEU A 418 26.35 -15.01 -20.20
C LEU A 418 26.91 -13.74 -19.69
N ILE A 419 28.24 -13.62 -19.70
CA ILE A 419 28.86 -12.37 -19.31
C ILE A 419 29.91 -11.86 -20.23
N GLY A 420 30.22 -12.60 -21.26
CA GLY A 420 31.34 -12.21 -22.10
C GLY A 420 31.23 -12.82 -23.46
N ILE A 421 31.59 -12.04 -24.47
CA ILE A 421 31.58 -12.43 -25.87
CA ILE A 421 31.72 -12.57 -25.77
C ILE A 421 32.79 -11.84 -26.55
N VAL A 422 33.50 -12.62 -27.33
CA VAL A 422 34.56 -12.16 -28.16
C VAL A 422 34.11 -12.50 -29.57
N SER A 423 34.16 -11.54 -30.50
CA SER A 423 33.75 -11.80 -31.87
C SER A 423 34.84 -11.50 -32.86
N HIS A 424 34.86 -12.21 -33.96
CA HIS A 424 35.88 -12.00 -34.97
C HIS A 424 35.25 -11.36 -36.18
N LYS A 425 35.74 -10.19 -36.54
CA LYS A 425 35.26 -9.42 -37.70
C LYS A 425 36.22 -9.60 -38.87
N GLY A 426 35.70 -10.03 -40.03
CA GLY A 426 36.43 -9.94 -41.28
C GLY A 426 37.00 -11.25 -41.78
N THR A 427 38.15 -11.17 -42.44
CA THR A 427 38.72 -12.34 -43.12
C THR A 427 39.58 -13.18 -42.21
N VAL A 428 39.71 -14.47 -42.52
CA VAL A 428 40.70 -15.30 -41.85
C VAL A 428 42.03 -14.56 -41.79
N ASN A 429 42.53 -14.10 -42.93
CA ASN A 429 43.83 -13.43 -43.02
C ASN A 429 43.80 -12.08 -42.32
N GLU A 430 43.05 -11.14 -42.89
CA GLU A 430 42.93 -9.78 -42.39
C GLU A 430 41.60 -9.72 -41.61
N GLY A 431 41.68 -9.55 -40.29
CA GLY A 431 40.50 -9.58 -39.46
C GLY A 431 40.78 -9.00 -38.10
N HIS A 432 39.73 -8.83 -37.31
CA HIS A 432 39.86 -8.12 -36.06
C HIS A 432 38.92 -8.66 -35.04
N TYR A 433 39.28 -8.53 -33.78
CA TYR A 433 38.52 -9.12 -32.70
C TYR A 433 37.85 -8.03 -31.82
N ILE A 434 36.57 -8.23 -31.46
CA ILE A 434 35.89 -7.35 -30.54
C ILE A 434 35.43 -8.16 -29.33
N ALA A 435 35.43 -7.53 -28.15
CA ALA A 435 34.89 -8.08 -26.93
C ALA A 435 33.65 -7.31 -26.52
N PHE A 436 32.72 -8.06 -25.96
CA PHE A 436 31.54 -7.52 -25.37
C PHE A 436 31.51 -8.07 -23.95
N CYS A 437 31.20 -7.25 -22.94
CA CYS A 437 31.22 -7.68 -21.53
C CYS A 437 30.02 -7.14 -20.76
N LYS A 438 29.52 -7.95 -19.85
CA LYS A 438 28.44 -7.58 -18.99
C LYS A 438 28.94 -7.26 -17.58
N ILE A 439 28.58 -6.12 -17.03
CA ILE A 439 29.09 -5.74 -15.71
C ILE A 439 27.96 -5.74 -14.72
N SER A 440 28.27 -5.41 -13.46
CA SER A 440 27.23 -5.33 -12.44
C SER A 440 26.10 -4.46 -12.89
N GLY A 441 24.88 -4.88 -12.55
CA GLY A 441 23.69 -4.18 -12.98
C GLY A 441 23.29 -4.41 -14.40
N GLY A 442 23.93 -5.39 -15.04
CA GLY A 442 23.46 -5.97 -16.30
C GLY A 442 23.70 -5.18 -17.57
N GLN A 443 24.49 -4.13 -17.50
N GLN A 443 24.47 -4.10 -17.46
CA GLN A 443 24.70 -3.30 -18.66
CA GLN A 443 24.80 -3.25 -18.61
C GLN A 443 25.92 -3.82 -19.42
C GLN A 443 25.86 -3.95 -19.43
N TRP A 444 25.83 -3.77 -20.75
CA TRP A 444 26.74 -4.44 -21.67
C TRP A 444 27.58 -3.43 -22.41
N PHE A 445 28.85 -3.76 -22.64
CA PHE A 445 29.76 -2.90 -23.37
C PHE A 445 30.57 -3.61 -24.43
N LYS A 446 30.71 -2.90 -25.53
CA LYS A 446 31.48 -3.31 -26.66
C LYS A 446 32.82 -2.60 -26.53
N PHE A 447 33.91 -3.35 -26.68
CA PHE A 447 35.30 -2.89 -26.54
C PHE A 447 35.97 -3.09 -27.91
N ASN A 448 36.13 -1.99 -28.65
CA ASN A 448 36.72 -2.04 -29.96
C ASN A 448 37.99 -1.24 -29.99
N ASP A 449 39.08 -1.87 -29.54
CA ASP A 449 40.35 -1.21 -29.32
C ASP A 449 40.14 -0.06 -28.32
N SER A 450 40.77 1.08 -28.51
CA SER A 450 40.54 2.24 -27.63
C SER A 450 39.09 2.62 -27.40
N MET A 451 38.23 2.36 -28.37
CA MET A 451 36.82 2.71 -28.18
C MET A 451 36.05 1.72 -27.29
N VAL A 452 35.42 2.26 -26.26
CA VAL A 452 34.52 1.47 -25.42
C VAL A 452 33.15 2.07 -25.66
N SER A 453 32.14 1.29 -25.98
CA SER A 453 30.83 1.91 -26.22
C SER A 453 29.71 1.08 -25.64
N SER A 454 28.68 1.76 -25.18
CA SER A 454 27.54 1.14 -24.59
C SER A 454 26.72 0.37 -25.65
N ILE A 455 26.05 -0.71 -25.20
CA ILE A 455 25.27 -1.56 -26.09
C ILE A 455 24.21 -2.39 -25.34
N SER A 456 23.13 -2.73 -26.02
CA SER A 456 22.03 -3.39 -25.31
C SER A 456 22.13 -4.88 -25.45
N GLN A 457 21.54 -5.58 -24.50
CA GLN A 457 21.48 -7.05 -24.51
C GLN A 457 20.98 -7.47 -25.85
N GLU A 458 19.99 -6.79 -26.34
CA GLU A 458 19.32 -7.24 -27.54
C GLU A 458 20.25 -7.24 -28.75
N GLU A 459 21.08 -6.20 -28.88
CA GLU A 459 22.08 -6.11 -29.97
C GLU A 459 23.37 -6.97 -29.80
N VAL A 460 23.80 -7.19 -28.57
CA VAL A 460 24.91 -8.10 -28.29
C VAL A 460 24.56 -9.57 -28.72
N LEU A 461 23.35 -9.98 -28.38
CA LEU A 461 22.77 -11.25 -28.82
C LEU A 461 22.73 -11.50 -30.33
N LYS A 462 22.82 -10.43 -31.13
CA LYS A 462 22.93 -10.57 -32.60
C LYS A 462 24.35 -10.77 -33.09
N GLU A 463 25.34 -10.77 -32.20
CA GLU A 463 26.71 -10.97 -32.63
C GLU A 463 27.09 -12.37 -33.12
N GLN A 464 28.08 -12.39 -34.00
CA GLN A 464 28.73 -13.60 -34.51
C GLN A 464 29.75 -14.03 -33.47
N ALA A 465 29.34 -14.80 -32.48
CA ALA A 465 30.21 -15.10 -31.32
C ALA A 465 31.32 -16.04 -31.71
N TYR A 466 32.54 -15.76 -31.25
CA TYR A 466 33.67 -16.70 -31.38
C TYR A 466 33.92 -17.37 -30.03
N LEU A 467 34.17 -16.57 -28.99
CA LEU A 467 34.18 -17.10 -27.62
C LEU A 467 32.97 -16.62 -26.84
N LEU A 468 32.49 -17.48 -25.93
CA LEU A 468 31.40 -17.12 -25.05
C LEU A 468 31.81 -17.40 -23.65
N PHE A 469 31.63 -16.44 -22.75
CA PHE A 469 31.93 -16.66 -21.36
C PHE A 469 30.67 -16.69 -20.52
N TYR A 470 30.40 -17.85 -19.92
CA TYR A 470 29.27 -18.11 -19.05
C TYR A 470 29.71 -18.37 -17.60
N THR A 471 29.08 -17.71 -16.63
CA THR A 471 29.43 -17.86 -15.18
C THR A 471 28.34 -18.64 -14.41
N ILE A 472 28.69 -19.48 -13.45
CA ILE A 472 27.69 -20.38 -12.85
C ILE A 472 26.70 -19.55 -12.01
N ARG A 473 25.42 -19.77 -12.25
CA ARG A 473 24.39 -18.90 -11.71
C ARG A 473 23.42 -19.68 -10.85
N GLN A 474 23.05 -20.88 -11.27
CA GLN A 474 22.17 -21.69 -10.43
C GLN A 474 22.34 -23.18 -10.61
N VAL A 475 22.46 -23.89 -9.49
CA VAL A 475 22.55 -25.31 -9.46
C VAL A 475 21.45 -25.91 -8.55
N ASN A 476 20.52 -26.65 -9.16
CA ASN A 476 19.37 -27.26 -8.44
C ASN A 476 19.72 -28.66 -8.06
N MET B 1 -15.34 -28.10 17.66
CA MET B 1 -14.08 -27.35 18.00
C MET B 1 -13.34 -26.89 16.75
N THR B 2 -13.32 -25.59 16.53
CA THR B 2 -12.64 -25.00 15.38
C THR B 2 -11.13 -24.79 15.62
N MET B 3 -10.31 -25.11 14.63
CA MET B 3 -8.87 -24.93 14.67
C MET B 3 -8.53 -23.57 14.09
N ASP B 4 -7.45 -22.96 14.57
CA ASP B 4 -7.00 -21.62 14.14
C ASP B 4 -6.45 -21.67 12.71
N THR B 5 -7.17 -21.17 11.70
CA THR B 5 -6.68 -21.33 10.30
C THR B 5 -5.28 -20.74 10.05
N ALA B 6 -5.00 -19.61 10.67
CA ALA B 6 -3.71 -18.91 10.49
C ALA B 6 -2.52 -19.77 10.89
N GLN B 7 -2.61 -20.34 12.08
CA GLN B 7 -1.64 -21.30 12.59
C GLN B 7 -1.52 -22.56 11.72
N LEU B 8 -2.65 -23.10 11.30
CA LEU B 8 -2.64 -24.16 10.37
C LEU B 8 -1.87 -23.78 9.10
N LYS B 9 -2.05 -22.57 8.59
CA LYS B 9 -1.32 -22.20 7.36
C LYS B 9 0.20 -22.21 7.63
N SER B 10 0.56 -21.79 8.81
CA SER B 10 1.91 -21.86 9.28
C SER B 10 2.49 -23.26 9.44
N GLN B 11 1.71 -24.23 9.94
CA GLN B 11 2.22 -25.61 10.00
C GLN B 11 2.45 -26.13 8.60
N ILE B 12 1.52 -25.85 7.69
CA ILE B 12 1.64 -26.40 6.36
C ILE B 12 2.98 -25.96 5.72
N GLN B 13 3.24 -24.65 5.78
CA GLN B 13 4.47 -24.08 5.22
C GLN B 13 5.67 -24.73 5.89
N GLN B 14 5.59 -24.87 7.19
CA GLN B 14 6.63 -25.53 7.93
C GLN B 14 6.84 -26.99 7.55
N TYR B 15 5.77 -27.76 7.35
CA TYR B 15 6.02 -29.14 6.90
C TYR B 15 6.69 -29.19 5.52
N LEU B 16 6.23 -28.28 4.65
CA LEU B 16 6.84 -28.12 3.33
C LEU B 16 8.32 -27.93 3.45
N VAL B 17 8.72 -27.09 4.40
CA VAL B 17 10.12 -26.80 4.61
C VAL B 17 10.91 -28.00 5.14
N GLU B 18 10.36 -28.69 6.12
CA GLU B 18 11.02 -29.87 6.72
C GLU B 18 11.17 -31.07 5.80
N SER B 19 10.24 -31.28 4.87
CA SER B 19 10.41 -32.33 3.83
C SER B 19 11.61 -32.02 2.88
N GLY B 20 11.91 -30.76 2.61
CA GLY B 20 12.87 -30.38 1.59
C GLY B 20 12.09 -29.85 0.39
N ASN B 21 10.79 -30.04 0.38
CA ASN B 21 9.99 -29.69 -0.81
C ASN B 21 9.80 -28.22 -1.03
N TYR B 22 9.93 -27.41 0.02
CA TYR B 22 9.89 -25.93 -0.13
C TYR B 22 11.09 -25.47 -0.91
N GLU B 23 12.25 -26.01 -0.58
CA GLU B 23 13.44 -25.75 -1.41
C GLU B 23 13.30 -26.19 -2.86
N LEU B 24 12.69 -27.34 -3.10
CA LEU B 24 12.57 -27.81 -4.46
C LEU B 24 11.68 -26.81 -5.23
N ILE B 25 10.54 -26.45 -4.63
CA ILE B 25 9.57 -25.59 -5.30
C ILE B 25 10.22 -24.27 -5.59
N SER B 26 10.91 -23.75 -4.59
CA SER B 26 11.54 -22.47 -4.71
C SER B 26 12.69 -22.49 -5.70
N ASN B 27 13.42 -23.60 -5.74
CA ASN B 27 14.44 -23.71 -6.75
C ASN B 27 13.91 -23.88 -8.14
N GLU B 28 12.81 -24.59 -8.28
CA GLU B 28 12.27 -24.79 -9.60
C GLU B 28 11.81 -23.44 -10.13
N LEU B 29 11.17 -22.69 -9.26
CA LEU B 29 10.58 -21.44 -9.64
C LEU B 29 11.64 -20.49 -10.13
N LYS B 30 12.73 -20.36 -9.37
CA LYS B 30 13.76 -19.40 -9.74
C LYS B 30 14.44 -19.79 -11.00
N ALA B 31 14.63 -21.09 -11.22
CA ALA B 31 15.30 -21.51 -12.45
C ALA B 31 14.44 -21.17 -13.66
N ARG B 32 13.14 -21.31 -13.51
CA ARG B 32 12.22 -20.95 -14.56
C ARG B 32 12.20 -19.47 -14.77
N LEU B 33 12.16 -18.69 -13.70
CA LEU B 33 12.13 -17.24 -13.85
C LEU B 33 13.43 -16.73 -14.48
N LEU B 34 14.55 -17.30 -14.09
CA LEU B 34 15.81 -16.92 -14.67
CA LEU B 34 15.82 -16.89 -14.69
C LEU B 34 15.77 -17.21 -16.15
N GLN B 35 15.46 -18.47 -16.47
CA GLN B 35 15.55 -18.87 -17.88
C GLN B 35 14.61 -18.11 -18.80
N GLU B 36 13.39 -17.83 -18.34
CA GLU B 36 12.44 -17.10 -19.19
C GLU B 36 12.71 -15.55 -19.30
N GLY B 37 13.78 -15.02 -18.75
CA GLY B 37 14.08 -13.58 -18.91
C GLY B 37 13.42 -12.68 -17.88
N TRP B 38 12.62 -13.29 -16.99
CA TRP B 38 11.78 -12.58 -16.04
C TRP B 38 12.62 -11.80 -15.06
N VAL B 39 13.65 -12.43 -14.48
CA VAL B 39 14.49 -11.65 -13.54
C VAL B 39 15.03 -10.38 -14.20
N ASP B 40 15.45 -10.49 -15.43
CA ASP B 40 16.03 -9.35 -16.10
C ASP B 40 14.97 -8.28 -16.40
N LYS B 41 13.79 -8.74 -16.85
CA LYS B 41 12.66 -7.85 -17.07
C LYS B 41 12.29 -7.05 -15.83
N VAL B 42 12.33 -7.69 -14.68
CA VAL B 42 12.07 -7.00 -13.44
C VAL B 42 13.11 -5.93 -13.12
N LYS B 43 14.36 -6.29 -13.36
CA LYS B 43 15.45 -5.37 -13.12
C LYS B 43 15.29 -4.19 -14.09
N ASP B 44 14.96 -4.43 -15.36
CA ASP B 44 14.71 -3.30 -16.29
C ASP B 44 13.55 -2.39 -15.92
N LEU B 45 12.42 -3.05 -15.63
CA LEU B 45 11.23 -2.43 -15.14
C LEU B 45 11.52 -1.55 -13.91
N THR B 46 12.31 -2.06 -12.97
CA THR B 46 12.73 -1.25 -11.83
C THR B 46 13.50 0.01 -12.25
N LYS B 47 14.45 -0.17 -13.17
CA LYS B 47 15.26 0.98 -13.58
C LYS B 47 14.35 2.02 -14.27
N SER B 48 13.42 1.52 -15.06
CA SER B 48 12.49 2.39 -15.78
C SER B 48 11.60 3.16 -14.82
N GLU B 49 11.23 2.51 -13.71
CA GLU B 49 10.38 3.13 -12.70
C GLU B 49 11.14 4.09 -11.81
N MET B 50 12.40 3.81 -11.47
CA MET B 50 13.23 4.83 -10.82
C MET B 50 13.38 6.10 -11.68
N ASN B 51 13.59 5.91 -12.99
CA ASN B 51 13.91 7.04 -13.86
C ASN B 51 12.70 7.96 -14.00
N ILE B 52 11.57 7.32 -14.35
CA ILE B 52 10.27 7.98 -14.50
C ILE B 52 9.88 8.72 -13.24
N ASN B 53 9.97 8.06 -12.09
CA ASN B 53 9.58 8.69 -10.82
C ASN B 53 10.69 9.52 -10.18
N GLU B 54 11.86 9.61 -10.85
CA GLU B 54 13.00 10.33 -10.30
C GLU B 54 13.03 10.06 -8.81
N SER B 55 13.07 8.77 -8.46
CA SER B 55 13.14 8.37 -7.05
C SER B 55 13.88 7.04 -6.87
N THR B 56 14.60 6.91 -5.76
CA THR B 56 15.21 5.67 -5.37
C THR B 56 14.58 5.11 -4.11
N ASN B 57 13.49 5.71 -3.67
CA ASN B 57 12.84 5.25 -2.44
C ASN B 57 12.21 3.89 -2.66
N PHE B 58 12.70 2.92 -1.90
CA PHE B 58 12.33 1.55 -2.09
C PHE B 58 10.81 1.41 -2.14
N THR B 59 10.13 2.04 -1.20
CA THR B 59 8.69 1.74 -0.95
C THR B 59 7.86 2.27 -2.10
N GLN B 60 8.15 3.51 -2.46
CA GLN B 60 7.56 4.10 -3.60
C GLN B 60 7.80 3.25 -4.87
N ILE B 61 9.02 2.82 -5.09
CA ILE B 61 9.35 2.14 -6.34
C ILE B 61 8.71 0.76 -6.44
N LEU B 62 8.73 0.05 -5.33
CA LEU B 62 8.12 -1.25 -5.27
C LEU B 62 6.67 -1.14 -5.56
N SER B 63 6.08 -0.09 -5.05
CA SER B 63 4.63 0.08 -5.20
C SER B 63 4.21 -0.02 -6.66
N THR B 64 5.01 0.51 -7.57
CA THR B 64 4.70 0.41 -9.01
C THR B 64 5.36 -0.75 -9.75
N VAL B 65 6.39 -1.38 -9.19
CA VAL B 65 7.03 -2.50 -9.85
C VAL B 65 6.31 -3.82 -9.60
N GLU B 66 5.99 -4.10 -8.34
CA GLU B 66 5.57 -5.45 -7.94
C GLU B 66 4.33 -5.94 -8.71
N PRO B 67 3.26 -5.14 -8.76
CA PRO B 67 2.12 -5.63 -9.51
C PRO B 67 2.45 -6.06 -10.95
N LYS B 68 3.32 -5.28 -11.59
CA LYS B 68 3.69 -5.55 -12.96
C LYS B 68 4.60 -6.75 -13.01
N ALA B 69 5.51 -6.86 -12.04
CA ALA B 69 6.38 -7.99 -11.96
C ALA B 69 5.55 -9.27 -11.77
N LEU B 70 4.54 -9.21 -10.92
CA LEU B 70 3.60 -10.31 -10.79
C LEU B 70 2.92 -10.74 -12.12
N GLU B 71 2.37 -9.81 -12.86
CA GLU B 71 1.76 -10.13 -14.15
C GLU B 71 2.73 -10.63 -15.22
N MET B 72 4.00 -10.33 -15.10
CA MET B 72 4.98 -10.69 -16.11
C MET B 72 5.36 -12.20 -16.07
N VAL B 73 5.08 -12.86 -14.96
CA VAL B 73 5.40 -14.29 -14.81
C VAL B 73 4.65 -15.05 -15.88
N SER B 74 5.29 -15.91 -16.64
CA SER B 74 4.55 -16.62 -17.69
C SER B 74 3.53 -17.50 -17.04
N ASP B 75 2.49 -17.82 -17.79
CA ASP B 75 1.42 -18.69 -17.30
C ASP B 75 1.96 -20.10 -17.17
N SER B 76 2.81 -20.49 -18.07
CA SER B 76 3.47 -21.77 -17.99
C SER B 76 4.20 -21.95 -16.64
N THR B 77 5.04 -20.98 -16.26
CA THR B 77 5.73 -21.09 -15.00
C THR B 77 4.73 -21.12 -13.82
N ARG B 78 3.76 -20.21 -13.88
CA ARG B 78 2.75 -20.13 -12.84
C ARG B 78 2.01 -21.44 -12.67
N GLU B 79 1.52 -22.01 -13.76
CA GLU B 79 0.68 -23.21 -13.76
C GLU B 79 1.46 -24.37 -13.22
N THR B 80 2.68 -24.44 -13.71
CA THR B 80 3.58 -25.54 -13.44
C THR B 80 4.00 -25.55 -12.00
N VAL B 81 4.35 -24.39 -11.44
CA VAL B 81 4.73 -24.32 -10.02
C VAL B 81 3.57 -24.51 -9.05
N LEU B 82 2.42 -23.93 -9.38
CA LEU B 82 1.19 -24.16 -8.64
C LEU B 82 0.78 -25.66 -8.56
N LYS B 83 0.95 -26.41 -9.62
CA LYS B 83 0.65 -27.82 -9.62
C LYS B 83 1.60 -28.53 -8.70
N GLN B 84 2.86 -28.15 -8.78
CA GLN B 84 3.88 -28.77 -7.95
C GLN B 84 3.53 -28.55 -6.50
N ILE B 85 3.07 -27.32 -6.20
CA ILE B 85 2.74 -26.95 -4.82
C ILE B 85 1.48 -27.65 -4.34
N ARG B 86 0.47 -27.72 -5.20
CA ARG B 86 -0.73 -28.54 -4.93
C ARG B 86 -0.46 -29.98 -4.63
N GLU B 87 0.42 -30.61 -5.40
CA GLU B 87 0.69 -32.06 -5.25
C GLU B 87 1.39 -32.32 -3.92
N PHE B 88 2.30 -31.44 -3.53
CA PHE B 88 2.94 -31.54 -2.23
C PHE B 88 1.96 -31.30 -1.08
N LEU B 89 1.07 -30.33 -1.23
CA LEU B 89 0.02 -30.13 -0.23
C LEU B 89 -0.88 -31.33 -0.07
N GLU B 90 -1.15 -32.08 -1.13
CA GLU B 90 -2.02 -33.27 -0.99
C GLU B 90 -1.33 -34.40 -0.20
N GLU B 91 0.00 -34.40 -0.15
CA GLU B 91 0.73 -35.33 0.73
C GLU B 91 0.61 -34.98 2.22
N ILE B 92 0.37 -33.71 2.54
CA ILE B 92 0.48 -33.18 3.88
C ILE B 92 -0.88 -33.06 4.59
N VAL B 93 -1.96 -32.74 3.87
CA VAL B 93 -3.20 -32.25 4.53
C VAL B 93 -4.43 -33.10 4.31
N ASP B 94 -5.46 -32.89 5.13
CA ASP B 94 -6.77 -33.52 4.97
C ASP B 94 -7.85 -32.50 4.68
N THR B 95 -8.75 -32.84 3.77
CA THR B 95 -9.70 -31.87 3.24
C THR B 95 -11.11 -32.38 3.38
N GLN B 96 -12.06 -31.46 3.24
CA GLN B 96 -13.47 -31.70 3.54
C GLN B 96 -14.22 -30.43 3.11
N THR C 5 -12.12 -19.49 4.67
CA THR C 5 -11.01 -20.21 5.37
C THR C 5 -9.99 -20.81 4.37
N ILE C 6 -9.49 -22.04 4.56
CA ILE C 6 -8.35 -22.46 3.74
C ILE C 6 -8.64 -23.68 2.90
N THR C 7 -8.13 -23.66 1.68
CA THR C 7 -8.28 -24.73 0.74
C THR C 7 -6.96 -24.97 0.06
N ILE C 8 -6.88 -26.01 -0.74
CA ILE C 8 -5.65 -26.32 -1.43
C ILE C 8 -5.31 -25.16 -2.36
N ASP C 9 -6.32 -24.57 -3.00
CA ASP C 9 -6.07 -23.50 -3.94
C ASP C 9 -5.61 -22.26 -3.25
N SER C 10 -6.28 -21.90 -2.18
CA SER C 10 -5.94 -20.67 -1.54
C SER C 10 -4.54 -20.77 -0.97
N ILE C 11 -4.18 -21.88 -0.32
CA ILE C 11 -2.84 -22.06 0.26
C ILE C 11 -1.74 -22.13 -0.79
N SER C 12 -1.96 -22.90 -1.84
CA SER C 12 -1.00 -22.91 -2.96
C SER C 12 -0.68 -21.53 -3.47
N ASN C 13 -1.71 -20.75 -3.71
CA ASN C 13 -1.57 -19.43 -4.26
C ASN C 13 -0.89 -18.52 -3.26
N GLY C 14 -1.19 -18.74 -1.97
CA GLY C 14 -0.53 -18.02 -0.91
C GLY C 14 0.96 -18.26 -0.99
N ILE C 15 1.36 -19.53 -1.14
CA ILE C 15 2.74 -19.86 -1.16
C ILE C 15 3.47 -19.26 -2.36
N LEU C 16 2.91 -19.46 -3.53
CA LEU C 16 3.49 -18.86 -4.75
C LEU C 16 3.69 -17.34 -4.64
N ASN C 17 2.68 -16.68 -4.10
CA ASN C 17 2.70 -15.22 -4.00
C ASN C 17 3.75 -14.77 -2.96
N ASN C 18 3.86 -15.52 -1.88
CA ASN C 18 4.92 -15.34 -0.91
C ASN C 18 6.27 -15.45 -1.60
N LEU C 19 6.49 -16.51 -2.40
CA LEU C 19 7.77 -16.68 -3.08
C LEU C 19 7.99 -15.57 -4.08
N LEU C 20 7.00 -15.27 -4.93
CA LEU C 20 7.23 -14.21 -5.95
C LEU C 20 7.52 -12.85 -5.35
N THR C 21 6.80 -12.48 -4.29
CA THR C 21 6.91 -11.13 -3.72
C THR C 21 8.22 -11.00 -2.95
N THR C 22 8.58 -12.07 -2.25
CA THR C 22 9.86 -12.09 -1.62
C THR C 22 10.98 -11.84 -2.66
N LEU C 23 10.93 -12.62 -3.75
CA LEU C 23 11.91 -12.48 -4.85
C LEU C 23 11.89 -11.07 -5.45
N ILE C 24 10.68 -10.57 -5.79
CA ILE C 24 10.57 -9.22 -6.35
C ILE C 24 11.11 -8.15 -5.40
N GLN C 25 10.79 -8.26 -4.12
CA GLN C 25 11.24 -7.29 -3.16
C GLN C 25 12.74 -7.25 -3.02
N ASP C 26 13.31 -8.39 -3.21
CA ASP C 26 14.74 -8.57 -3.06
C ASP C 26 15.42 -7.92 -4.26
N ILE C 27 14.97 -8.24 -5.47
CA ILE C 27 15.52 -7.64 -6.67
C ILE C 27 15.34 -6.12 -6.58
N VAL C 28 14.20 -5.64 -6.08
CA VAL C 28 14.00 -4.23 -6.03
C VAL C 28 14.90 -3.52 -5.01
N ALA C 29 15.11 -4.16 -3.86
CA ALA C 29 16.04 -3.63 -2.87
C ALA C 29 17.44 -3.47 -3.44
N ARG C 30 17.90 -4.46 -4.18
CA ARG C 30 19.22 -4.36 -4.74
C ARG C 30 19.38 -3.25 -5.74
N GLU C 31 18.46 -3.14 -6.68
CA GLU C 31 18.51 -2.02 -7.61
C GLU C 31 18.51 -0.67 -6.92
N THR C 32 17.56 -0.47 -6.01
CA THR C 32 17.30 0.86 -5.48
C THR C 32 18.43 1.26 -4.58
N THR C 33 18.95 0.33 -3.76
CA THR C 33 20.08 0.71 -2.92
C THR C 33 21.34 0.92 -3.75
N GLN C 34 21.46 0.24 -4.87
CA GLN C 34 22.63 0.47 -5.72
C GLN C 34 22.54 1.89 -6.24
N GLN C 35 21.36 2.27 -6.72
CA GLN C 35 21.14 3.62 -7.23
C GLN C 35 21.29 4.71 -6.20
N GLN C 36 20.81 4.44 -4.99
CA GLN C 36 20.86 5.40 -3.90
C GLN C 36 22.33 5.61 -3.64
N LEU C 37 23.08 4.52 -3.56
CA LEU C 37 24.54 4.62 -3.40
C LEU C 37 25.25 5.40 -4.50
N LEU C 38 25.01 5.07 -5.75
CA LEU C 38 25.70 5.72 -6.82
C LEU C 38 25.38 7.22 -6.87
N LYS C 39 24.12 7.59 -6.65
CA LYS C 39 23.77 9.00 -6.66
C LYS C 39 24.26 9.72 -5.40
N THR C 40 24.45 9.03 -4.28
CA THR C 40 25.04 9.71 -3.10
C THR C 40 26.58 9.92 -3.23
N ARG C 41 27.28 8.81 -3.47
CA ARG C 41 28.72 8.77 -3.76
C ARG C 41 29.17 9.78 -4.81
N TYR C 42 28.43 9.84 -5.91
CA TYR C 42 28.72 10.75 -7.03
C TYR C 42 27.59 11.76 -7.29
N PRO C 43 27.53 12.85 -6.51
CA PRO C 43 26.56 13.94 -6.77
C PRO C 43 26.53 14.38 -8.25
N ASP C 44 27.70 14.37 -8.85
CA ASP C 44 27.94 14.82 -10.24
C ASP C 44 27.66 13.80 -11.36
N LEU C 45 26.95 12.71 -11.05
CA LEU C 45 26.95 11.52 -11.89
C LEU C 45 26.40 11.69 -13.31
N ARG C 46 27.17 11.26 -14.31
CA ARG C 46 26.64 10.98 -15.66
C ARG C 46 26.46 9.48 -15.85
N SER C 47 25.38 9.06 -16.51
CA SER C 47 25.28 7.68 -17.00
C SER C 47 26.17 7.52 -18.21
N TYR C 48 26.32 6.29 -18.69
CA TYR C 48 27.21 6.03 -19.81
C TYR C 48 26.44 6.38 -21.08
N TYR C 49 27.13 7.05 -22.00
CA TYR C 49 26.53 7.51 -23.24
C TYR C 49 26.15 6.39 -24.23
N PHE C 50 25.00 6.51 -24.90
CA PHE C 50 24.53 5.52 -25.86
C PHE C 50 24.22 6.12 -27.21
N ASP C 51 25.10 5.91 -28.17
CA ASP C 51 24.88 6.32 -29.56
C ASP C 51 24.12 5.23 -30.35
N PRO C 52 22.95 5.58 -30.92
CA PRO C 52 22.25 4.61 -31.77
C PRO C 52 22.85 4.52 -33.18
N ASN C 53 23.52 5.57 -33.64
CA ASN C 53 24.38 5.45 -34.83
C ASN C 53 25.49 4.41 -34.63
N GLY C 54 25.63 3.90 -33.40
CA GLY C 54 26.72 3.01 -33.00
C GLY C 54 28.09 3.60 -33.27
N SER C 55 28.28 4.88 -32.97
CA SER C 55 29.50 5.56 -33.42
C SER C 55 30.22 6.41 -32.36
N LEU C 56 29.56 6.72 -31.26
CA LEU C 56 30.17 7.45 -30.16
C LEU C 56 30.42 6.52 -28.93
N ASP C 57 31.62 6.60 -28.33
CA ASP C 57 31.96 5.82 -27.12
C ASP C 57 31.18 6.28 -25.88
N ILE C 58 31.61 5.83 -24.70
CA ILE C 58 30.77 5.98 -23.50
C ILE C 58 30.78 7.40 -22.93
N ASN C 59 31.72 8.23 -23.40
CA ASN C 59 31.70 9.69 -23.13
C ASN C 59 31.23 10.52 -24.33
N GLY C 60 30.39 9.91 -25.16
CA GLY C 60 29.92 10.53 -26.39
C GLY C 60 31.00 10.97 -27.38
N LEU C 61 32.16 10.32 -27.36
CA LEU C 61 33.25 10.63 -28.31
C LEU C 61 33.44 9.57 -29.43
N GLN C 62 33.98 10.02 -30.56
CA GLN C 62 34.37 9.16 -31.68
C GLN C 62 35.69 8.49 -31.37
N LYS C 63 36.01 7.49 -32.18
CA LYS C 63 37.28 6.79 -32.10
C LYS C 63 38.39 7.67 -32.63
N GLN C 64 39.42 7.90 -31.84
CA GLN C 64 40.62 8.59 -32.30
C GLN C 64 41.28 7.77 -33.42
N GLN C 65 41.82 8.41 -34.46
CA GLN C 65 42.63 7.67 -35.45
C GLN C 65 43.93 7.26 -34.83
N GLU C 66 44.48 6.14 -35.30
CA GLU C 66 45.67 5.60 -34.68
C GLU C 66 46.96 6.31 -35.14
N SER C 67 46.86 7.15 -36.16
CA SER C 67 47.97 8.08 -36.47
C SER C 67 48.06 9.07 -35.31
N SER C 68 46.94 9.70 -34.96
CA SER C 68 46.86 10.53 -33.76
C SER C 68 47.06 9.74 -32.43
N GLN C 69 46.86 8.42 -32.43
CA GLN C 69 47.18 7.59 -31.26
C GLN C 69 48.69 7.57 -31.01
N TYR C 70 49.12 8.13 -29.89
CA TYR C 70 50.54 8.20 -29.57
C TYR C 70 50.89 7.64 -28.19
N ILE C 71 51.94 6.80 -28.13
CA ILE C 71 52.76 6.60 -26.90
C ILE C 71 54.21 6.32 -27.31
N VAL C 80 55.63 7.27 -29.71
CA VAL C 80 55.41 6.16 -30.63
C VAL C 80 53.94 6.10 -31.09
N SER C 81 53.74 6.21 -32.41
CA SER C 81 52.44 5.93 -33.03
C SER C 81 51.96 4.60 -32.44
N ALA C 82 50.85 4.65 -31.72
CA ALA C 82 50.37 3.50 -30.96
C ALA C 82 50.33 2.24 -31.82
N ASN C 83 49.71 2.32 -32.99
CA ASN C 83 49.59 1.18 -33.91
C ASN C 83 50.90 0.53 -34.38
N ARG C 84 52.03 1.17 -34.09
CA ARG C 84 53.33 0.66 -34.43
C ARG C 84 54.08 0.29 -33.15
N LEU C 85 53.39 0.37 -32.02
CA LEU C 85 54.06 0.27 -30.72
C LEU C 85 54.68 -1.11 -30.46
N ALA C 86 54.07 -2.19 -30.91
CA ALA C 86 54.65 -3.54 -30.72
C ALA C 86 55.86 -3.74 -31.61
N ALA C 87 55.80 -3.12 -32.79
CA ALA C 87 56.96 -3.01 -33.67
C ALA C 87 58.11 -2.23 -33.00
N HIS C 88 57.79 -1.09 -32.41
CA HIS C 88 58.83 -0.31 -31.71
C HIS C 88 59.43 -1.11 -30.54
N LEU C 89 58.59 -1.87 -29.85
CA LEU C 89 59.02 -2.74 -28.75
C LEU C 89 59.99 -3.82 -29.19
N GLN C 90 59.71 -4.49 -30.30
CA GLN C 90 60.59 -5.55 -30.79
C GLN C 90 62.04 -5.06 -30.76
N ARG C 91 62.20 -3.89 -31.38
CA ARG C 91 63.49 -3.25 -31.54
C ARG C 91 63.94 -2.81 -30.15
N CYS C 92 63.20 -1.87 -29.59
CA CYS C 92 63.67 -1.06 -28.48
C CYS C 92 63.96 -1.91 -27.25
N LEU C 93 63.22 -2.99 -27.08
CA LEU C 93 63.48 -3.93 -25.97
C LEU C 93 64.72 -4.82 -26.16
N SER C 94 65.40 -4.71 -27.30
CA SER C 94 66.63 -5.46 -27.52
C SER C 94 67.84 -4.60 -27.16
N ARG D 2 -9.16 -35.82 -4.98
CA ARG D 2 -8.52 -34.50 -4.82
C ARG D 2 -9.33 -33.39 -5.46
N SER D 3 -9.32 -32.24 -4.79
CA SER D 3 -10.03 -31.03 -5.23
C SER D 3 -9.37 -29.78 -4.65
N GLY D 4 -8.90 -28.93 -5.55
CA GLY D 4 -8.39 -27.63 -5.19
C GLY D 4 -9.31 -26.81 -4.31
N ASP D 5 -10.62 -26.97 -4.50
CA ASP D 5 -11.61 -26.20 -3.72
C ASP D 5 -11.95 -26.83 -2.35
N ALA D 6 -11.38 -27.97 -2.03
CA ALA D 6 -11.75 -28.59 -0.77
C ALA D 6 -11.20 -27.82 0.43
N GLU D 7 -12.06 -27.55 1.40
CA GLU D 7 -11.61 -26.93 2.63
C GLU D 7 -10.65 -27.85 3.36
N ILE D 8 -9.54 -27.30 3.81
CA ILE D 8 -8.55 -28.07 4.53
C ILE D 8 -8.95 -28.29 6.01
N LYS D 9 -9.20 -29.56 6.35
CA LYS D 9 -9.47 -29.98 7.72
C LYS D 9 -8.31 -29.73 8.72
N GLY D 10 -7.11 -30.18 8.35
CA GLY D 10 -5.96 -30.26 9.25
C GLY D 10 -4.83 -31.00 8.58
N ILE D 11 -3.74 -31.18 9.29
CA ILE D 11 -2.58 -31.93 8.80
C ILE D 11 -2.78 -33.41 9.01
N LYS D 12 -2.39 -34.24 8.06
CA LYS D 12 -2.65 -35.66 8.20
C LYS D 12 -1.93 -36.17 9.42
N PRO D 13 -2.63 -36.93 10.28
CA PRO D 13 -2.03 -37.56 11.47
C PRO D 13 -0.87 -38.46 11.07
N LYS D 14 -1.10 -39.25 10.05
CA LYS D 14 -0.04 -39.96 9.34
C LYS D 14 1.26 -39.13 9.32
N VAL D 15 1.22 -37.92 8.75
CA VAL D 15 2.41 -37.07 8.57
C VAL D 15 2.95 -36.52 9.88
N ILE D 16 2.08 -36.27 10.84
CA ILE D 16 2.50 -35.73 12.13
C ILE D 16 3.37 -36.79 12.81
N GLU D 17 2.86 -38.01 12.81
CA GLU D 17 3.55 -39.20 13.29
C GLU D 17 4.96 -39.41 12.72
N GLU D 18 5.32 -38.68 11.66
CA GLU D 18 6.63 -38.79 11.01
C GLU D 18 7.47 -37.49 11.11
N TYR D 19 6.93 -36.41 11.68
CA TYR D 19 7.74 -35.21 12.00
C TYR D 19 7.29 -34.56 13.29
N SER D 20 8.17 -34.62 14.30
CA SER D 20 8.26 -33.64 15.40
C SER D 20 7.02 -33.52 16.29
N ASP D 30 11.46 -17.26 20.47
CA ASP D 30 12.91 -17.27 20.31
C ASP D 30 13.33 -16.20 19.28
N SER D 31 14.59 -16.23 18.82
CA SER D 31 15.25 -15.04 18.35
C SER D 31 16.30 -15.33 17.27
N TRP D 32 16.45 -14.44 16.31
CA TRP D 32 17.39 -14.69 15.24
C TRP D 32 18.85 -14.72 15.72
N LYS D 33 19.19 -14.05 16.83
CA LYS D 33 20.61 -14.01 17.29
C LYS D 33 21.13 -15.35 17.79
N SER D 34 20.22 -16.18 18.18
CA SER D 34 20.56 -17.47 18.70
C SER D 34 20.94 -18.49 17.62
N LEU D 35 20.96 -18.11 16.34
CA LEU D 35 21.44 -19.00 15.27
C LEU D 35 22.98 -18.99 15.20
N MET D 36 23.55 -18.04 15.91
CA MET D 36 24.98 -17.76 15.83
C MET D 36 25.85 -18.96 16.19
N SER D 37 25.48 -19.71 17.23
CA SER D 37 26.23 -20.91 17.62
C SER D 37 26.31 -21.78 16.41
N SER D 38 25.15 -22.17 15.90
CA SER D 38 25.09 -23.04 14.74
C SER D 38 25.83 -22.51 13.54
N ALA D 39 25.68 -21.21 13.27
CA ALA D 39 26.28 -20.62 12.08
C ALA D 39 27.79 -20.72 12.14
N LYS D 40 28.34 -20.47 13.34
CA LYS D 40 29.77 -20.63 13.61
C LYS D 40 30.28 -22.00 13.15
N ASP D 41 29.46 -23.05 13.31
CA ASP D 41 29.82 -24.42 12.98
C ASP D 41 29.19 -24.91 11.67
N THR D 42 29.02 -24.01 10.70
CA THR D 42 28.31 -24.32 9.46
C THR D 42 29.05 -23.64 8.30
N PRO D 43 29.40 -24.41 7.26
CA PRO D 43 30.14 -23.76 6.20
C PRO D 43 29.29 -22.78 5.41
N LEU D 44 29.90 -22.22 4.39
CA LEU D 44 29.32 -21.17 3.64
C LEU D 44 28.16 -21.75 2.81
N GLN D 45 27.00 -21.12 2.92
CA GLN D 45 25.83 -21.63 2.26
C GLN D 45 25.48 -20.73 1.09
N TYR D 46 24.93 -21.33 0.06
CA TYR D 46 24.41 -20.59 -1.08
C TYR D 46 22.92 -20.65 -1.08
N ASP D 47 22.34 -19.69 -1.75
CA ASP D 47 20.92 -19.55 -1.77
CA ASP D 47 20.91 -19.46 -1.83
C ASP D 47 20.30 -20.43 -2.80
N HIS D 48 20.96 -20.60 -3.93
CA HIS D 48 20.37 -21.34 -5.04
C HIS D 48 21.42 -22.15 -5.75
N MET D 49 22.25 -22.82 -4.98
CA MET D 49 23.25 -23.71 -5.53
C MET D 49 23.29 -24.83 -4.56
N ASN D 50 22.55 -25.89 -4.90
CA ASN D 50 22.45 -27.07 -4.09
C ASN D 50 23.78 -27.79 -3.86
N ARG D 51 24.06 -28.07 -2.59
CA ARG D 51 25.34 -28.61 -2.17
C ARG D 51 25.67 -29.98 -2.65
N GLU D 52 24.69 -30.88 -2.75
CA GLU D 52 24.98 -32.22 -3.27
C GLU D 52 25.24 -32.17 -4.79
N SER D 53 24.59 -31.22 -5.46
CA SER D 53 24.81 -31.06 -6.86
C SER D 53 26.20 -30.45 -7.07
N LEU D 54 26.55 -29.50 -6.23
CA LEU D 54 27.90 -28.96 -6.25
C LEU D 54 28.97 -30.05 -6.06
N LYS D 55 28.80 -30.89 -5.06
CA LYS D 55 29.85 -31.86 -4.78
C LYS D 55 29.91 -32.85 -5.90
N LYS D 56 28.79 -33.10 -6.57
CA LYS D 56 28.72 -34.06 -7.65
C LYS D 56 29.19 -33.53 -9.01
N TYR D 57 28.71 -32.37 -9.41
CA TYR D 57 28.93 -31.90 -10.77
C TYR D 57 30.01 -30.84 -10.94
N PHE D 58 30.61 -30.41 -9.83
CA PHE D 58 31.63 -29.34 -9.83
C PHE D 58 32.90 -29.78 -9.14
N ASP D 59 34.01 -29.06 -9.36
CA ASP D 59 35.30 -29.38 -8.77
C ASP D 59 35.16 -29.43 -7.26
N PRO D 60 35.93 -30.32 -6.59
CA PRO D 60 35.90 -30.30 -5.13
C PRO D 60 36.34 -28.97 -4.56
N ASN D 61 37.21 -28.24 -5.28
CA ASN D 61 37.71 -26.94 -4.84
C ASN D 61 37.23 -25.74 -5.64
N ALA D 62 36.07 -25.85 -6.28
CA ALA D 62 35.60 -24.78 -7.13
C ALA D 62 35.42 -23.54 -6.30
N GLN D 63 35.81 -22.38 -6.82
CA GLN D 63 35.31 -21.11 -6.32
C GLN D 63 33.93 -20.91 -6.87
N LEU D 64 33.02 -20.38 -6.06
CA LEU D 64 31.66 -20.03 -6.47
C LEU D 64 31.33 -18.62 -5.97
N ILE D 65 30.97 -17.71 -6.86
CA ILE D 65 30.38 -16.44 -6.44
C ILE D 65 28.95 -16.47 -6.95
N GLU D 66 28.01 -16.57 -6.05
CA GLU D 66 26.61 -16.62 -6.45
C GLU D 66 26.08 -15.22 -6.84
N ASP D 67 25.37 -15.15 -7.94
CA ASP D 67 24.81 -13.91 -8.44
C ASP D 67 25.90 -12.83 -8.51
N PRO D 68 26.99 -13.15 -9.18
CA PRO D 68 28.20 -12.33 -9.27
C PRO D 68 27.95 -10.97 -9.84
N LEU D 69 27.00 -10.83 -10.74
CA LEU D 69 26.68 -9.50 -11.28
C LEU D 69 25.59 -8.71 -10.51
N ASP D 70 25.26 -9.13 -9.28
CA ASP D 70 24.17 -8.51 -8.52
C ASP D 70 24.66 -7.46 -7.52
N LYS D 71 25.95 -7.14 -7.53
CA LYS D 71 26.50 -5.88 -6.95
C LYS D 71 27.92 -5.68 -7.48
N PRO D 72 28.39 -4.41 -7.62
CA PRO D 72 29.81 -4.35 -7.98
C PRO D 72 30.67 -4.99 -6.90
N ILE D 73 31.90 -5.30 -7.28
CA ILE D 73 32.87 -5.82 -6.37
C ILE D 73 33.07 -4.62 -5.50
N GLN D 74 33.05 -4.82 -4.18
CA GLN D 74 33.20 -3.70 -3.28
C GLN D 74 34.69 -3.50 -3.12
N TYR D 75 35.14 -2.31 -3.48
CA TYR D 75 36.54 -1.97 -3.25
C TYR D 75 36.73 -0.51 -2.92
N ARG D 76 37.90 -0.24 -2.38
CA ARG D 76 38.38 1.08 -2.18
C ARG D 76 39.79 1.10 -2.63
N VAL D 77 40.22 2.31 -2.97
CA VAL D 77 41.45 2.56 -3.68
C VAL D 77 42.38 3.20 -2.65
N CYS D 78 43.58 2.67 -2.51
CA CYS D 78 44.60 3.24 -1.65
C CYS D 78 45.08 4.62 -2.14
N GLU D 79 45.02 5.61 -1.25
CA GLU D 79 45.47 6.98 -1.57
C GLU D 79 46.96 7.06 -1.72
N LYS D 80 47.70 6.15 -1.12
CA LYS D 80 49.15 6.13 -1.30
C LYS D 80 49.56 5.62 -2.71
N CYS D 81 49.14 4.43 -3.09
CA CYS D 81 49.62 3.83 -4.37
C CYS D 81 48.55 3.67 -5.46
N GLY D 82 47.32 4.00 -5.14
CA GLY D 82 46.22 3.93 -6.10
C GLY D 82 45.62 2.55 -6.36
N LYS D 83 46.07 1.52 -5.63
CA LYS D 83 45.63 0.16 -5.92
C LYS D 83 44.18 -0.05 -5.52
N PRO D 84 43.40 -0.67 -6.41
CA PRO D 84 42.07 -1.04 -5.98
C PRO D 84 42.15 -2.23 -5.02
N LEU D 85 41.62 -2.05 -3.81
CA LEU D 85 41.68 -3.08 -2.78
C LEU D 85 40.29 -3.61 -2.41
N ALA D 86 40.16 -4.93 -2.39
CA ALA D 86 38.92 -5.56 -1.95
C ALA D 86 38.75 -5.31 -0.48
N LEU D 87 37.52 -5.29 0.00
CA LEU D 87 37.29 -5.01 1.41
C LEU D 87 38.14 -5.82 2.35
N THR D 88 38.18 -7.12 2.16
CA THR D 88 38.92 -8.00 3.05
C THR D 88 40.40 -7.96 2.80
N ALA D 89 40.91 -7.11 1.90
CA ALA D 89 42.39 -6.98 1.72
C ALA D 89 42.93 -5.64 2.22
N ILE D 90 42.07 -4.75 2.66
CA ILE D 90 42.45 -3.36 2.98
C ILE D 90 43.28 -3.35 4.24
N VAL D 91 42.82 -4.03 5.28
CA VAL D 91 43.55 -4.04 6.55
C VAL D 91 45.01 -4.37 6.30
N ASP D 92 45.17 -5.53 5.66
CA ASP D 92 46.48 -6.05 5.40
C ASP D 92 47.34 -5.08 4.64
N HIS D 93 46.75 -4.42 3.65
CA HIS D 93 47.51 -3.53 2.76
C HIS D 93 47.90 -2.24 3.47
N LEU D 94 47.23 -1.92 4.57
CA LEU D 94 47.63 -0.82 5.43
C LEU D 94 48.84 -1.19 6.33
N GLU D 95 48.81 -2.42 6.88
CA GLU D 95 49.83 -2.91 7.84
C GLU D 95 51.04 -3.60 7.21
N MET E 6 -39.14 1.97 36.06
CA MET E 6 -38.99 3.23 35.25
C MET E 6 -40.31 3.99 35.23
N SER E 7 -40.30 5.13 35.91
CA SER E 7 -41.51 5.90 36.15
C SER E 7 -41.89 6.75 34.95
N ILE E 8 -43.20 6.92 34.78
CA ILE E 8 -43.75 7.93 33.94
C ILE E 8 -44.16 9.05 34.88
N CYS E 9 -43.95 10.29 34.47
CA CYS E 9 -44.29 11.42 35.29
C CYS E 9 -45.71 11.19 35.78
N PRO E 10 -45.92 11.20 37.10
CA PRO E 10 -47.26 10.97 37.62
C PRO E 10 -48.23 12.16 37.45
N HIS E 11 -47.70 13.38 37.38
CA HIS E 11 -48.53 14.59 37.38
C HIS E 11 -49.30 14.74 36.11
N ILE E 12 -48.63 14.43 35.00
CA ILE E 12 -49.26 14.53 33.69
C ILE E 12 -50.33 13.43 33.50
N GLN E 13 -50.14 12.29 34.16
CA GLN E 13 -51.12 11.21 34.08
C GLN E 13 -52.48 11.57 34.66
N GLN E 14 -52.49 12.27 35.78
CA GLN E 14 -53.75 12.80 36.36
C GLN E 14 -54.43 13.76 35.39
N VAL E 15 -53.64 14.59 34.73
CA VAL E 15 -54.18 15.53 33.74
C VAL E 15 -54.86 14.76 32.59
N PHE E 16 -54.32 13.59 32.22
CA PHE E 16 -54.91 12.71 31.20
C PHE E 16 -56.20 11.94 31.62
N GLN E 17 -56.69 12.15 32.82
CA GLN E 17 -57.95 11.54 33.25
C GLN E 17 -59.14 12.35 32.76
N ASN E 18 -58.86 13.58 32.37
CA ASN E 18 -59.85 14.39 31.71
C ASN E 18 -59.53 14.37 30.22
N GLU E 19 -60.57 14.41 29.41
CA GLU E 19 -60.39 14.47 27.97
C GLU E 19 -60.02 15.91 27.68
N LYS E 20 -60.83 16.84 28.18
CA LYS E 20 -60.61 18.27 28.01
C LYS E 20 -59.20 18.71 28.38
N SER E 21 -58.64 18.13 29.43
CA SER E 21 -57.32 18.53 29.85
C SER E 21 -56.29 17.84 28.97
N LYS E 22 -56.60 16.63 28.51
CA LYS E 22 -55.68 15.88 27.66
C LYS E 22 -55.56 16.53 26.29
N ASP E 23 -56.71 16.72 25.66
CA ASP E 23 -56.82 17.38 24.38
C ASP E 23 -56.14 18.75 24.44
N GLY E 24 -56.35 19.49 25.51
CA GLY E 24 -55.72 20.78 25.64
C GLY E 24 -54.20 20.72 25.67
N VAL E 25 -53.66 19.76 26.42
CA VAL E 25 -52.21 19.63 26.50
C VAL E 25 -51.60 19.47 25.12
N LEU E 26 -52.17 18.55 24.34
CA LEU E 26 -51.60 18.13 23.09
C LEU E 26 -51.72 19.19 22.02
N LYS E 27 -52.85 19.87 21.97
CA LYS E 27 -53.00 20.97 21.02
C LYS E 27 -52.01 22.06 21.37
N THR E 28 -51.81 22.27 22.68
CA THR E 28 -50.81 23.24 23.11
C THR E 28 -49.37 22.82 22.73
N CYS E 29 -48.99 21.56 22.97
CA CYS E 29 -47.69 21.05 22.48
C CYS E 29 -47.51 21.24 20.95
N ASN E 30 -48.54 20.87 20.20
CA ASN E 30 -48.52 21.04 18.75
C ASN E 30 -48.43 22.51 18.34
N ALA E 31 -49.15 23.38 19.03
CA ALA E 31 -49.07 24.82 18.74
C ALA E 31 -47.65 25.38 19.02
N ALA E 32 -47.09 24.96 20.14
CA ALA E 32 -45.78 25.41 20.51
C ALA E 32 -44.80 25.02 19.44
N ARG E 33 -44.71 23.72 19.18
CA ARG E 33 -43.69 23.22 18.27
C ARG E 33 -43.90 23.83 16.91
N TYR E 34 -45.16 24.08 16.55
CA TYR E 34 -45.41 24.67 15.26
C TYR E 34 -44.83 26.08 15.22
N ILE E 35 -44.97 26.82 16.28
CA ILE E 35 -44.43 28.17 16.34
C ILE E 35 -42.90 28.16 16.30
N LEU E 36 -42.28 27.30 17.08
CA LEU E 36 -40.84 27.19 17.05
C LEU E 36 -40.33 26.88 15.65
N ASN E 37 -41.08 26.13 14.85
CA ASN E 37 -40.61 25.83 13.49
C ASN E 37 -41.05 26.81 12.42
N HIS E 38 -41.87 27.81 12.77
CA HIS E 38 -42.34 28.77 11.78
C HIS E 38 -42.26 30.20 12.30
N SER E 39 -41.21 30.52 13.03
CA SER E 39 -40.93 31.87 13.50
C SER E 39 -39.55 32.28 13.06
N VAL E 40 -39.43 33.42 12.40
CA VAL E 40 -38.12 33.94 11.95
C VAL E 40 -37.23 34.17 13.18
N PRO E 41 -35.91 34.24 12.96
CA PRO E 41 -35.04 34.29 14.12
C PRO E 41 -35.38 35.38 15.15
N LYS E 42 -35.57 36.61 14.69
CA LYS E 42 -35.83 37.72 15.60
C LYS E 42 -37.09 37.52 16.43
N GLU E 43 -38.18 37.08 15.83
CA GLU E 43 -39.37 36.85 16.66
C GLU E 43 -39.18 35.66 17.62
N LYS E 44 -38.34 34.71 17.23
CA LYS E 44 -38.13 33.51 18.02
C LYS E 44 -37.35 33.90 19.29
N PHE E 45 -36.41 34.79 19.07
CA PHE E 45 -35.52 35.21 20.12
C PHE E 45 -36.34 36.05 21.08
N LEU E 46 -37.13 36.99 20.56
CA LEU E 46 -37.85 37.93 21.45
C LEU E 46 -39.05 37.32 22.14
N ASN E 47 -39.68 36.30 21.58
CA ASN E 47 -40.93 35.84 22.16
C ASN E 47 -40.96 34.40 22.58
N THR E 48 -39.91 33.64 22.31
CA THR E 48 -39.88 32.29 22.84
C THR E 48 -38.67 32.05 23.71
N MET E 49 -37.64 32.86 23.56
CA MET E 49 -36.44 32.73 24.36
C MET E 49 -36.16 33.90 25.33
N LYS E 50 -37.12 34.81 25.46
CA LYS E 50 -37.02 35.88 26.45
C LYS E 50 -37.79 35.44 27.68
N CYS E 51 -37.17 35.65 28.84
CA CYS E 51 -37.77 35.27 30.09
C CYS E 51 -38.57 36.45 30.61
N GLY E 52 -39.81 36.19 31.03
CA GLY E 52 -40.74 37.23 31.52
C GLY E 52 -40.40 37.86 32.87
N THR E 53 -39.68 37.11 33.70
CA THR E 53 -39.19 37.64 34.96
C THR E 53 -37.95 38.51 34.70
N CYS E 54 -36.88 37.94 34.13
CA CYS E 54 -35.62 38.68 34.05
C CYS E 54 -35.36 39.41 32.72
N HIS E 55 -36.04 39.00 31.65
CA HIS E 55 -35.92 39.68 30.36
C HIS E 55 -34.64 39.33 29.59
N GLU E 56 -33.85 38.42 30.11
CA GLU E 56 -32.70 37.90 29.34
C GLU E 56 -33.14 37.00 28.19
N ILE E 57 -32.37 37.09 27.12
CA ILE E 57 -32.38 36.09 26.05
C ILE E 57 -31.50 34.90 26.46
N ASN E 58 -32.01 33.68 26.31
CA ASN E 58 -31.19 32.49 26.50
C ASN E 58 -30.58 32.42 27.92
N SER E 59 -31.35 32.77 28.94
CA SER E 59 -30.82 32.74 30.29
C SER E 59 -30.91 31.25 30.64
N GLY E 60 -30.12 30.49 29.89
CA GLY E 60 -30.37 29.06 29.73
C GLY E 60 -31.59 28.80 28.86
N ALA E 61 -32.02 27.56 28.91
CA ALA E 61 -33.21 27.14 28.22
C ALA E 61 -34.35 27.97 28.73
N THR E 62 -35.29 28.29 27.83
CA THR E 62 -36.45 29.12 28.16
C THR E 62 -37.68 28.27 27.97
N PHE E 63 -38.59 28.30 28.91
CA PHE E 63 -39.74 27.41 28.90
C PHE E 63 -41.06 28.14 28.60
N MET E 64 -41.85 27.57 27.68
CA MET E 64 -43.12 28.13 27.24
C MET E 64 -44.20 27.40 28.01
N CYS E 65 -44.92 28.12 28.88
CA CYS E 65 -45.87 27.48 29.79
C CYS E 65 -47.06 26.90 29.01
N LEU E 66 -47.43 25.69 29.42
CA LEU E 66 -48.53 24.99 28.79
C LEU E 66 -49.82 25.79 29.00
N GLN E 67 -50.00 26.35 30.19
CA GLN E 67 -51.31 26.83 30.62
C GLN E 67 -51.50 28.34 30.53
N CYS E 68 -50.47 29.09 30.16
CA CYS E 68 -50.67 30.51 29.92
C CYS E 68 -49.63 31.02 28.93
N GLY E 69 -49.55 32.34 28.74
CA GLY E 69 -48.61 32.93 27.80
C GLY E 69 -47.14 33.06 28.23
N PHE E 70 -46.87 32.78 29.49
CA PHE E 70 -45.58 33.01 30.11
C PHE E 70 -44.43 32.15 29.57
N CYS E 71 -43.28 32.81 29.40
CA CYS E 71 -41.99 32.17 29.22
C CYS E 71 -41.10 32.48 30.41
N GLY E 72 -40.50 31.42 30.99
CA GLY E 72 -39.59 31.53 32.13
C GLY E 72 -38.29 30.82 31.82
N CYS E 73 -37.16 31.38 32.26
CA CYS E 73 -35.84 30.75 32.09
C CYS E 73 -35.44 29.70 33.16
N TRP E 74 -34.37 28.97 32.86
CA TRP E 74 -33.82 27.94 33.73
C TRP E 74 -32.76 28.53 34.64
N ASN E 75 -31.80 29.27 34.09
CA ASN E 75 -30.65 29.71 34.89
C ASN E 75 -31.02 30.42 36.17
N HIS E 76 -32.12 31.17 36.19
CA HIS E 76 -32.59 31.81 37.45
C HIS E 76 -33.81 31.17 38.08
N SER E 77 -34.19 29.99 37.58
CA SER E 77 -35.34 29.27 38.06
C SER E 77 -36.62 30.12 38.06
N HIS E 78 -36.79 30.92 37.01
CA HIS E 78 -38.02 31.70 36.86
C HIS E 78 -39.20 30.94 36.28
N PHE E 79 -38.96 29.87 35.56
CA PHE E 79 -40.10 28.98 35.36
C PHE E 79 -40.38 28.16 36.62
N LEU E 80 -39.33 27.81 37.36
CA LEU E 80 -39.56 27.12 38.64
C LEU E 80 -40.54 27.97 39.45
N SER E 81 -40.20 29.22 39.71
CA SER E 81 -41.12 30.13 40.43
C SER E 81 -42.54 30.12 39.85
N HIS E 82 -42.64 30.26 38.55
CA HIS E 82 -43.94 30.35 37.93
C HIS E 82 -44.72 29.14 38.31
N SER E 83 -44.06 27.99 38.24
CA SER E 83 -44.71 26.73 38.54
C SER E 83 -45.31 26.77 39.95
N LYS E 84 -44.56 27.32 40.89
CA LYS E 84 -44.98 27.37 42.28
C LYS E 84 -46.03 28.43 42.58
N GLN E 85 -45.97 29.58 41.89
CA GLN E 85 -46.83 30.73 42.24
C GLN E 85 -48.22 30.61 41.63
N ILE E 86 -48.26 30.19 40.37
CA ILE E 86 -49.49 30.08 39.59
C ILE E 86 -49.92 28.59 39.51
N GLY E 87 -49.05 27.68 39.89
CA GLY E 87 -49.42 26.27 39.87
C GLY E 87 -49.39 25.72 38.47
N HIS E 88 -48.53 26.29 37.63
CA HIS E 88 -48.34 25.82 36.26
C HIS E 88 -47.01 25.02 36.19
N ILE E 89 -47.09 23.71 36.30
CA ILE E 89 -45.91 22.85 36.49
C ILE E 89 -45.32 22.25 35.20
N PHE E 90 -45.96 22.50 34.07
CA PHE E 90 -45.45 22.01 32.81
C PHE E 90 -44.94 23.16 31.92
N GLY E 91 -43.79 22.98 31.28
CA GLY E 91 -43.24 23.99 30.35
C GLY E 91 -42.55 23.41 29.12
N ILE E 92 -42.67 24.09 27.97
CA ILE E 92 -41.94 23.71 26.73
C ILE E 92 -40.64 24.46 26.43
N ASN E 93 -39.55 23.71 26.28
CA ASN E 93 -38.23 24.29 25.95
C ASN E 93 -38.23 24.72 24.52
N SER E 94 -38.05 26.02 24.31
CA SER E 94 -38.12 26.62 23.00
C SER E 94 -36.91 26.43 22.06
N ASN E 95 -35.87 25.75 22.50
CA ASN E 95 -34.81 25.29 21.60
C ASN E 95 -35.16 23.91 21.04
N ASN E 96 -35.94 23.10 21.75
CA ASN E 96 -36.16 21.74 21.28
C ASN E 96 -37.57 21.23 21.29
N GLY E 97 -38.53 22.03 21.73
CA GLY E 97 -39.91 21.54 21.87
C GLY E 97 -40.19 20.51 22.96
N LEU E 98 -39.24 20.26 23.84
CA LEU E 98 -39.40 19.21 24.86
C LEU E 98 -40.21 19.67 26.09
N LEU E 99 -40.93 18.75 26.72
CA LEU E 99 -41.84 19.08 27.86
C LEU E 99 -41.26 18.67 29.21
N PHE E 100 -41.02 19.66 30.06
CA PHE E 100 -40.44 19.45 31.37
C PHE E 100 -41.49 19.60 32.46
N CYS E 101 -41.48 18.68 33.45
CA CYS E 101 -42.35 18.77 34.62
C CYS E 101 -41.57 19.36 35.74
N PHE E 102 -42.03 20.50 36.25
CA PHE E 102 -41.25 21.18 37.25
C PHE E 102 -41.45 20.62 38.66
N LYS E 103 -42.41 19.70 38.84
CA LYS E 103 -42.60 18.93 40.10
C LYS E 103 -41.80 17.63 40.11
N CYS E 104 -41.51 17.09 38.93
CA CYS E 104 -40.60 15.94 38.73
C CYS E 104 -39.18 16.40 38.60
N GLU E 105 -39.01 17.67 38.23
CA GLU E 105 -37.71 18.23 37.86
C GLU E 105 -37.02 17.36 36.84
N ASP E 106 -37.76 17.00 35.79
CA ASP E 106 -37.21 16.22 34.70
C ASP E 106 -38.03 16.50 33.46
N TYR E 107 -37.56 16.01 32.30
CA TYR E 107 -38.38 16.07 31.10
C TYR E 107 -39.27 14.85 31.01
N ILE E 108 -40.43 15.04 30.39
CA ILE E 108 -41.29 13.94 30.07
C ILE E 108 -40.97 13.57 28.62
N GLY E 109 -40.11 12.57 28.46
CA GLY E 109 -39.76 12.06 27.15
C GLY E 109 -40.15 10.60 26.92
N ASN E 110 -40.83 9.95 27.87
CA ASN E 110 -41.23 8.55 27.64
C ASN E 110 -42.71 8.28 27.39
N ILE E 111 -43.45 9.33 27.00
CA ILE E 111 -44.86 9.19 26.61
C ILE E 111 -45.02 9.36 25.09
N ASP E 112 -45.20 8.23 24.41
CA ASP E 112 -45.38 8.21 22.98
C ASP E 112 -46.40 9.28 22.50
N LEU E 113 -47.50 9.44 23.20
CA LEU E 113 -48.53 10.33 22.72
C LEU E 113 -48.08 11.81 22.71
N ILE E 114 -47.16 12.15 23.60
CA ILE E 114 -46.61 13.52 23.65
C ILE E 114 -45.49 13.68 22.65
N ASN E 115 -44.58 12.71 22.61
CA ASN E 115 -43.56 12.72 21.57
C ASN E 115 -44.19 12.74 20.18
N ASP E 116 -45.35 12.11 19.98
CA ASP E 116 -45.90 11.91 18.65
C ASP E 116 -47.20 12.67 18.54
N ALA E 117 -47.21 13.82 19.18
CA ALA E 117 -48.45 14.57 19.43
C ALA E 117 -49.14 15.01 18.14
N ILE E 118 -48.38 15.14 17.08
CA ILE E 118 -48.99 15.45 15.80
C ILE E 118 -49.97 14.36 15.36
N LEU E 119 -49.95 13.17 15.96
CA LEU E 119 -50.93 12.15 15.61
C LEU E 119 -51.93 11.99 16.73
N ALA E 120 -52.13 13.05 17.50
CA ALA E 120 -53.03 13.01 18.65
C ALA E 120 -54.42 12.64 18.20
N LYS E 121 -54.87 13.25 17.12
CA LYS E 121 -56.23 13.03 16.66
C LYS E 121 -56.48 11.58 16.25
N TYR E 122 -55.43 10.84 15.91
CA TYR E 122 -55.55 9.50 15.33
C TYR E 122 -55.04 8.41 16.27
N TRP E 123 -54.81 8.78 17.52
CA TRP E 123 -54.07 7.92 18.42
C TRP E 123 -54.60 6.54 18.79
N ASP E 124 -55.92 6.36 18.82
CA ASP E 124 -56.48 5.04 19.19
C ASP E 124 -56.13 4.04 18.10
N ASP E 125 -56.08 4.52 16.85
CA ASP E 125 -55.70 3.68 15.72
C ASP E 125 -54.20 3.43 15.77
N VAL E 126 -53.43 4.51 15.96
CA VAL E 126 -51.97 4.43 15.95
C VAL E 126 -51.48 3.50 17.02
N CYS E 127 -51.89 3.79 18.26
CA CYS E 127 -51.41 2.99 19.37
C CYS E 127 -51.86 1.52 19.24
N THR E 128 -53.00 1.23 18.59
CA THR E 128 -53.43 -0.19 18.45
C THR E 128 -52.85 -0.88 17.23
N LYS E 129 -52.66 -0.15 16.14
CA LYS E 129 -52.31 -0.78 14.87
C LYS E 129 -50.84 -0.66 14.53
N THR E 130 -50.13 0.22 15.22
CA THR E 130 -48.68 0.22 15.13
C THR E 130 -48.02 -0.09 16.47
N MET E 131 -46.82 -0.66 16.41
CA MET E 131 -45.96 -0.92 17.55
C MET E 131 -44.68 -0.10 17.46
N VAL E 132 -44.16 0.22 18.64
CA VAL E 132 -42.83 0.71 18.79
C VAL E 132 -41.86 -0.32 18.22
N PRO E 133 -40.75 0.15 17.65
CA PRO E 133 -39.79 -0.78 17.04
C PRO E 133 -39.20 -1.69 18.09
N SER E 134 -38.78 -2.88 17.68
CA SER E 134 -38.20 -3.84 18.61
C SER E 134 -36.75 -3.47 18.87
N MET E 135 -36.28 -3.82 20.06
CA MET E 135 -35.00 -3.31 20.60
C MET E 135 -33.86 -3.61 19.65
N GLU E 136 -33.82 -4.83 19.15
CA GLU E 136 -32.80 -5.29 18.27
C GLU E 136 -32.86 -4.49 16.99
N ARG E 137 -34.04 -3.96 16.62
CA ARG E 137 -34.22 -3.40 15.28
C ARG E 137 -34.20 -1.84 15.19
N ARG E 138 -34.28 -1.13 16.29
CA ARG E 138 -34.54 0.33 16.22
C ARG E 138 -33.53 1.21 15.53
N ASP E 139 -32.34 0.68 15.24
CA ASP E 139 -31.30 1.42 14.54
C ASP E 139 -30.94 0.65 13.29
N GLY E 140 -31.69 -0.39 12.99
CA GLY E 140 -31.44 -1.09 11.73
C GLY E 140 -30.12 -1.82 11.65
N LEU E 141 -29.47 -2.01 12.79
CA LEU E 141 -28.15 -2.63 12.83
C LEU E 141 -28.24 -4.05 12.49
N SER E 142 -27.58 -4.47 11.45
CA SER E 142 -27.46 -5.89 11.19
C SER E 142 -26.41 -6.11 10.12
N GLY E 143 -25.95 -7.35 10.05
CA GLY E 143 -24.94 -7.75 9.14
C GLY E 143 -25.58 -8.08 7.83
N LEU E 144 -24.81 -7.95 6.76
CA LEU E 144 -25.13 -8.51 5.49
C LEU E 144 -24.07 -9.52 5.23
N ILE E 145 -24.49 -10.75 4.99
CA ILE E 145 -23.59 -11.88 4.82
C ILE E 145 -22.91 -11.84 3.46
N ASN E 146 -21.59 -12.01 3.44
CA ASN E 146 -20.87 -12.09 2.17
C ASN E 146 -21.27 -13.34 1.45
N MET E 147 -22.06 -13.18 0.41
CA MET E 147 -22.52 -14.31 -0.33
C MET E 147 -21.58 -14.66 -1.47
N GLY E 148 -20.36 -14.15 -1.44
CA GLY E 148 -19.37 -14.45 -2.49
C GLY E 148 -18.94 -13.21 -3.24
N SER E 149 -17.97 -12.49 -2.65
CA SER E 149 -17.36 -11.28 -3.23
C SER E 149 -18.37 -10.15 -3.31
N THR E 150 -19.30 -10.11 -2.36
CA THR E 150 -20.41 -9.14 -2.35
C THR E 150 -20.19 -7.97 -1.37
N CYS E 151 -19.02 -7.88 -0.74
CA CYS E 151 -18.78 -6.83 0.23
C CYS E 151 -18.70 -5.45 -0.42
N PHE E 152 -18.31 -5.39 -1.70
CA PHE E 152 -18.41 -4.16 -2.46
C PHE E 152 -19.88 -3.68 -2.60
N MET E 153 -20.87 -4.56 -2.40
CA MET E 153 -22.27 -4.17 -2.40
C MET E 153 -22.83 -3.96 -0.99
N SER E 154 -22.54 -4.86 -0.07
CA SER E 154 -23.09 -4.69 1.27
C SER E 154 -22.53 -3.43 1.95
N SER E 155 -21.32 -3.04 1.59
CA SER E 155 -20.70 -1.90 2.21
C SER E 155 -21.41 -0.59 1.79
N ILE E 156 -21.82 -0.51 0.52
CA ILE E 156 -22.57 0.63 0.01
C ILE E 156 -23.97 0.61 0.62
N LEU E 157 -24.52 -0.59 0.73
CA LEU E 157 -25.85 -0.76 1.25
C LEU E 157 -25.94 -0.32 2.66
N GLN E 158 -24.91 -0.59 3.44
CA GLN E 158 -24.96 -0.19 4.84
C GLN E 158 -24.97 1.32 4.92
N CYS E 159 -24.23 2.00 4.05
CA CYS E 159 -24.15 3.46 4.12
C CYS E 159 -25.48 4.08 3.68
N LEU E 160 -26.15 3.39 2.78
CA LEU E 160 -27.45 3.87 2.29
C LEU E 160 -28.54 3.60 3.32
N ILE E 161 -28.54 2.44 3.94
CA ILE E 161 -29.61 2.20 4.90
C ILE E 161 -29.32 2.90 6.22
N HIS E 162 -28.12 3.43 6.38
CA HIS E 162 -27.93 4.36 7.47
C HIS E 162 -27.95 5.81 7.07
N ASN E 163 -28.28 6.08 5.83
CA ASN E 163 -28.48 7.47 5.43
C ASN E 163 -29.88 8.00 5.85
N PRO E 164 -29.91 9.00 6.72
CA PRO E 164 -31.19 9.55 7.17
C PRO E 164 -32.11 10.05 6.07
N TYR E 165 -31.55 10.51 4.95
CA TYR E 165 -32.41 10.95 3.85
C TYR E 165 -33.04 9.75 3.19
N PHE E 166 -32.26 8.68 3.01
CA PHE E 166 -32.79 7.50 2.37
C PHE E 166 -33.79 6.76 3.27
N ILE E 167 -33.44 6.62 4.52
CA ILE E 167 -34.36 6.05 5.48
C ILE E 167 -35.68 6.84 5.57
N ARG E 168 -35.58 8.15 5.69
CA ARG E 168 -36.80 8.93 5.73
C ARG E 168 -37.63 8.65 4.48
N HIS E 169 -36.98 8.63 3.31
CA HIS E 169 -37.68 8.38 2.04
C HIS E 169 -38.38 7.06 2.04
N SER E 170 -37.64 6.02 2.45
CA SER E 170 -38.19 4.67 2.46
C SER E 170 -39.40 4.54 3.45
N MET E 171 -39.21 4.98 4.67
CA MET E 171 -40.23 4.83 5.67
C MET E 171 -41.40 5.73 5.43
N SER E 172 -41.23 6.78 4.65
CA SER E 172 -42.34 7.62 4.26
C SER E 172 -43.17 6.98 3.18
N GLN E 173 -42.75 5.84 2.62
CA GLN E 173 -43.55 5.08 1.63
C GLN E 173 -43.70 5.71 0.26
N ILE E 174 -42.93 6.75 0.01
CA ILE E 174 -42.97 7.49 -1.24
C ILE E 174 -42.86 6.53 -2.41
N HIS E 175 -41.84 5.69 -2.37
CA HIS E 175 -41.65 4.78 -3.42
C HIS E 175 -42.75 3.75 -3.44
N SER E 176 -43.06 3.17 -2.30
CA SER E 176 -44.01 2.07 -2.25
C SER E 176 -45.39 2.44 -2.78
N ASN E 177 -45.83 3.66 -2.49
CA ASN E 177 -47.13 4.12 -2.99
C ASN E 177 -47.19 4.39 -4.49
N ASN E 178 -46.06 4.80 -5.09
CA ASN E 178 -46.01 5.24 -6.47
C ASN E 178 -45.39 4.26 -7.43
N CYS E 179 -44.86 3.14 -6.92
CA CYS E 179 -44.23 2.13 -7.77
C CYS E 179 -45.22 1.36 -8.65
N LYS E 180 -44.95 1.28 -9.96
CA LYS E 180 -45.78 0.53 -10.90
C LYS E 180 -45.41 -0.94 -11.04
N VAL E 181 -44.19 -1.32 -10.66
CA VAL E 181 -43.73 -2.71 -10.74
C VAL E 181 -44.09 -3.50 -9.48
N ARG E 182 -44.09 -2.83 -8.34
CA ARG E 182 -44.59 -3.35 -7.05
C ARG E 182 -44.19 -4.76 -6.64
N SER E 183 -42.98 -5.22 -6.96
CA SER E 183 -42.49 -6.47 -6.37
C SER E 183 -40.97 -6.46 -6.29
N PRO E 184 -40.43 -7.06 -5.22
CA PRO E 184 -39.00 -6.87 -4.92
C PRO E 184 -37.95 -7.64 -5.75
N ASP E 185 -38.39 -8.40 -6.75
CA ASP E 185 -37.46 -9.21 -7.58
C ASP E 185 -37.11 -8.51 -8.89
N LYS E 186 -37.64 -7.31 -9.06
CA LYS E 186 -37.60 -6.64 -10.34
C LYS E 186 -37.14 -5.20 -10.14
N CYS E 187 -37.79 -4.55 -9.18
CA CYS E 187 -37.53 -3.18 -8.86
C CYS E 187 -36.48 -3.08 -7.76
N PHE E 188 -35.36 -2.47 -8.08
CA PHE E 188 -34.31 -2.22 -7.10
C PHE E 188 -34.92 -1.50 -5.94
N SER E 189 -35.60 -0.40 -6.22
CA SER E 189 -36.18 0.41 -5.18
C SER E 189 -37.05 -0.42 -4.22
N CYS E 190 -37.86 -1.33 -4.76
CA CYS E 190 -38.66 -2.25 -3.92
C CYS E 190 -37.79 -3.17 -3.08
N ALA E 191 -36.67 -3.59 -3.63
CA ALA E 191 -35.74 -4.45 -2.90
C ALA E 191 -35.07 -3.69 -1.75
N LEU E 192 -34.68 -2.45 -2.00
CA LEU E 192 -34.18 -1.61 -0.92
C LEU E 192 -35.21 -1.46 0.17
N ASP E 193 -36.44 -1.15 -0.22
CA ASP E 193 -37.56 -1.04 0.75
C ASP E 193 -37.70 -2.26 1.61
N LYS E 194 -37.54 -3.42 1.00
CA LYS E 194 -37.53 -4.68 1.70
C LYS E 194 -36.45 -4.76 2.79
N ILE E 195 -35.25 -4.33 2.44
CA ILE E 195 -34.11 -4.28 3.39
C ILE E 195 -34.38 -3.37 4.56
N VAL E 196 -34.90 -2.19 4.27
CA VAL E 196 -35.28 -1.26 5.31
C VAL E 196 -36.31 -1.93 6.19
N HIS E 197 -37.29 -2.58 5.56
CA HIS E 197 -38.32 -3.36 6.24
C HIS E 197 -37.73 -4.37 7.22
N GLU E 198 -36.78 -5.18 6.74
CA GLU E 198 -36.14 -6.25 7.57
C GLU E 198 -35.35 -5.72 8.76
N LEU E 199 -34.51 -4.76 8.47
CA LEU E 199 -33.61 -4.19 9.46
C LEU E 199 -34.27 -3.27 10.47
N TYR E 200 -35.29 -2.51 10.05
CA TYR E 200 -35.93 -1.62 10.98
C TYR E 200 -37.31 -2.09 11.52
N GLY E 201 -37.98 -2.98 10.80
CA GLY E 201 -39.31 -3.43 11.20
C GLY E 201 -39.39 -4.91 11.55
N ALA E 202 -40.57 -5.48 11.34
CA ALA E 202 -40.81 -6.82 11.84
C ALA E 202 -41.07 -7.78 10.71
N LEU E 203 -40.59 -9.01 10.92
CA LEU E 203 -41.00 -10.24 10.24
C LEU E 203 -41.20 -10.01 8.73
N ASN E 204 -40.28 -9.21 8.16
CA ASN E 204 -40.31 -8.84 6.75
C ASN E 204 -41.72 -8.85 6.18
N THR E 215 -29.08 -16.91 8.39
CA THR E 215 -29.71 -16.08 7.36
C THR E 215 -30.78 -15.16 7.90
N ASN E 216 -30.55 -14.57 9.06
CA ASN E 216 -31.50 -13.62 9.59
C ASN E 216 -31.29 -12.28 8.89
N ARG E 217 -32.39 -11.68 8.40
CA ARG E 217 -32.43 -10.33 7.80
C ARG E 217 -31.60 -10.17 6.49
N GLN E 218 -31.84 -11.10 5.57
CA GLN E 218 -31.09 -11.21 4.32
C GLN E 218 -31.93 -11.28 3.04
N THR E 219 -33.26 -11.51 3.19
CA THR E 219 -34.17 -11.68 2.07
C THR E 219 -34.18 -10.45 1.14
N GLY E 220 -34.29 -9.26 1.74
CA GLY E 220 -34.04 -8.01 1.02
C GLY E 220 -32.76 -7.99 0.20
N PHE E 221 -31.60 -8.07 0.88
CA PHE E 221 -30.30 -8.20 0.17
C PHE E 221 -30.34 -9.19 -1.00
N ILE E 222 -30.90 -10.38 -0.78
CA ILE E 222 -30.99 -11.41 -1.85
C ILE E 222 -31.83 -10.93 -3.02
N TYR E 223 -32.94 -10.28 -2.72
CA TYR E 223 -33.76 -9.73 -3.78
C TYR E 223 -32.99 -8.65 -4.57
N LEU E 224 -32.21 -7.84 -3.87
CA LEU E 224 -31.36 -6.89 -4.56
C LEU E 224 -30.30 -7.52 -5.50
N LEU E 225 -29.69 -8.63 -5.08
CA LEU E 225 -28.75 -9.35 -5.97
C LEU E 225 -29.43 -9.81 -7.24
N THR E 226 -30.62 -10.33 -7.07
CA THR E 226 -31.45 -10.81 -8.17
C THR E 226 -31.82 -9.76 -9.21
N CYS E 227 -32.36 -8.64 -8.73
CA CYS E 227 -32.63 -7.52 -9.60
C CYS E 227 -31.37 -7.22 -10.35
N ALA E 228 -30.28 -7.16 -9.60
CA ALA E 228 -28.99 -6.82 -10.12
C ALA E 228 -28.62 -7.69 -11.29
N TRP E 229 -28.71 -9.00 -11.14
CA TRP E 229 -28.43 -9.93 -12.25
C TRP E 229 -29.17 -9.56 -13.55
N LYS E 230 -30.45 -9.23 -13.47
CA LYS E 230 -31.20 -8.86 -14.69
C LYS E 230 -30.73 -7.55 -15.35
N ILE E 231 -29.71 -6.89 -14.79
CA ILE E 231 -29.03 -5.73 -15.41
C ILE E 231 -29.97 -4.52 -15.48
N GLN E 241 -16.45 -5.08 -9.38
CA GLN E 241 -16.27 -5.35 -7.97
C GLN E 241 -15.76 -4.10 -7.23
N ASP E 242 -15.96 -2.94 -7.86
CA ASP E 242 -15.55 -1.66 -7.30
C ASP E 242 -16.73 -1.04 -6.59
N ALA E 243 -16.55 -0.71 -5.32
CA ALA E 243 -17.64 -0.21 -4.50
C ALA E 243 -18.13 1.09 -5.07
N HIS E 244 -17.23 1.94 -5.56
CA HIS E 244 -17.66 3.22 -6.17
C HIS E 244 -18.60 3.00 -7.36
N GLU E 245 -18.25 2.02 -8.19
CA GLU E 245 -19.09 1.74 -9.33
C GLU E 245 -20.45 1.28 -8.87
N PHE E 246 -20.52 0.44 -7.85
CA PHE E 246 -21.82 -0.06 -7.45
C PHE E 246 -22.72 1.05 -6.83
N TRP E 247 -22.09 1.95 -6.07
CA TRP E 247 -22.74 3.17 -5.58
C TRP E 247 -23.44 3.93 -6.71
N GLN E 248 -22.71 4.22 -7.77
CA GLN E 248 -23.31 4.85 -8.94
C GLN E 248 -24.40 3.97 -9.53
N PHE E 249 -24.12 2.70 -9.60
CA PHE E 249 -25.10 1.79 -10.17
C PHE E 249 -26.41 1.92 -9.42
N ILE E 250 -26.34 1.74 -8.11
CA ILE E 250 -27.53 1.75 -7.28
C ILE E 250 -28.27 3.09 -7.27
N ILE E 251 -27.56 4.21 -7.21
CA ILE E 251 -28.31 5.44 -7.20
C ILE E 251 -28.89 5.71 -8.59
N ASN E 252 -28.21 5.29 -9.64
CA ASN E 252 -28.84 5.38 -10.93
C ASN E 252 -30.14 4.54 -11.03
N GLN E 253 -30.18 3.37 -10.38
CA GLN E 253 -31.39 2.58 -10.45
C GLN E 253 -32.53 3.27 -9.74
N ILE E 254 -32.25 3.79 -8.55
CA ILE E 254 -33.24 4.58 -7.82
C ILE E 254 -33.80 5.68 -8.73
N HIS E 255 -32.95 6.47 -9.41
CA HIS E 255 -33.42 7.45 -10.35
C HIS E 255 -34.32 6.85 -11.44
N GLN E 256 -33.94 5.71 -11.99
CA GLN E 256 -34.69 5.10 -13.08
C GLN E 256 -36.07 4.66 -12.66
N SER E 257 -36.18 4.08 -11.48
CA SER E 257 -37.46 3.62 -11.05
C SER E 257 -38.38 4.81 -10.82
N TYR E 258 -37.85 5.89 -10.26
CA TYR E 258 -38.62 7.13 -10.15
C TYR E 258 -39.08 7.66 -11.50
N VAL E 259 -38.21 7.62 -12.50
CA VAL E 259 -38.59 8.12 -13.80
C VAL E 259 -39.74 7.31 -14.39
N LEU E 260 -39.59 6.00 -14.28
CA LEU E 260 -40.59 5.01 -14.72
C LEU E 260 -41.92 5.18 -13.99
N ASP E 261 -41.91 5.75 -12.80
CA ASP E 261 -43.13 5.92 -12.05
C ASP E 261 -43.87 7.22 -12.35
N LEU E 262 -43.36 8.02 -13.26
CA LEU E 262 -43.94 9.30 -13.53
C LEU E 262 -45.24 9.12 -14.35
N PRO E 263 -46.14 10.13 -14.34
CA PRO E 263 -47.46 10.00 -14.97
C PRO E 263 -47.53 10.35 -16.43
N ASN E 264 -46.54 11.04 -17.00
CA ASN E 264 -46.63 11.39 -18.43
C ASN E 264 -45.27 11.69 -19.05
N ALA E 265 -45.28 11.83 -20.37
CA ALA E 265 -44.05 11.98 -21.12
C ALA E 265 -43.42 13.34 -20.83
N LYS E 266 -44.24 14.32 -20.44
CA LYS E 266 -43.74 15.65 -20.10
C LYS E 266 -42.87 15.52 -18.87
N GLU E 267 -43.41 14.97 -17.77
CA GLU E 267 -42.63 14.85 -16.55
C GLU E 267 -41.39 13.97 -16.78
N VAL E 268 -41.60 12.87 -17.51
CA VAL E 268 -40.51 11.95 -17.87
C VAL E 268 -39.38 12.64 -18.66
N SER E 269 -39.76 13.43 -19.63
CA SER E 269 -38.77 14.18 -20.44
C SER E 269 -37.91 15.17 -19.60
N ARG E 270 -38.54 15.95 -18.70
CA ARG E 270 -37.84 16.79 -17.74
C ARG E 270 -36.88 16.00 -16.84
N ALA E 271 -37.40 14.91 -16.29
CA ALA E 271 -36.60 14.06 -15.42
C ALA E 271 -35.37 13.42 -16.11
N ASN E 272 -35.44 13.20 -17.42
CA ASN E 272 -34.27 12.71 -18.18
C ASN E 272 -33.34 13.81 -18.67
N ASN E 273 -33.75 15.09 -18.53
CA ASN E 273 -33.04 16.24 -19.11
C ASN E 273 -32.78 17.31 -18.07
N LYS E 274 -32.10 16.88 -17.01
CA LYS E 274 -31.51 17.74 -15.95
C LYS E 274 -32.48 18.46 -15.00
N GLN E 275 -33.74 18.05 -14.97
CA GLN E 275 -34.69 18.66 -14.03
C GLN E 275 -35.46 17.67 -13.16
N CYS E 276 -34.81 16.56 -12.80
CA CYS E 276 -35.44 15.55 -11.97
C CYS E 276 -35.54 15.92 -10.51
N GLU E 277 -36.63 15.53 -9.88
CA GLU E 277 -36.81 15.82 -8.48
C GLU E 277 -36.83 14.57 -7.63
N CYS E 278 -36.21 13.49 -8.07
CA CYS E 278 -36.20 12.23 -7.24
C CYS E 278 -35.28 12.39 -6.02
N ILE E 279 -35.24 11.38 -5.19
CA ILE E 279 -34.45 11.40 -3.92
C ILE E 279 -32.98 11.56 -4.25
N VAL E 280 -32.57 10.99 -5.36
CA VAL E 280 -31.18 11.01 -5.74
C VAL E 280 -30.84 12.45 -6.13
N HIS E 281 -31.70 13.06 -6.93
CA HIS E 281 -31.43 14.38 -7.52
C HIS E 281 -31.73 15.55 -6.64
N THR E 282 -32.40 15.36 -5.51
CA THR E 282 -32.59 16.42 -4.55
C THR E 282 -31.80 16.17 -3.27
N VAL E 283 -31.05 15.05 -3.22
CA VAL E 283 -30.17 14.73 -2.07
C VAL E 283 -28.68 14.65 -2.37
N PHE E 284 -28.32 13.88 -3.38
CA PHE E 284 -26.91 13.61 -3.65
C PHE E 284 -26.26 14.37 -4.74
N GLU E 285 -27.01 15.15 -5.51
CA GLU E 285 -26.39 15.80 -6.64
C GLU E 285 -26.07 17.27 -6.37
N GLY E 286 -24.86 17.69 -6.78
CA GLY E 286 -24.38 19.07 -6.83
C GLY E 286 -23.98 19.45 -8.24
N SER E 287 -23.29 20.56 -8.38
CA SER E 287 -22.78 20.87 -9.69
C SER E 287 -21.53 21.65 -9.57
N LEU E 288 -20.69 21.47 -10.59
CA LEU E 288 -19.45 22.21 -10.68
C LEU E 288 -19.63 23.35 -11.62
N GLU E 289 -18.86 24.38 -11.38
CA GLU E 289 -18.84 25.51 -12.28
C GLU E 289 -17.44 25.45 -12.90
N SER E 290 -17.39 25.60 -14.22
CA SER E 290 -16.15 25.41 -14.95
C SER E 290 -15.90 26.67 -15.74
N SER E 291 -14.74 27.26 -15.44
CA SER E 291 -14.32 28.54 -16.00
C SER E 291 -13.15 28.38 -17.00
N ILE E 292 -13.36 28.75 -18.27
CA ILE E 292 -12.31 28.75 -19.30
C ILE E 292 -12.34 30.04 -20.12
N SER E 301 -14.58 33.58 -22.56
CA SER E 301 -15.35 32.42 -22.97
C SER E 301 -16.24 31.90 -21.81
N LYS E 302 -16.92 30.77 -22.02
CA LYS E 302 -18.17 30.45 -21.30
C LYS E 302 -18.09 29.66 -19.98
N THR E 303 -19.12 29.86 -19.16
CA THR E 303 -19.34 29.10 -17.93
C THR E 303 -20.14 27.83 -18.19
N THR E 304 -19.50 26.69 -17.92
CA THR E 304 -20.13 25.38 -18.05
C THR E 304 -20.44 24.89 -16.66
N ILE E 305 -21.58 24.23 -16.52
CA ILE E 305 -22.03 23.65 -15.27
C ILE E 305 -22.27 22.14 -15.39
N ASP E 306 -21.60 21.39 -14.53
CA ASP E 306 -21.49 19.95 -14.64
C ASP E 306 -22.04 19.28 -13.38
N PRO E 307 -23.14 18.58 -13.51
CA PRO E 307 -23.61 17.83 -12.33
C PRO E 307 -22.59 16.80 -11.87
N PHE E 308 -22.50 16.62 -10.57
CA PHE E 308 -21.77 15.47 -10.03
C PHE E 308 -22.65 14.79 -9.02
N LEU E 309 -22.42 13.51 -8.82
CA LEU E 309 -23.10 12.75 -7.77
C LEU E 309 -22.12 12.46 -6.62
N ASP E 310 -20.82 12.48 -6.92
CA ASP E 310 -19.77 12.52 -5.92
C ASP E 310 -18.57 13.29 -6.50
N LEU E 311 -17.55 13.54 -5.70
CA LEU E 311 -16.35 14.17 -6.18
C LEU E 311 -15.18 13.18 -6.04
N SER E 312 -14.48 12.92 -7.16
CA SER E 312 -13.32 12.04 -7.19
C SER E 312 -12.07 12.85 -7.10
N LEU E 313 -11.36 12.67 -6.00
CA LEU E 313 -10.14 13.38 -5.72
C LEU E 313 -8.88 12.47 -5.84
N ASP E 314 -7.81 13.15 -6.25
CA ASP E 314 -6.47 12.59 -6.31
CA ASP E 314 -6.46 12.56 -6.31
C ASP E 314 -5.86 12.72 -4.93
N ILE E 315 -5.19 11.70 -4.46
CA ILE E 315 -4.57 11.78 -3.15
C ILE E 315 -3.04 11.77 -3.21
N LYS E 316 -2.47 11.59 -4.39
CA LYS E 316 -1.04 11.48 -4.53
C LYS E 316 -0.32 12.69 -3.93
N ASP E 317 0.68 12.43 -3.10
CA ASP E 317 1.46 13.45 -2.43
C ASP E 317 0.63 14.37 -1.50
N LYS E 318 -0.59 13.96 -1.15
CA LYS E 318 -1.42 14.70 -0.21
C LYS E 318 -1.48 13.92 1.09
N LYS E 319 -1.70 14.61 2.18
CA LYS E 319 -1.92 13.95 3.45
C LYS E 319 -3.23 14.37 4.11
N LYS E 320 -4.01 15.25 3.49
CA LYS E 320 -5.19 15.83 4.12
C LYS E 320 -6.23 16.07 3.07
N LEU E 321 -7.47 15.77 3.46
CA LEU E 321 -8.61 15.87 2.57
C LEU E 321 -8.74 17.32 2.12
N TYR E 322 -8.54 18.28 3.01
CA TYR E 322 -8.53 19.70 2.60
C TYR E 322 -7.50 20.00 1.53
N GLU E 323 -6.32 19.39 1.60
CA GLU E 323 -5.32 19.53 0.53
C GLU E 323 -5.86 19.02 -0.79
N CYS E 324 -6.53 17.85 -0.76
CA CYS E 324 -7.07 17.23 -1.97
C CYS E 324 -8.10 18.13 -2.61
N LEU E 325 -8.94 18.70 -1.76
CA LEU E 325 -9.90 19.70 -2.19
C LEU E 325 -9.23 20.96 -2.73
N ASP E 326 -8.14 21.44 -2.12
CA ASP E 326 -7.50 22.68 -2.61
C ASP E 326 -6.97 22.42 -4.01
N SER E 327 -6.51 21.20 -4.23
CA SER E 327 -6.00 20.83 -5.53
C SER E 327 -7.14 21.03 -6.53
N PHE E 328 -8.26 20.40 -6.27
CA PHE E 328 -9.47 20.62 -7.04
C PHE E 328 -9.72 22.10 -7.33
N HIS E 329 -9.64 22.97 -6.33
CA HIS E 329 -10.06 24.36 -6.56
C HIS E 329 -9.04 25.26 -7.27
N LYS E 330 -7.74 24.94 -7.23
CA LYS E 330 -6.69 25.94 -7.59
C LYS E 330 -6.69 26.35 -9.06
N LYS E 331 -6.25 27.58 -9.33
CA LYS E 331 -6.05 28.03 -10.72
C LYS E 331 -4.95 27.21 -11.39
N GLU E 332 -5.00 27.14 -12.73
CA GLU E 332 -4.08 26.27 -13.47
C GLU E 332 -3.91 26.72 -14.89
N ILE E 351 -6.04 29.17 -18.96
CA ILE E 351 -6.34 29.14 -17.52
C ILE E 351 -7.77 28.67 -17.17
N LYS E 352 -7.86 27.45 -16.66
CA LYS E 352 -9.13 26.88 -16.21
C LYS E 352 -9.30 27.06 -14.72
N GLN E 353 -10.54 27.32 -14.28
CA GLN E 353 -10.85 27.13 -12.85
C GLN E 353 -12.27 26.57 -12.59
N LEU E 354 -12.32 25.73 -11.56
CA LEU E 354 -13.49 25.04 -11.12
C LEU E 354 -13.88 25.49 -9.73
N GLY E 355 -15.18 25.47 -9.47
CA GLY E 355 -15.63 25.52 -8.09
C GLY E 355 -16.99 24.87 -8.00
N ILE E 356 -17.47 24.66 -6.79
CA ILE E 356 -18.78 24.11 -6.64
C ILE E 356 -19.74 25.26 -6.96
N HIS E 357 -20.68 24.98 -7.82
CA HIS E 357 -21.79 25.87 -8.08
C HIS E 357 -22.98 25.51 -7.15
N LYS E 358 -23.29 24.22 -6.97
CA LYS E 358 -24.29 23.79 -5.98
C LYS E 358 -23.79 22.63 -5.17
N LEU E 359 -24.04 22.69 -3.87
CA LEU E 359 -23.69 21.62 -3.01
C LEU E 359 -24.97 20.77 -2.83
N PRO E 360 -24.80 19.46 -2.59
CA PRO E 360 -25.86 18.52 -2.31
C PRO E 360 -26.09 18.41 -0.79
N SER E 361 -27.24 17.90 -0.40
CA SER E 361 -27.54 17.67 1.02
C SER E 361 -26.54 16.65 1.56
N VAL E 362 -26.20 15.67 0.74
CA VAL E 362 -25.22 14.63 1.13
C VAL E 362 -24.04 14.68 0.15
N LEU E 363 -22.89 15.06 0.64
CA LEU E 363 -21.70 15.13 -0.21
C LEU E 363 -20.93 13.84 -0.09
N VAL E 364 -20.73 13.20 -1.22
CA VAL E 364 -19.97 11.97 -1.34
C VAL E 364 -18.64 12.20 -2.06
N LEU E 365 -17.58 11.68 -1.43
CA LEU E 365 -16.25 11.83 -1.91
C LEU E 365 -15.64 10.48 -2.10
N GLN E 366 -15.04 10.28 -3.29
CA GLN E 366 -14.23 9.12 -3.59
C GLN E 366 -12.77 9.51 -3.62
N LEU E 367 -11.95 8.92 -2.75
CA LEU E 367 -10.51 9.04 -2.88
C LEU E 367 -10.02 8.03 -3.87
N LYS E 368 -9.32 8.49 -4.91
CA LYS E 368 -8.89 7.60 -6.00
C LYS E 368 -7.78 6.74 -5.48
N ARG E 369 -8.07 5.46 -5.23
CA ARG E 369 -7.05 4.54 -4.72
C ARG E 369 -6.55 3.52 -5.71
N PHE E 370 -7.28 3.36 -6.81
CA PHE E 370 -7.01 2.32 -7.79
C PHE E 370 -6.53 2.96 -9.05
N GLU E 371 -5.19 2.97 -9.17
CA GLU E 371 -4.45 3.72 -10.16
C GLU E 371 -3.87 2.85 -11.30
N HIS E 372 -4.20 3.19 -12.54
CA HIS E 372 -3.69 2.53 -13.72
C HIS E 372 -2.29 3.05 -14.00
N LEU E 373 -1.35 2.14 -14.27
CA LEU E 373 0.01 2.52 -14.41
C LEU E 373 0.38 2.53 -15.88
N LEU E 374 1.34 3.38 -16.27
CA LEU E 374 1.74 3.43 -17.67
C LEU E 374 2.41 2.14 -18.04
N ASN E 375 2.98 1.42 -17.07
CA ASN E 375 3.66 0.17 -17.39
C ASN E 375 2.70 -0.95 -17.77
N GLY E 376 1.40 -0.70 -17.69
CA GLY E 376 0.42 -1.68 -18.12
C GLY E 376 -0.42 -2.20 -16.98
N SER E 377 -0.12 -1.80 -15.74
CA SER E 377 -0.57 -2.49 -14.55
C SER E 377 -1.36 -1.59 -13.66
N ASN E 378 -1.79 -2.17 -12.55
CA ASN E 378 -2.56 -1.46 -11.53
C ASN E 378 -2.04 -1.60 -10.12
N ARG E 379 -2.20 -0.56 -9.34
CA ARG E 379 -1.82 -0.60 -7.95
C ARG E 379 -2.85 0.06 -7.04
N LYS E 380 -2.86 -0.35 -5.79
CA LYS E 380 -3.59 0.37 -4.77
C LYS E 380 -2.72 1.42 -4.13
N LEU E 381 -3.19 2.62 -3.96
CA LEU E 381 -2.49 3.59 -3.12
C LEU E 381 -3.07 3.47 -1.71
N ASP E 382 -2.22 3.20 -0.73
CA ASP E 382 -2.65 2.97 0.65
C ASP E 382 -2.37 4.14 1.57
N ASP E 383 -2.07 5.29 0.99
CA ASP E 383 -1.78 6.49 1.76
C ASP E 383 -2.95 6.82 2.68
N PHE E 384 -2.63 7.08 3.94
CA PHE E 384 -3.63 7.56 4.89
C PHE E 384 -3.95 9.02 4.57
N ILE E 385 -5.21 9.38 4.39
CA ILE E 385 -5.55 10.75 4.10
C ILE E 385 -6.46 11.24 5.23
N GLU E 386 -6.03 12.28 5.92
CA GLU E 386 -6.72 12.71 7.11
C GLU E 386 -8.03 13.41 6.69
N PHE E 387 -9.16 13.06 7.33
CA PHE E 387 -10.44 13.66 6.99
C PHE E 387 -11.19 14.02 8.24
N PRO E 388 -11.91 15.16 8.23
CA PRO E 388 -12.44 15.67 9.49
C PRO E 388 -13.82 15.14 9.78
N THR E 389 -14.23 15.06 11.03
CA THR E 389 -15.61 14.74 11.34
C THR E 389 -16.62 15.84 10.87
N TYR E 390 -16.16 17.08 10.80
CA TYR E 390 -16.93 18.21 10.31
C TYR E 390 -16.16 18.88 9.21
N LEU E 391 -16.73 18.90 8.03
CA LEU E 391 -16.03 19.37 6.84
C LEU E 391 -16.60 20.73 6.41
N ASN E 392 -15.80 21.76 6.25
CA ASN E 392 -16.32 23.05 5.82
C ASN E 392 -16.04 23.23 4.37
N MET E 393 -17.09 23.43 3.56
CA MET E 393 -16.88 23.61 2.14
C MET E 393 -16.77 25.04 1.63
N LYS E 394 -16.77 26.03 2.48
CA LYS E 394 -16.90 27.37 1.97
C LYS E 394 -15.76 27.83 1.05
N ASN E 395 -14.56 27.36 1.28
CA ASN E 395 -13.45 27.73 0.44
C ASN E 395 -13.48 27.13 -0.94
N TYR E 396 -14.42 26.25 -1.23
CA TYR E 396 -14.43 25.60 -2.54
C TYR E 396 -15.65 25.96 -3.39
N CYS E 397 -16.54 26.77 -2.86
CA CYS E 397 -17.72 27.22 -3.61
C CYS E 397 -17.40 28.46 -4.40
N SER E 398 -17.85 28.53 -5.66
CA SER E 398 -17.64 29.72 -6.52
C SER E 398 -18.06 31.04 -5.91
N LYS E 410 -17.71 36.69 -0.39
CA LYS E 410 -17.43 35.98 0.86
C LYS E 410 -18.51 34.91 1.09
N VAL E 411 -18.07 33.65 1.16
CA VAL E 411 -18.96 32.48 1.34
C VAL E 411 -19.05 32.19 2.82
N PRO E 412 -20.25 31.97 3.33
CA PRO E 412 -20.35 31.68 4.76
C PRO E 412 -19.96 30.26 5.08
N ASP E 413 -19.85 29.95 6.37
CA ASP E 413 -19.53 28.64 6.83
C ASP E 413 -20.57 27.62 6.32
N ILE E 414 -20.10 26.58 5.63
CA ILE E 414 -20.99 25.46 5.16
C ILE E 414 -20.40 24.14 5.56
N ILE E 415 -20.95 23.62 6.62
CA ILE E 415 -20.35 22.57 7.33
C ILE E 415 -21.17 21.31 7.24
N TYR E 416 -20.50 20.21 6.84
CA TYR E 416 -21.10 18.87 6.84
C TYR E 416 -20.57 18.00 7.95
N GLU E 417 -21.37 17.04 8.36
CA GLU E 417 -20.95 16.12 9.35
C GLU E 417 -20.65 14.77 8.67
N LEU E 418 -19.60 14.10 9.12
CA LEU E 418 -19.24 12.85 8.56
C LEU E 418 -20.08 11.81 9.21
N ILE E 419 -20.74 11.01 8.37
CA ILE E 419 -21.63 9.95 8.82
C ILE E 419 -21.38 8.58 8.21
N GLY E 420 -20.65 8.47 7.09
CA GLY E 420 -20.29 7.15 6.55
C GLY E 420 -18.87 7.10 5.98
N ILE E 421 -18.26 5.93 6.00
CA ILE E 421 -16.97 5.66 5.36
C ILE E 421 -16.98 4.23 4.84
N VAL E 422 -16.40 4.05 3.68
CA VAL E 422 -16.10 2.78 3.15
C VAL E 422 -14.60 2.83 2.93
N SER E 423 -13.93 1.76 3.36
CA SER E 423 -12.49 1.59 3.17
C SER E 423 -12.27 0.21 2.58
N HIS E 424 -11.27 0.13 1.74
CA HIS E 424 -10.93 -1.13 1.10
C HIS E 424 -9.70 -1.65 1.81
N LYS E 425 -9.82 -2.83 2.39
CA LYS E 425 -8.69 -3.56 2.99
C LYS E 425 -8.10 -4.52 1.97
N GLY E 426 -6.79 -4.68 1.93
CA GLY E 426 -6.16 -5.69 1.06
C GLY E 426 -5.62 -5.15 -0.27
N THR E 427 -5.44 -6.06 -1.23
CA THR E 427 -4.83 -5.72 -2.52
C THR E 427 -5.86 -5.46 -3.60
N VAL E 428 -5.43 -4.70 -4.61
CA VAL E 428 -6.19 -4.53 -5.85
C VAL E 428 -6.98 -5.77 -6.29
N ASN E 429 -6.34 -6.96 -6.27
CA ASN E 429 -7.02 -8.18 -6.71
C ASN E 429 -7.84 -8.74 -5.57
N GLU E 430 -7.16 -9.25 -4.55
CA GLU E 430 -7.77 -9.81 -3.35
C GLU E 430 -7.90 -8.70 -2.29
N GLY E 431 -9.05 -8.08 -2.22
CA GLY E 431 -9.34 -7.13 -1.16
C GLY E 431 -10.79 -7.16 -0.72
N HIS E 432 -11.07 -6.62 0.47
CA HIS E 432 -12.40 -6.58 0.98
C HIS E 432 -12.80 -5.14 1.36
N TYR E 433 -14.11 -4.87 1.34
CA TYR E 433 -14.60 -3.54 1.62
C TYR E 433 -15.30 -3.58 2.95
N ILE E 434 -15.10 -2.54 3.74
CA ILE E 434 -15.69 -2.43 5.06
C ILE E 434 -16.38 -1.08 5.15
N ALA E 435 -17.48 -1.02 5.90
CA ALA E 435 -18.24 0.21 6.08
C ALA E 435 -18.29 0.62 7.54
N PHE E 436 -18.27 1.94 7.76
CA PHE E 436 -18.47 2.48 9.10
C PHE E 436 -19.55 3.53 8.96
N CYS E 437 -20.57 3.44 9.81
CA CYS E 437 -21.65 4.41 9.80
C CYS E 437 -21.90 4.91 11.18
N LYS E 438 -22.26 6.18 11.26
CA LYS E 438 -22.55 6.87 12.49
C LYS E 438 -24.04 6.82 12.60
N ILE E 439 -24.59 6.20 13.65
CA ILE E 439 -26.07 6.10 13.78
C ILE E 439 -26.61 7.22 14.69
N SER E 440 -27.91 7.33 14.77
CA SER E 440 -28.54 8.33 15.65
C SER E 440 -27.97 8.30 17.06
N GLY E 441 -27.59 9.46 17.60
CA GLY E 441 -26.99 9.50 18.93
C GLY E 441 -25.47 9.53 18.85
N GLY E 442 -24.90 9.09 17.72
CA GLY E 442 -23.52 9.44 17.41
C GLY E 442 -22.50 8.33 17.55
N GLN E 443 -22.97 7.13 17.83
CA GLN E 443 -22.13 5.95 17.94
C GLN E 443 -21.87 5.42 16.55
N TRP E 444 -20.62 5.04 16.32
CA TRP E 444 -20.15 4.53 15.05
C TRP E 444 -20.18 3.02 15.14
N PHE E 445 -20.50 2.38 14.03
CA PHE E 445 -20.55 0.95 14.01
C PHE E 445 -19.71 0.53 12.83
N LYS E 446 -19.20 -0.70 12.88
CA LYS E 446 -18.34 -1.26 11.85
C LYS E 446 -19.04 -2.38 11.17
N PHE E 447 -18.94 -2.43 9.84
CA PHE E 447 -19.71 -3.36 9.05
C PHE E 447 -18.82 -4.16 8.17
N ASN E 448 -18.53 -5.35 8.66
CA ASN E 448 -17.70 -6.30 8.00
C ASN E 448 -18.51 -7.55 7.69
N ASP E 449 -19.30 -7.46 6.63
CA ASP E 449 -20.25 -8.50 6.29
C ASP E 449 -21.16 -8.67 7.47
N SER E 450 -21.22 -9.89 7.99
CA SER E 450 -22.15 -10.22 9.06
C SER E 450 -21.68 -9.72 10.43
N MET E 451 -20.44 -9.28 10.54
CA MET E 451 -19.94 -8.79 11.80
C MET E 451 -20.30 -7.32 11.88
N VAL E 452 -20.78 -6.93 13.03
CA VAL E 452 -21.19 -5.62 13.26
C VAL E 452 -20.66 -5.25 14.61
N SER E 453 -19.97 -4.11 14.77
CA SER E 453 -19.48 -3.79 16.12
C SER E 453 -19.34 -2.33 16.41
N SER E 454 -19.52 -1.99 17.67
CA SER E 454 -19.30 -0.66 18.18
C SER E 454 -17.87 -0.27 17.88
N ILE E 455 -17.64 1.01 17.63
CA ILE E 455 -16.29 1.50 17.39
C ILE E 455 -16.25 2.99 17.70
N SER E 456 -15.09 3.44 18.11
CA SER E 456 -14.88 4.77 18.55
C SER E 456 -14.65 5.65 17.31
N GLN E 457 -15.07 6.92 17.44
CA GLN E 457 -14.84 7.90 16.43
C GLN E 457 -13.35 7.95 16.08
N GLU E 458 -12.51 7.86 17.10
CA GLU E 458 -11.09 7.95 16.90
C GLU E 458 -10.57 6.83 16.00
N GLU E 459 -11.17 5.66 16.10
CA GLU E 459 -10.75 4.57 15.27
C GLU E 459 -11.20 4.81 13.83
N VAL E 460 -12.44 5.19 13.71
CA VAL E 460 -12.96 5.50 12.40
C VAL E 460 -12.07 6.47 11.65
N LEU E 461 -11.61 7.50 12.35
CA LEU E 461 -10.84 8.53 11.71
C LEU E 461 -9.46 8.04 11.29
N LYS E 462 -9.02 6.88 11.80
CA LYS E 462 -7.68 6.44 11.41
C LYS E 462 -7.76 5.53 10.23
N GLU E 463 -8.95 5.27 9.71
CA GLU E 463 -9.10 4.46 8.50
C GLU E 463 -8.53 5.08 7.24
N GLN E 464 -8.22 4.18 6.35
CA GLN E 464 -7.86 4.46 4.99
C GLN E 464 -9.13 4.50 4.21
N ALA E 465 -9.59 5.70 3.97
CA ALA E 465 -10.90 5.91 3.45
C ALA E 465 -10.88 5.81 1.96
N TYR E 466 -11.87 5.16 1.39
CA TYR E 466 -12.08 5.19 -0.03
C TYR E 466 -13.29 6.06 -0.41
N LEU E 467 -14.40 5.88 0.29
CA LEU E 467 -15.61 6.70 0.12
C LEU E 467 -15.94 7.33 1.45
N LEU E 468 -16.40 8.57 1.38
CA LEU E 468 -16.81 9.37 2.54
C LEU E 468 -18.19 9.96 2.26
N PHE E 469 -19.08 9.87 3.24
CA PHE E 469 -20.42 10.34 3.13
C PHE E 469 -20.53 11.38 4.21
N TYR E 470 -20.81 12.62 3.76
CA TYR E 470 -20.95 13.79 4.60
C TYR E 470 -22.41 14.34 4.50
N THR E 471 -23.07 14.63 5.60
CA THR E 471 -24.43 15.15 5.51
C THR E 471 -24.49 16.60 5.98
N ILE E 472 -25.22 17.44 5.26
CA ILE E 472 -25.20 18.88 5.57
C ILE E 472 -25.67 19.11 7.01
N ARG E 473 -24.93 19.93 7.75
CA ARG E 473 -25.20 20.10 9.15
C ARG E 473 -25.45 21.54 9.57
N GLN E 474 -24.85 22.51 8.90
CA GLN E 474 -24.99 23.88 9.32
C GLN E 474 -24.66 24.76 8.18
N VAL E 475 -25.53 25.72 7.90
CA VAL E 475 -25.26 26.66 6.87
C VAL E 475 -25.48 28.06 7.43
N ASN E 476 -24.48 28.91 7.32
CA ASN E 476 -24.55 30.25 7.88
C ASN E 476 -24.73 31.34 6.85
N MET F 3 -27.17 41.86 39.22
CA MET F 3 -28.57 42.34 38.95
C MET F 3 -28.54 43.51 37.97
N ASP F 4 -27.69 44.48 38.26
CA ASP F 4 -27.35 45.55 37.32
C ASP F 4 -26.86 45.07 35.95
N THR F 5 -25.85 44.24 35.95
CA THR F 5 -25.25 43.80 34.71
C THR F 5 -26.29 42.94 33.96
N ALA F 6 -27.11 42.20 34.73
CA ALA F 6 -28.14 41.33 34.13
C ALA F 6 -29.18 42.18 33.43
N GLN F 7 -29.51 43.33 34.04
CA GLN F 7 -30.41 44.35 33.44
C GLN F 7 -29.78 45.01 32.21
N LEU F 8 -28.51 45.40 32.28
CA LEU F 8 -27.84 45.96 31.10
C LEU F 8 -27.70 44.97 29.90
N LYS F 9 -27.27 43.75 30.24
CA LYS F 9 -27.07 42.74 29.25
C LYS F 9 -28.40 42.47 28.54
N SER F 10 -29.48 42.55 29.30
CA SER F 10 -30.87 42.33 28.83
C SER F 10 -31.29 43.38 27.79
N GLN F 11 -30.93 44.64 28.00
CA GLN F 11 -31.20 45.68 26.99
C GLN F 11 -30.33 45.46 25.77
N ILE F 12 -29.08 45.13 26.00
CA ILE F 12 -28.12 45.07 24.92
C ILE F 12 -28.49 43.94 23.99
N GLN F 13 -28.79 42.78 24.59
CA GLN F 13 -29.31 41.63 23.85
C GLN F 13 -30.48 42.05 22.93
N GLN F 14 -31.45 42.79 23.45
CA GLN F 14 -32.57 43.18 22.63
C GLN F 14 -32.11 43.97 21.39
N TYR F 15 -31.13 44.85 21.53
CA TYR F 15 -30.67 45.61 20.37
C TYR F 15 -29.89 44.69 19.41
N LEU F 16 -29.20 43.70 19.94
CA LEU F 16 -28.45 42.77 19.09
C LEU F 16 -29.35 41.85 18.25
N VAL F 17 -30.45 41.39 18.86
CA VAL F 17 -31.49 40.65 18.16
C VAL F 17 -32.09 41.50 17.02
N GLU F 18 -32.56 42.67 17.37
CA GLU F 18 -33.17 43.52 16.37
C GLU F 18 -32.23 43.87 15.24
N SER F 19 -30.95 44.04 15.50
CA SER F 19 -29.99 44.51 14.48
C SER F 19 -29.59 43.43 13.48
N GLY F 20 -29.93 42.17 13.77
CA GLY F 20 -29.43 40.99 13.04
C GLY F 20 -28.17 40.32 13.62
N ASN F 21 -27.54 40.91 14.63
CA ASN F 21 -26.22 40.47 15.08
C ASN F 21 -26.28 39.42 16.16
N TYR F 22 -27.39 39.34 16.87
CA TYR F 22 -27.56 38.24 17.79
C TYR F 22 -27.52 36.89 17.02
N GLU F 23 -28.08 36.85 15.82
CA GLU F 23 -28.02 35.68 14.93
C GLU F 23 -26.59 35.46 14.48
N LEU F 24 -25.94 36.53 14.05
CA LEU F 24 -24.58 36.42 13.57
C LEU F 24 -23.65 35.89 14.66
N ILE F 25 -23.84 36.31 15.92
CA ILE F 25 -23.03 35.77 17.01
C ILE F 25 -23.41 34.31 17.29
N SER F 26 -24.71 34.05 17.38
CA SER F 26 -25.16 32.68 17.60
C SER F 26 -24.59 31.74 16.57
N ASN F 27 -24.64 32.13 15.33
CA ASN F 27 -24.22 31.26 14.26
C ASN F 27 -22.73 31.14 14.17
N GLU F 28 -21.99 32.14 14.59
CA GLU F 28 -20.53 32.01 14.58
C GLU F 28 -20.16 30.95 15.59
N LEU F 29 -20.72 31.10 16.77
CA LEU F 29 -20.39 30.27 17.90
C LEU F 29 -20.67 28.82 17.59
N LYS F 30 -21.91 28.53 17.24
CA LYS F 30 -22.34 27.22 16.85
C LYS F 30 -21.39 26.58 15.80
N ALA F 31 -21.00 27.32 14.78
CA ALA F 31 -20.15 26.77 13.75
C ALA F 31 -18.82 26.38 14.32
N ARG F 32 -18.27 27.20 15.19
CA ARG F 32 -16.97 26.86 15.72
C ARG F 32 -17.05 25.69 16.69
N LEU F 33 -18.03 25.72 17.58
CA LEU F 33 -18.26 24.59 18.48
C LEU F 33 -18.49 23.31 17.72
N LEU F 34 -19.28 23.36 16.67
CA LEU F 34 -19.51 22.16 15.88
C LEU F 34 -18.19 21.69 15.23
N GLN F 35 -17.43 22.59 14.61
CA GLN F 35 -16.21 22.17 13.91
C GLN F 35 -15.08 21.66 14.83
N GLU F 36 -15.04 22.06 16.09
CA GLU F 36 -13.98 21.61 16.97
C GLU F 36 -14.34 20.30 17.74
N GLY F 37 -15.50 19.72 17.41
CA GLY F 37 -16.00 18.49 18.02
C GLY F 37 -16.67 18.67 19.38
N TRP F 38 -16.88 19.92 19.80
CA TRP F 38 -17.39 20.18 21.16
C TRP F 38 -18.80 19.60 21.40
N VAL F 39 -19.67 19.65 20.38
CA VAL F 39 -21.02 19.10 20.53
C VAL F 39 -20.96 17.56 20.63
N ASP F 40 -20.07 16.91 19.87
CA ASP F 40 -19.89 15.46 19.99
C ASP F 40 -19.50 15.11 21.42
N LYS F 41 -18.71 15.98 22.05
CA LYS F 41 -18.12 15.73 23.33
C LYS F 41 -19.13 15.86 24.44
N VAL F 42 -19.99 16.85 24.34
CA VAL F 42 -21.05 17.02 25.33
C VAL F 42 -22.00 15.81 25.36
N LYS F 43 -22.35 15.32 24.19
CA LYS F 43 -23.21 14.17 24.10
C LYS F 43 -22.56 12.92 24.68
N ASP F 44 -21.27 12.74 24.42
CA ASP F 44 -20.51 11.55 24.90
C ASP F 44 -20.37 11.52 26.43
N LEU F 45 -20.12 12.69 27.00
CA LEU F 45 -20.15 12.92 28.41
C LEU F 45 -21.49 12.55 29.03
N THR F 46 -22.54 13.12 28.47
CA THR F 46 -23.88 12.98 29.01
C THR F 46 -24.22 11.50 29.02
N LYS F 47 -24.04 10.83 27.90
CA LYS F 47 -24.22 9.37 27.82
C LYS F 47 -23.37 8.60 28.85
N SER F 48 -22.16 9.07 29.11
CA SER F 48 -21.27 8.41 30.06
C SER F 48 -21.69 8.63 31.53
N GLU F 49 -22.19 9.83 31.83
CA GLU F 49 -22.77 10.10 33.16
C GLU F 49 -24.03 9.25 33.39
N MET F 50 -24.89 9.16 32.39
CA MET F 50 -26.10 8.35 32.47
C MET F 50 -25.81 6.84 32.65
N ASN F 51 -24.79 6.31 31.96
CA ASN F 51 -24.37 4.92 32.11
C ASN F 51 -23.83 4.74 33.51
N ILE F 52 -23.08 5.73 33.97
CA ILE F 52 -22.43 5.69 35.27
C ILE F 52 -23.39 5.89 36.44
N ASN F 53 -24.05 7.05 36.52
CA ASN F 53 -24.91 7.37 37.69
C ASN F 53 -26.24 6.62 37.67
N GLU F 54 -26.42 5.75 36.67
CA GLU F 54 -27.67 4.98 36.45
C GLU F 54 -28.95 5.83 36.54
N SER F 55 -28.93 6.96 35.87
CA SER F 55 -30.00 7.92 36.00
C SER F 55 -30.22 8.57 34.65
N THR F 56 -31.47 8.92 34.35
CA THR F 56 -31.76 9.72 33.18
C THR F 56 -32.44 11.01 33.63
N ASN F 57 -32.25 11.39 34.90
CA ASN F 57 -32.85 12.61 35.41
C ASN F 57 -32.14 13.82 34.87
N PHE F 58 -32.85 14.70 34.20
CA PHE F 58 -32.24 15.91 33.60
C PHE F 58 -31.41 16.72 34.59
N THR F 59 -32.04 17.13 35.67
CA THR F 59 -31.41 18.06 36.61
C THR F 59 -30.16 17.43 37.25
N GLN F 60 -30.32 16.18 37.68
CA GLN F 60 -29.20 15.40 38.19
C GLN F 60 -28.07 15.36 37.13
N ILE F 61 -28.38 14.93 35.90
CA ILE F 61 -27.32 14.74 34.91
C ILE F 61 -26.72 16.08 34.53
N LEU F 62 -27.56 17.10 34.34
CA LEU F 62 -27.11 18.46 34.02
C LEU F 62 -26.00 18.98 34.90
N SER F 63 -26.17 18.76 36.20
CA SER F 63 -25.27 19.35 37.20
C SER F 63 -23.83 18.86 37.12
N THR F 64 -23.62 17.64 36.59
CA THR F 64 -22.25 17.15 36.37
C THR F 64 -21.79 17.49 34.97
N VAL F 65 -22.70 17.50 34.01
CA VAL F 65 -22.28 17.72 32.60
C VAL F 65 -21.91 19.18 32.30
N GLU F 66 -22.68 20.13 32.82
CA GLU F 66 -22.54 21.56 32.47
C GLU F 66 -21.19 22.19 32.83
N PRO F 67 -20.73 22.02 34.09
CA PRO F 67 -19.47 22.71 34.44
C PRO F 67 -18.35 22.29 33.51
N LYS F 68 -18.35 21.02 33.16
CA LYS F 68 -17.29 20.43 32.36
C LYS F 68 -17.42 20.79 30.88
N ALA F 69 -18.65 20.91 30.39
CA ALA F 69 -18.88 21.32 29.01
C ALA F 69 -18.42 22.77 28.76
N LEU F 70 -18.47 23.63 29.77
CA LEU F 70 -17.93 24.97 29.60
C LEU F 70 -16.38 24.98 29.70
N GLU F 71 -15.83 24.09 30.52
CA GLU F 71 -14.36 23.93 30.59
C GLU F 71 -13.90 23.64 29.18
N MET F 72 -14.55 22.64 28.58
CA MET F 72 -14.16 22.04 27.32
C MET F 72 -14.10 22.99 26.11
N VAL F 73 -14.76 24.16 26.16
CA VAL F 73 -14.82 25.07 25.00
C VAL F 73 -13.39 25.48 24.66
N SER F 74 -13.02 25.52 23.38
CA SER F 74 -11.63 25.89 23.06
C SER F 74 -11.33 27.38 23.34
N ASP F 75 -10.07 27.69 23.65
CA ASP F 75 -9.58 29.07 23.82
C ASP F 75 -9.76 29.94 22.58
N SER F 76 -9.39 29.36 21.44
CA SER F 76 -9.53 30.01 20.16
C SER F 76 -11.00 30.31 19.81
N THR F 77 -11.94 29.47 20.22
CA THR F 77 -13.32 29.70 19.93
C THR F 77 -13.81 30.83 20.83
N ARG F 78 -13.46 30.74 22.10
CA ARG F 78 -13.91 31.68 23.09
C ARG F 78 -13.34 33.04 22.77
N GLU F 79 -12.05 33.14 22.49
CA GLU F 79 -11.46 34.44 22.18
C GLU F 79 -12.21 35.02 20.97
N THR F 80 -12.33 34.24 19.92
CA THR F 80 -12.86 34.76 18.67
C THR F 80 -14.30 35.21 18.75
N VAL F 81 -15.14 34.46 19.43
CA VAL F 81 -16.51 34.86 19.62
C VAL F 81 -16.64 36.03 20.57
N LEU F 82 -15.80 36.07 21.60
CA LEU F 82 -15.77 37.25 22.48
C LEU F 82 -15.29 38.52 21.75
N LYS F 83 -14.28 38.38 20.90
CA LYS F 83 -13.79 39.50 20.11
C LYS F 83 -14.93 40.05 19.24
N GLN F 84 -15.77 39.14 18.76
CA GLN F 84 -16.86 39.49 17.86
C GLN F 84 -18.04 40.12 18.60
N ILE F 85 -18.31 39.63 19.80
CA ILE F 85 -19.36 40.20 20.65
C ILE F 85 -19.00 41.63 21.05
N ARG F 86 -17.72 41.86 21.31
CA ARG F 86 -17.18 43.13 21.76
C ARG F 86 -17.26 44.22 20.70
N GLU F 87 -17.00 43.85 19.46
CA GLU F 87 -17.07 44.77 18.34
C GLU F 87 -18.51 45.19 18.10
N PHE F 88 -19.44 44.24 18.22
CA PHE F 88 -20.85 44.57 18.17
C PHE F 88 -21.24 45.52 19.33
N LEU F 89 -20.85 45.19 20.57
CA LEU F 89 -21.07 46.12 21.71
C LEU F 89 -20.37 47.48 21.56
N GLU F 90 -19.29 47.57 20.81
CA GLU F 90 -18.59 48.84 20.65
C GLU F 90 -19.43 49.82 19.89
N GLU F 91 -20.24 49.31 18.96
CA GLU F 91 -21.21 50.14 18.25
C GLU F 91 -22.37 50.62 19.14
N ILE F 92 -22.79 49.82 20.11
CA ILE F 92 -23.98 50.08 20.92
C ILE F 92 -23.75 50.98 22.15
N VAL F 93 -22.52 51.04 22.62
CA VAL F 93 -22.22 51.53 23.96
C VAL F 93 -21.15 52.62 23.93
N ASP F 94 -21.19 53.52 24.92
CA ASP F 94 -20.12 54.48 25.26
C ASP F 94 -19.40 53.95 26.47
N THR F 95 -18.09 54.17 26.55
CA THR F 95 -17.29 53.54 27.59
C THR F 95 -16.58 54.54 28.48
N MET G 1 -20.57 55.09 43.42
CA MET G 1 -21.58 54.51 44.36
C MET G 1 -22.25 53.19 43.88
N THR G 2 -22.12 52.74 42.63
CA THR G 2 -22.79 51.48 42.29
C THR G 2 -22.08 50.25 42.82
N GLU G 3 -22.80 49.13 42.82
CA GLU G 3 -22.37 47.86 43.42
C GLU G 3 -21.62 46.91 42.48
N GLU G 4 -21.86 47.04 41.19
CA GLU G 4 -21.16 46.26 40.20
C GLU G 4 -20.55 47.28 39.26
N THR G 5 -19.31 47.07 38.89
CA THR G 5 -18.73 47.82 37.79
C THR G 5 -18.93 46.94 36.55
N ILE G 6 -19.37 47.52 35.46
CA ILE G 6 -19.72 46.75 34.29
C ILE G 6 -18.81 47.14 33.17
N THR G 7 -18.20 46.15 32.53
CA THR G 7 -17.33 46.43 31.40
C THR G 7 -17.80 45.73 30.14
N ILE G 8 -17.18 46.15 29.05
CA ILE G 8 -17.29 45.48 27.75
C ILE G 8 -17.08 43.97 27.84
N ASP G 9 -16.00 43.57 28.50
CA ASP G 9 -15.66 42.17 28.60
C ASP G 9 -16.66 41.46 29.51
N SER G 10 -17.05 42.13 30.61
CA SER G 10 -18.02 41.54 31.53
C SER G 10 -19.35 41.24 30.78
N ILE G 11 -19.88 42.22 30.07
CA ILE G 11 -21.08 41.97 29.28
C ILE G 11 -20.89 40.89 28.17
N SER G 12 -19.81 40.94 27.43
CA SER G 12 -19.52 39.90 26.44
C SER G 12 -19.52 38.48 27.00
N ASN G 13 -18.93 38.30 28.17
CA ASN G 13 -18.93 37.00 28.78
C ASN G 13 -20.32 36.50 29.19
N GLY G 14 -21.16 37.37 29.72
CA GLY G 14 -22.53 36.99 30.09
C GLY G 14 -23.35 36.58 28.89
N ILE G 15 -23.16 37.31 27.80
CA ILE G 15 -23.81 37.02 26.53
C ILE G 15 -23.41 35.64 26.05
N LEU G 16 -22.11 35.37 26.11
CA LEU G 16 -21.59 34.11 25.61
C LEU G 16 -22.08 32.93 26.50
N ASN G 17 -22.11 33.18 27.79
CA ASN G 17 -22.54 32.22 28.76
C ASN G 17 -24.02 31.91 28.67
N ASN G 18 -24.82 32.93 28.41
CA ASN G 18 -26.20 32.64 28.16
C ASN G 18 -26.24 31.69 26.96
N LEU G 19 -25.51 32.03 25.89
CA LEU G 19 -25.48 31.18 24.72
C LEU G 19 -25.06 29.76 25.06
N LEU G 20 -23.96 29.61 25.81
CA LEU G 20 -23.36 28.34 25.99
C LEU G 20 -24.23 27.45 26.85
N THR G 21 -24.82 28.02 27.88
CA THR G 21 -25.61 27.25 28.83
C THR G 21 -26.89 26.78 28.17
N THR G 22 -27.50 27.67 27.40
CA THR G 22 -28.63 27.30 26.53
C THR G 22 -28.31 26.12 25.63
N LEU G 23 -27.24 26.23 24.85
CA LEU G 23 -26.78 25.12 24.09
C LEU G 23 -26.56 23.85 24.90
N ILE G 24 -25.87 23.97 26.05
CA ILE G 24 -25.52 22.80 26.85
C ILE G 24 -26.80 22.19 27.35
N GLN G 25 -27.72 23.04 27.77
CA GLN G 25 -28.97 22.54 28.29
C GLN G 25 -29.81 21.82 27.23
N ASP G 26 -29.81 22.32 25.99
CA ASP G 26 -30.50 21.69 24.84
C ASP G 26 -29.98 20.28 24.57
N ILE G 27 -28.66 20.21 24.43
CA ILE G 27 -27.96 19.00 24.12
C ILE G 27 -28.26 17.96 25.17
N VAL G 28 -28.11 18.35 26.44
CA VAL G 28 -28.40 17.45 27.54
C VAL G 28 -29.88 17.09 27.62
N ALA G 29 -30.77 18.07 27.42
CA ALA G 29 -32.19 17.77 27.37
C ALA G 29 -32.52 16.63 26.35
N ARG G 30 -31.92 16.68 25.16
CA ARG G 30 -32.19 15.73 24.11
C ARG G 30 -31.53 14.40 24.41
N GLU G 31 -30.34 14.39 25.05
CA GLU G 31 -29.76 13.09 25.38
C GLU G 31 -30.56 12.41 26.50
N THR G 32 -31.10 13.18 27.46
CA THR G 32 -31.75 12.58 28.64
C THR G 32 -33.14 12.04 28.32
N THR G 33 -33.91 12.80 27.54
CA THR G 33 -35.27 12.38 27.16
C THR G 33 -35.18 11.11 26.36
N GLN G 34 -34.28 11.13 25.40
CA GLN G 34 -34.01 10.02 24.52
C GLN G 34 -33.72 8.75 25.30
N GLN G 35 -32.81 8.87 26.29
CA GLN G 35 -32.35 7.72 27.04
C GLN G 35 -33.46 7.24 27.99
N GLN G 36 -34.17 8.20 28.61
CA GLN G 36 -35.41 7.94 29.33
C GLN G 36 -36.37 7.06 28.52
N LEU G 37 -36.66 7.50 27.29
CA LEU G 37 -37.62 6.82 26.44
C LEU G 37 -37.16 5.39 26.21
N LEU G 38 -35.89 5.26 25.83
CA LEU G 38 -35.31 3.97 25.54
C LEU G 38 -35.41 2.98 26.69
N LYS G 39 -35.14 3.46 27.90
CA LYS G 39 -35.07 2.58 29.08
C LYS G 39 -36.47 2.12 29.54
N THR G 40 -37.43 3.05 29.52
CA THR G 40 -38.86 2.77 29.69
C THR G 40 -39.39 1.74 28.72
N ARG G 41 -38.89 1.76 27.51
CA ARG G 41 -39.45 0.96 26.44
C ARG G 41 -38.79 -0.44 26.38
N TYR G 42 -37.48 -0.50 26.65
CA TYR G 42 -36.71 -1.74 26.61
C TYR G 42 -35.96 -2.04 27.95
N PRO G 43 -36.69 -2.44 28.99
CA PRO G 43 -36.03 -2.75 30.25
C PRO G 43 -34.78 -3.67 30.16
N ASP G 44 -34.63 -4.43 29.08
CA ASP G 44 -33.42 -5.19 28.90
C ASP G 44 -32.38 -4.51 28.07
N LEU G 45 -32.49 -3.17 28.05
CA LEU G 45 -31.63 -2.26 27.28
C LEU G 45 -30.16 -2.40 27.57
N ARG G 46 -29.38 -2.40 26.52
CA ARG G 46 -27.98 -2.67 26.63
C ARG G 46 -27.23 -1.79 25.64
N SER G 47 -26.91 -0.57 26.05
CA SER G 47 -26.07 0.32 25.20
C SER G 47 -24.62 -0.09 25.23
N TYR G 70 -27.43 -21.94 5.02
CA TYR G 70 -28.78 -22.33 4.57
C TYR G 70 -29.64 -21.11 4.14
N ILE G 71 -29.65 -20.83 2.84
CA ILE G 71 -30.60 -19.90 2.22
C ILE G 71 -31.29 -20.61 1.07
N HIS G 72 -32.58 -20.91 1.26
CA HIS G 72 -33.36 -21.65 0.27
C HIS G 72 -33.44 -20.81 -1.00
N CYS G 73 -32.80 -21.27 -2.07
CA CYS G 73 -33.00 -20.66 -3.39
C CYS G 73 -34.36 -21.13 -3.89
N GLU G 74 -35.31 -20.20 -4.03
CA GLU G 74 -36.67 -20.53 -4.47
C GLU G 74 -36.73 -20.69 -5.99
N ASN G 75 -35.85 -20.02 -6.72
CA ASN G 75 -35.75 -20.16 -8.17
C ASN G 75 -35.62 -21.62 -8.60
N CYS G 76 -34.48 -22.25 -8.32
CA CYS G 76 -34.43 -23.73 -8.22
C CYS G 76 -34.82 -24.03 -6.77
N GLY G 77 -34.74 -25.29 -6.33
CA GLY G 77 -35.14 -25.65 -4.97
C GLY G 77 -34.05 -26.27 -4.12
N ARG G 78 -33.09 -25.45 -3.69
CA ARG G 78 -31.93 -25.89 -2.91
C ARG G 78 -31.84 -25.11 -1.61
N ASP G 79 -31.22 -25.73 -0.61
CA ASP G 79 -30.75 -25.02 0.57
C ASP G 79 -29.29 -24.64 0.35
N VAL G 80 -29.03 -23.39 -0.05
CA VAL G 80 -27.67 -22.94 -0.41
C VAL G 80 -26.93 -22.43 0.83
N SER G 81 -25.61 -22.65 0.89
CA SER G 81 -24.81 -22.33 2.09
C SER G 81 -24.76 -20.84 2.39
N ASN G 83 -24.15 -17.77 1.14
CA ASN G 83 -22.71 -17.86 1.35
C ASN G 83 -21.90 -18.31 0.12
N ARG G 84 -22.48 -19.21 -0.67
CA ARG G 84 -22.03 -19.48 -2.04
C ARG G 84 -23.16 -19.06 -2.99
N LEU G 85 -23.98 -18.13 -2.52
CA LEU G 85 -25.27 -17.82 -3.15
C LEU G 85 -25.14 -16.91 -4.37
N ALA G 86 -24.10 -16.09 -4.37
CA ALA G 86 -23.80 -15.17 -5.46
C ALA G 86 -23.48 -15.94 -6.73
N ALA G 87 -22.39 -16.69 -6.70
CA ALA G 87 -22.00 -17.53 -7.83
C ALA G 87 -23.13 -18.52 -8.16
N HIS G 88 -23.88 -18.93 -7.15
CA HIS G 88 -24.99 -19.86 -7.36
C HIS G 88 -26.05 -19.21 -8.24
N LEU G 89 -26.49 -18.02 -7.84
CA LEU G 89 -27.44 -17.19 -8.62
C LEU G 89 -27.00 -16.86 -10.05
N GLN G 90 -25.70 -16.58 -10.22
CA GLN G 90 -25.13 -16.18 -11.51
C GLN G 90 -25.36 -17.30 -12.53
N ARG G 91 -25.26 -18.55 -12.06
CA ARG G 91 -25.56 -19.70 -12.91
C ARG G 91 -27.05 -20.02 -12.87
N CYS G 92 -27.63 -20.05 -11.67
CA CYS G 92 -29.01 -20.52 -11.52
C CYS G 92 -30.00 -19.72 -12.34
N LEU G 93 -30.12 -18.43 -12.05
CA LEU G 93 -31.10 -17.56 -12.73
C LEU G 93 -31.07 -17.82 -14.23
N SER G 94 -29.87 -17.74 -14.80
CA SER G 94 -29.63 -18.20 -16.16
C SER G 94 -29.79 -19.72 -16.23
N GLY H 4 -7.28 46.93 27.46
CA GLY H 4 -8.04 46.17 26.43
C GLY H 4 -9.53 46.31 26.67
N ASP H 5 -9.94 46.01 27.90
CA ASP H 5 -11.33 46.14 28.33
C ASP H 5 -11.66 47.64 28.56
N ALA H 6 -12.93 47.98 28.68
CA ALA H 6 -13.32 49.33 29.13
C ALA H 6 -14.65 49.29 29.89
N GLU H 7 -14.72 50.13 30.90
CA GLU H 7 -15.92 50.39 31.66
C GLU H 7 -16.97 50.93 30.72
N ILE H 8 -18.13 50.29 30.72
CA ILE H 8 -19.25 50.78 29.99
C ILE H 8 -19.81 51.91 30.78
N LYS H 9 -20.05 53.03 30.11
CA LYS H 9 -20.64 54.18 30.75
C LYS H 9 -22.16 54.11 30.60
N GLY H 10 -22.61 53.77 29.39
CA GLY H 10 -24.03 53.60 29.09
C GLY H 10 -24.31 53.30 27.63
N ILE H 11 -25.56 53.01 27.32
CA ILE H 11 -25.95 52.76 25.94
C ILE H 11 -25.93 54.12 25.25
N LYS H 12 -25.41 54.19 24.03
CA LYS H 12 -25.48 55.43 23.26
C LYS H 12 -26.90 55.97 23.30
N PRO H 13 -27.08 57.31 23.51
CA PRO H 13 -28.41 57.97 23.39
C PRO H 13 -29.06 57.73 22.03
N LYS H 14 -28.29 57.98 20.96
CA LYS H 14 -28.70 57.60 19.61
C LYS H 14 -29.44 56.25 19.53
N VAL H 15 -28.78 55.18 19.97
CA VAL H 15 -29.31 53.80 19.84
C VAL H 15 -30.48 53.43 20.78
N ILE H 16 -30.59 54.08 21.95
CA ILE H 16 -31.76 53.89 22.87
C ILE H 16 -33.09 54.24 22.16
N GLU H 17 -33.02 55.22 21.26
CA GLU H 17 -34.15 55.52 20.35
C GLU H 17 -34.24 54.44 19.27
N GLU H 18 -34.87 53.31 19.63
CA GLU H 18 -35.10 52.10 18.78
C GLU H 18 -35.12 50.83 19.64
N ASP H 30 -47.63 40.40 26.43
CA ASP H 30 -47.92 39.45 25.36
C ASP H 30 -47.56 38.01 25.77
N SER H 31 -47.91 37.06 24.91
CA SER H 31 -47.93 35.63 25.20
C SER H 31 -47.19 34.92 24.10
N TRP H 32 -46.59 33.78 24.37
CA TRP H 32 -45.96 33.03 23.28
C TRP H 32 -47.01 32.59 22.24
N LYS H 33 -48.27 32.50 22.64
CA LYS H 33 -49.36 32.06 21.76
C LYS H 33 -49.78 33.08 20.70
N SER H 34 -49.42 34.33 20.92
CA SER H 34 -49.71 35.42 20.00
C SER H 34 -48.89 35.25 18.72
N LEU H 35 -47.87 34.41 18.74
CA LEU H 35 -47.08 34.18 17.56
C LEU H 35 -47.75 33.30 16.50
N MET H 36 -48.91 32.75 16.81
CA MET H 36 -49.50 31.74 15.98
C MET H 36 -49.88 32.24 14.62
N SER H 37 -50.41 33.45 14.53
CA SER H 37 -50.90 33.96 13.23
C SER H 37 -49.72 34.35 12.37
N SER H 38 -48.77 35.00 13.02
CA SER H 38 -47.49 35.24 12.44
C SER H 38 -46.86 33.93 11.91
N ALA H 39 -46.93 32.88 12.70
CA ALA H 39 -46.36 31.61 12.32
C ALA H 39 -47.12 30.95 11.16
N LYS H 40 -48.44 31.06 11.14
CA LYS H 40 -49.24 30.44 10.06
C LYS H 40 -48.86 30.97 8.65
N ASP H 41 -48.20 32.13 8.62
CA ASP H 41 -47.74 32.84 7.44
C ASP H 41 -46.22 32.79 7.25
N THR H 42 -45.55 31.76 7.74
CA THR H 42 -44.11 31.79 7.76
C THR H 42 -43.59 30.44 7.30
N PRO H 43 -42.77 30.41 6.25
CA PRO H 43 -42.28 29.09 5.86
C PRO H 43 -41.43 28.46 6.94
N LEU H 44 -41.35 27.13 6.87
CA LEU H 44 -40.44 26.32 7.65
C LEU H 44 -39.10 27.01 7.84
N GLN H 45 -38.67 27.06 9.08
CA GLN H 45 -37.47 27.74 9.46
C GLN H 45 -36.53 26.70 10.01
N TYR H 46 -35.25 26.89 9.82
CA TYR H 46 -34.23 26.03 10.43
C TYR H 46 -33.50 26.79 11.52
N ASP H 47 -33.10 26.06 12.56
CA ASP H 47 -32.28 26.64 13.61
C ASP H 47 -30.92 27.13 13.13
N HIS H 48 -30.27 26.41 12.22
CA HIS H 48 -28.95 26.81 11.80
C HIS H 48 -28.67 26.43 10.34
N MET H 49 -29.63 26.70 9.48
CA MET H 49 -29.41 26.67 8.04
C MET H 49 -30.03 27.90 7.49
N ASN H 50 -29.17 28.84 7.15
CA ASN H 50 -29.61 30.10 6.69
C ASN H 50 -30.27 29.97 5.30
N ARG H 51 -31.56 30.28 5.28
CA ARG H 51 -32.37 30.26 4.05
C ARG H 51 -31.81 30.99 2.84
N GLU H 52 -31.22 32.16 3.02
CA GLU H 52 -30.68 32.83 1.83
C GLU H 52 -29.42 32.09 1.33
N SER H 53 -28.71 31.50 2.27
CA SER H 53 -27.54 30.71 1.93
C SER H 53 -28.01 29.42 1.25
N LEU H 54 -29.14 28.85 1.69
CA LEU H 54 -29.64 27.63 1.07
C LEU H 54 -30.06 27.82 -0.41
N LYS H 55 -30.76 28.91 -0.67
CA LYS H 55 -31.20 29.27 -2.02
C LYS H 55 -30.01 29.49 -2.93
N LYS H 56 -28.95 30.15 -2.44
CA LYS H 56 -27.75 30.42 -3.19
C LYS H 56 -26.82 29.19 -3.48
N TYR H 57 -26.54 28.37 -2.50
CA TYR H 57 -25.52 27.35 -2.64
C TYR H 57 -26.09 25.93 -2.76
N PHE H 58 -27.39 25.77 -2.68
CA PHE H 58 -27.98 24.47 -2.76
C PHE H 58 -29.12 24.47 -3.77
N ASP H 59 -29.57 23.28 -4.14
CA ASP H 59 -30.65 23.10 -5.08
C ASP H 59 -31.92 23.69 -4.57
N PRO H 60 -32.65 24.40 -5.53
CA PRO H 60 -33.90 24.97 -5.02
C PRO H 60 -34.81 23.93 -4.43
N ASN H 61 -34.72 22.69 -4.88
CA ASN H 61 -35.50 21.59 -4.28
C ASN H 61 -34.75 20.64 -3.41
N ALA H 62 -33.66 21.09 -2.81
CA ALA H 62 -32.86 20.19 -1.99
C ALA H 62 -33.71 19.63 -0.88
N GLN H 63 -33.61 18.37 -0.55
CA GLN H 63 -34.16 17.94 0.75
C GLN H 63 -33.23 18.30 1.89
N LEU H 64 -33.81 18.54 3.05
CA LEU H 64 -33.04 18.99 4.21
C LEU H 64 -33.53 18.44 5.52
N ILE H 65 -32.70 17.66 6.20
CA ILE H 65 -32.96 17.24 7.57
C ILE H 65 -31.89 17.90 8.43
N GLU H 66 -32.30 18.91 9.17
CA GLU H 66 -31.45 19.57 10.13
C GLU H 66 -31.18 18.59 11.29
N ASP H 67 -29.91 18.45 11.65
CA ASP H 67 -29.49 17.61 12.77
C ASP H 67 -30.01 16.22 12.67
N PRO H 68 -29.73 15.59 11.54
CA PRO H 68 -30.30 14.31 11.26
C PRO H 68 -29.90 13.22 12.22
N LEU H 69 -28.78 13.36 12.92
CA LEU H 69 -28.34 12.30 13.80
C LEU H 69 -28.64 12.53 15.29
N ASP H 70 -29.11 13.73 15.62
CA ASP H 70 -29.32 14.09 17.01
C ASP H 70 -30.47 13.33 17.68
N LYS H 71 -31.56 13.03 16.97
CA LYS H 71 -32.53 12.03 17.48
C LYS H 71 -32.61 10.87 16.52
N PRO H 72 -32.75 9.64 17.06
CA PRO H 72 -33.16 8.49 16.22
C PRO H 72 -34.45 8.78 15.46
N ILE H 73 -34.59 8.15 14.29
CA ILE H 73 -35.71 8.54 13.47
C ILE H 73 -37.02 8.02 14.09
N GLN H 74 -38.00 8.92 14.04
CA GLN H 74 -39.31 8.69 14.59
C GLN H 74 -40.16 7.82 13.68
N TYR H 75 -40.23 6.54 14.02
CA TYR H 75 -41.10 5.61 13.32
C TYR H 75 -41.86 4.71 14.24
N ARG H 76 -42.94 4.17 13.75
CA ARG H 76 -43.60 3.06 14.42
C ARG H 76 -43.72 1.93 13.41
N VAL H 77 -44.10 0.74 13.86
CA VAL H 77 -44.02 -0.44 13.03
C VAL H 77 -45.42 -0.98 12.90
N CYS H 78 -45.86 -1.25 11.67
CA CYS H 78 -47.19 -1.72 11.44
C CYS H 78 -47.37 -3.06 12.14
N GLU H 79 -48.37 -3.13 13.02
CA GLU H 79 -48.68 -4.33 13.78
C GLU H 79 -48.98 -5.47 12.82
N LYS H 80 -49.54 -5.14 11.66
CA LYS H 80 -50.01 -6.14 10.74
C LYS H 80 -49.04 -6.58 9.65
N CYS H 81 -48.30 -5.66 9.04
CA CYS H 81 -47.45 -6.08 7.94
C CYS H 81 -45.99 -5.97 8.24
N GLY H 82 -45.66 -5.30 9.34
CA GLY H 82 -44.30 -5.18 9.83
C GLY H 82 -43.49 -4.04 9.24
N LYS H 83 -44.08 -3.24 8.36
CA LYS H 83 -43.31 -2.13 7.77
C LYS H 83 -43.00 -1.06 8.78
N PRO H 84 -41.78 -0.54 8.76
CA PRO H 84 -41.52 0.61 9.54
C PRO H 84 -42.05 1.87 8.80
N LEU H 85 -42.81 2.68 9.53
CA LEU H 85 -43.56 3.81 8.99
C LEU H 85 -43.13 5.05 9.68
N ALA H 86 -42.71 6.05 8.92
CA ALA H 86 -42.45 7.36 9.48
C ALA H 86 -43.73 7.87 10.09
N LEU H 87 -43.63 8.69 11.13
CA LEU H 87 -44.83 9.20 11.83
C LEU H 87 -45.86 9.66 10.85
N THR H 88 -45.36 10.51 9.93
CA THR H 88 -46.20 11.27 9.01
C THR H 88 -46.73 10.39 7.92
N ALA H 89 -46.37 9.11 7.87
CA ALA H 89 -46.96 8.21 6.87
C ALA H 89 -47.83 7.13 7.51
N ILE H 90 -47.99 7.18 8.84
CA ILE H 90 -48.79 6.16 9.55
C ILE H 90 -50.28 6.21 9.14
N VAL H 91 -50.90 7.38 9.20
CA VAL H 91 -52.33 7.50 8.93
C VAL H 91 -52.65 7.07 7.50
N ASP H 92 -51.83 7.50 6.53
CA ASP H 92 -52.02 7.10 5.12
C ASP H 92 -51.92 5.57 4.98
N HIS H 93 -51.00 4.95 5.70
CA HIS H 93 -50.82 3.49 5.58
C HIS H 93 -52.03 2.74 6.10
N LEU H 94 -52.61 3.21 7.21
CA LEU H 94 -53.77 2.53 7.81
C LEU H 94 -55.08 2.76 7.06
N GLU H 95 -55.19 3.84 6.28
CA GLU H 95 -56.45 4.25 5.67
C GLU H 95 -56.51 4.10 4.16
N ASN H 96 -55.49 3.55 3.53
CA ASN H 96 -55.36 3.69 2.05
C ASN H 96 -54.87 2.43 1.30
ZN ZN I . 15.60 6.65 8.61
ZN ZN J . 3.81 -11.33 9.37
ZN ZN K . 12.99 -5.41 17.94
ZN ZN L . 53.97 -11.83 -10.43
ZN ZN M . 46.76 -24.18 -11.75
ZN ZN N . 34.40 -55.56 -29.46
ZN ZN O . 60.93 2.25 -26.49
ZN ZN P . 48.86 1.43 -1.28
ZN ZN Q . -44.22 15.10 36.92
ZN ZN R . -35.37 34.57 34.08
ZN ZN S . -48.32 29.68 33.08
ZN ZN T . -40.49 -0.41 -6.75
ZN ZN U . -33.61 11.60 -10.48
ZN ZN V . -30.77 -22.11 -7.35
ZN ZN W . -49.14 -2.55 7.22
#